data_3LEL
#
_entry.id   3LEL
#
_cell.length_a   106.747
_cell.length_b   178.508
_cell.length_c   110.412
_cell.angle_alpha   90.00
_cell.angle_beta   102.78
_cell.angle_gamma   90.00
#
_symmetry.space_group_name_H-M   'P 1 21 1'
#
loop_
_entity.id
_entity.type
_entity.pdbx_description
1 polymer 'Histone H3.2'
2 polymer 'Histone H4'
3 polymer 'Histone H2A'
4 polymer 'Histone H2B 1.1'
5 polymer '147-MER DNA'
6 polymer '147-MER DNA'
7 non-polymer 'MANGANESE (II) ION'
#
loop_
_entity_poly.entity_id
_entity_poly.type
_entity_poly.pdbx_seq_one_letter_code
_entity_poly.pdbx_strand_id
1 'polypeptide(L)'
;MARTKQTARKSTGGKAPRKQLATKAARKSAPATGGVKKPHRYRPGTVALREIRRYQKSTELLIRKLPFQRLVREIAQDFK
TDLRFQSSAVMALQEASEAYLVALFEDTNLCAIHAKRVTIMPKDIQLARRIRGERA
;
A,E,K,O
2 'polypeptide(L)'
;SGRGKGGKGLGKGGAKRHRKVLRDNIQGITKPAIRRLARRGGVKRISGLIYEETRGVLKVFLENVIRDAVTYTEHAKRKT
VTAMDVVYALKRQGRTLYGFGG
;
B,F,L,P
3 'polypeptide(L)'
;SGRGKQGGKTRAKAKTRSSRAGLQFPVGRVHRLLRKGNYAERVGAGAPVYLAAVLEYLTAEILELAGNAARDNKKTRIIP
RHLQLAVRNDEELNKLLGRVTIAQGGVLPNIQSVLLPKKTESSKSKSK
;
C,G,M,Q
4 'polypeptide(L)'
;PEPAKSAPAPKKGSKKAVTKTQKKDGKKRRKTRKESYAIYVYKVLKQVHPDTGISSKAMSIMNSFVNDVFERIAGEASRL
AHYNKRSTITSREIQTAVRLLLPGELAKHAVSEGTKAVTKYTSAK
;
D,H,N,R
5 'polydeoxyribonucleotide'
;(DA)(DT)(DC)(DA)(DA)(DT)(DA)(DT)(DC)(DC)(DA)(DC)(DC)(DT)(DG)(DC)(DA)(DG)(DA)(DT)
(DA)(DC)(DT)(DA)(DC)(DC)(DA)(DA)(DA)(DA)(DG)(DT)(DG)(DT)(DA)(DT)(DT)(DT)(DG)(DG)
(DA)(DA)(DA)(DC)(DT)(DG)(DC)(DT)(DC)(DC)(DA)(DT)(DC)(DA)(DA)(DA)(DT)(DT)(DA)(DA)
(DA)(DT)(DG)(DT)(DT)(DC)(DT)(DT)(DA)(DA)(DA)(DG)(DG)(DA)(DC)(DC)(DT)(DT)(DT)(DA)
(DA)(DG)(DA)(DA)(DC)(DA)(DT)(DT)(DT)(DA)(DA)(DT)(DT)(DT)(DG)(DA)(DT)(DG)(DG)(DA)
(DG)(DC)(DA)(DG)(DT)(DT)(DT)(DC)(DC)(DA)(DA)(DA)(DT)(DA)(DC)(DA)(DC)(DT)(DT)(DT)
(DT)(DG)(DG)(DT)(DA)(DG)(DT)(DA)(DT)(DC)(DT)(DG)(DC)(DA)(DG)(DG)(DT)(DG)(DG)(DA)
(DT)(DA)(DT)(DT)(DG)(DA)(DT)
;
I,S
6 'polydeoxyribonucleotide'
;(DA)(DT)(DC)(DA)(DA)(DT)(DA)(DT)(DC)(DC)(DA)(DC)(DC)(DT)(DG)(DC)(DA)(DG)(DA)(DT)
(DA)(DC)(DT)(DA)(DC)(DC)(DA)(DA)(DA)(DA)(DG)(DT)(DG)(DT)(DA)(DT)(DT)(DT)(DG)(DG)
(DA)(DA)(DA)(DC)(DT)(DG)(DC)(DT)(DC)(DC)(DA)(DT)(DC)(DA)(DA)(DA)(DT)(DT)(DA)(DA)
(DA)(DT)(DG)(DT)(DT)(DC)(DT)(DT)(DA)(DA)(DA)(DG)(DG)(DT)(DC)(DC)(DT)(DT)(DT)(DA)
(DA)(DG)(DA)(DA)(DC)(DA)(DT)(DT)(DT)(DA)(DA)(DT)(DT)(DT)(DG)(DA)(DT)(DG)(DG)(DA)
(DG)(DC)(DA)(DG)(DT)(DT)(DT)(DC)(DC)(DA)(DA)(DA)(DT)(DA)(DC)(DA)(DC)(DT)(DT)(DT)
(DT)(DG)(DG)(DT)(DA)(DG)(DT)(DA)(DT)(DC)(DT)(DG)(DC)(DA)(DG)(DG)(DT)(DG)(DG)(DA)
(DT)(DA)(DT)(DT)(DG)(DA)(DT)
;
J,T
#
loop_
_chem_comp.id
_chem_comp.type
_chem_comp.name
_chem_comp.formula
DA DNA linking 2'-DEOXYADENOSINE-5'-MONOPHOSPHATE 'C10 H14 N5 O6 P'
DC DNA linking 2'-DEOXYCYTIDINE-5'-MONOPHOSPHATE 'C9 H14 N3 O7 P'
DG DNA linking 2'-DEOXYGUANOSINE-5'-MONOPHOSPHATE 'C10 H14 N5 O7 P'
DT DNA linking THYMIDINE-5'-MONOPHOSPHATE 'C10 H15 N2 O8 P'
MN non-polymer 'MANGANESE (II) ION' 'Mn 2'
#
# COMPACT_ATOMS: atom_id res chain seq x y z
N PRO A 39 25.54 -1.30 56.86
CA PRO A 39 26.25 -0.81 55.66
C PRO A 39 25.61 -1.29 54.34
N HIS A 40 25.27 -0.33 53.47
CA HIS A 40 24.57 -0.61 52.22
C HIS A 40 25.42 -0.33 50.98
N ARG A 41 25.30 -1.20 49.98
CA ARG A 41 25.94 -1.01 48.66
C ARG A 41 25.05 -1.51 47.52
N TYR A 42 24.79 -0.62 46.55
CA TYR A 42 24.03 -0.93 45.34
C TYR A 42 24.92 -1.48 44.22
N ARG A 43 24.33 -2.24 43.29
CA ARG A 43 25.06 -2.80 42.15
C ARG A 43 25.57 -1.69 41.21
N PRO A 44 26.80 -1.85 40.68
CA PRO A 44 27.31 -0.85 39.76
C PRO A 44 26.43 -0.77 38.52
N GLY A 45 25.66 0.30 38.42
CA GLY A 45 24.78 0.50 37.28
C GLY A 45 23.33 0.73 37.63
N THR A 46 22.97 0.55 38.90
CA THR A 46 21.57 0.65 39.29
C THR A 46 21.14 2.07 39.56
N VAL A 47 22.05 2.90 40.06
CA VAL A 47 21.75 4.33 40.26
C VAL A 47 21.64 4.98 38.88
N ALA A 48 22.54 4.57 37.99
CA ALA A 48 22.53 4.99 36.58
C ALA A 48 21.12 4.90 36.00
N LEU A 49 20.54 3.70 36.05
CA LEU A 49 19.18 3.43 35.57
C LEU A 49 18.13 4.28 36.30
N ARG A 50 18.36 4.54 37.58
CA ARG A 50 17.49 5.40 38.37
C ARG A 50 17.55 6.82 37.81
N GLU A 51 18.77 7.26 37.51
CA GLU A 51 19.05 8.61 36.99
C GLU A 51 18.55 8.80 35.56
N ILE A 52 18.66 7.75 34.75
CA ILE A 52 18.11 7.77 33.40
C ILE A 52 16.59 8.01 33.47
N ARG A 53 15.85 7.08 34.09
CA ARG A 53 14.39 7.18 34.28
C ARG A 53 13.99 8.50 34.92
N ARG A 54 14.83 8.96 35.83
CA ARG A 54 14.62 10.22 36.50
C ARG A 54 14.67 11.39 35.54
N TYR A 55 15.77 11.49 34.78
CA TYR A 55 15.96 12.63 33.89
C TYR A 55 15.08 12.62 32.64
N GLN A 56 14.76 11.43 32.15
CA GLN A 56 13.88 11.26 30.99
C GLN A 56 12.45 11.64 31.35
N LYS A 57 12.09 11.44 32.62
CA LYS A 57 10.79 11.86 33.16
C LYS A 57 10.67 13.39 33.21
N SER A 58 11.76 14.04 33.61
CA SER A 58 11.83 15.49 33.83
C SER A 58 12.31 16.31 32.60
N THR A 59 12.22 17.64 32.70
CA THR A 59 12.55 18.53 31.58
C THR A 59 13.43 19.73 31.93
N GLU A 60 13.78 19.89 33.21
CA GLU A 60 14.64 20.99 33.63
C GLU A 60 16.03 20.94 32.95
N LEU A 61 16.59 22.11 32.66
CA LEU A 61 17.94 22.20 32.09
C LEU A 61 18.93 21.73 33.13
N LEU A 62 19.80 20.83 32.72
CA LEU A 62 20.64 20.11 33.64
C LEU A 62 21.99 20.78 33.91
N ILE A 63 22.39 21.71 33.04
CA ILE A 63 23.57 22.52 33.29
C ILE A 63 23.19 23.65 34.24
N ARG A 64 24.08 24.03 35.15
CA ARG A 64 23.82 25.18 36.00
C ARG A 64 23.87 26.49 35.21
N LYS A 65 22.81 27.28 35.35
CA LYS A 65 22.60 28.50 34.56
C LYS A 65 23.84 29.38 34.39
N LEU A 66 24.48 29.75 35.50
CA LEU A 66 25.57 30.72 35.45
C LEU A 66 26.74 30.31 34.56
N PRO A 67 27.40 29.16 34.84
CA PRO A 67 28.59 28.83 34.08
C PRO A 67 28.29 28.96 32.60
N PHE A 68 27.21 28.33 32.19
CA PHE A 68 26.80 28.37 30.81
C PHE A 68 26.75 29.80 30.31
N GLN A 69 26.18 30.70 31.12
CA GLN A 69 26.07 32.12 30.77
C GLN A 69 27.45 32.76 30.53
N ARG A 70 28.46 32.29 31.26
CA ARG A 70 29.80 32.82 31.09
C ARG A 70 30.41 32.36 29.77
N LEU A 71 30.10 31.14 29.37
CA LEU A 71 30.67 30.52 28.16
C LEU A 71 30.15 31.21 26.92
N VAL A 72 28.86 31.56 26.95
CA VAL A 72 28.21 32.26 25.86
C VAL A 72 28.91 33.60 25.62
N ARG A 73 29.16 34.34 26.70
CA ARG A 73 29.79 35.66 26.64
C ARG A 73 31.21 35.56 26.11
N GLU A 74 31.95 34.59 26.66
CA GLU A 74 33.34 34.35 26.34
C GLU A 74 33.51 34.08 24.86
N ILE A 75 32.62 33.23 24.34
CA ILE A 75 32.62 32.85 22.94
C ILE A 75 32.16 34.04 22.10
N ALA A 76 31.02 34.63 22.46
CA ALA A 76 30.48 35.77 21.73
C ALA A 76 31.47 36.93 21.66
N GLN A 77 32.35 37.01 22.65
CA GLN A 77 33.36 38.05 22.72
C GLN A 77 34.28 38.03 21.50
N ASP A 78 34.52 36.84 20.95
CA ASP A 78 35.41 36.70 19.80
C ASP A 78 34.84 37.19 18.49
N PHE A 79 33.56 37.49 18.46
CA PHE A 79 32.94 37.88 17.21
C PHE A 79 32.63 39.35 17.23
N LYS A 80 32.28 39.85 18.41
CA LYS A 80 32.10 41.27 18.65
C LYS A 80 32.19 41.51 20.15
N THR A 81 33.03 42.47 20.52
CA THR A 81 33.32 42.73 21.92
C THR A 81 32.22 43.57 22.51
N ASP A 82 32.03 43.47 23.83
CA ASP A 82 31.05 44.30 24.54
C ASP A 82 29.64 44.15 23.96
N LEU A 83 29.20 42.90 23.91
CA LEU A 83 27.85 42.59 23.53
C LEU A 83 27.02 42.34 24.79
N ARG A 84 25.82 42.94 24.82
CA ARG A 84 24.83 42.59 25.83
C ARG A 84 23.87 41.47 25.34
N PHE A 85 23.41 40.65 26.28
CA PHE A 85 22.54 39.52 25.96
C PHE A 85 21.19 39.63 26.64
N GLN A 86 20.13 39.62 25.85
CA GLN A 86 18.81 39.38 26.43
C GLN A 86 18.85 38.07 27.21
N SER A 87 18.23 38.08 28.39
CA SER A 87 18.20 36.89 29.24
C SER A 87 17.51 35.76 28.50
N SER A 88 16.44 36.09 27.78
CA SER A 88 15.72 35.14 26.93
C SER A 88 16.61 34.53 25.86
N ALA A 89 17.48 35.37 25.30
CA ALA A 89 18.41 34.99 24.23
C ALA A 89 19.54 34.08 24.70
N VAL A 90 19.95 34.21 25.95
CA VAL A 90 20.93 33.26 26.50
C VAL A 90 20.20 31.96 26.80
N MET A 91 18.94 32.08 27.22
CA MET A 91 18.10 30.94 27.58
C MET A 91 17.76 30.11 26.36
N ALA A 92 17.36 30.78 25.28
CA ALA A 92 17.15 30.10 24.02
C ALA A 92 18.37 29.25 23.71
N LEU A 93 19.55 29.87 23.72
CA LEU A 93 20.79 29.18 23.44
C LEU A 93 21.06 27.96 24.34
N GLN A 94 20.66 28.02 25.61
CA GLN A 94 20.90 26.89 26.51
C GLN A 94 19.94 25.76 26.20
N GLU A 95 18.67 26.11 26.02
CA GLU A 95 17.64 25.16 25.68
C GLU A 95 18.04 24.27 24.49
N ALA A 96 18.81 24.85 23.58
CA ALA A 96 19.11 24.22 22.30
C ALA A 96 20.41 23.46 22.40
N SER A 97 21.37 24.05 23.10
CA SER A 97 22.62 23.36 23.41
C SER A 97 22.30 22.02 24.05
N GLU A 98 21.27 22.04 24.88
CA GLU A 98 20.89 20.92 25.70
C GLU A 98 20.14 19.86 24.91
N ALA A 99 19.19 20.30 24.11
CA ALA A 99 18.59 19.42 23.14
C ALA A 99 19.73 18.69 22.41
N TYR A 100 20.56 19.48 21.73
CA TYR A 100 21.65 18.97 20.90
C TYR A 100 22.41 17.82 21.57
N LEU A 101 22.89 18.05 22.78
CA LEU A 101 23.78 17.09 23.40
C LEU A 101 23.06 15.83 23.81
N VAL A 102 21.88 15.97 24.41
CA VAL A 102 21.04 14.81 24.73
C VAL A 102 20.81 13.96 23.46
N ALA A 103 20.14 14.55 22.47
CA ALA A 103 19.98 13.95 21.15
C ALA A 103 21.28 13.27 20.67
N LEU A 104 22.41 13.95 20.84
CA LEU A 104 23.68 13.39 20.41
C LEU A 104 24.08 12.18 21.26
N PHE A 105 23.78 12.24 22.55
CA PHE A 105 24.03 11.10 23.42
C PHE A 105 23.15 9.89 23.07
N GLU A 106 21.93 10.12 22.61
CA GLU A 106 21.16 9.00 22.08
C GLU A 106 21.97 8.31 20.96
N ASP A 107 22.39 9.10 19.96
CA ASP A 107 23.12 8.57 18.80
C ASP A 107 24.48 8.02 19.19
N THR A 108 25.13 8.65 20.17
CA THR A 108 26.40 8.17 20.70
C THR A 108 26.21 6.79 21.35
N ASN A 109 25.08 6.66 22.05
CA ASN A 109 24.71 5.42 22.73
C ASN A 109 24.56 4.25 21.75
N LEU A 110 23.73 4.45 20.71
CA LEU A 110 23.52 3.46 19.67
C LEU A 110 24.84 3.06 18.99
N CYS A 111 25.84 3.92 19.08
CA CYS A 111 27.16 3.62 18.52
C CYS A 111 27.99 2.68 19.37
N ALA A 112 28.01 2.95 20.67
CA ALA A 112 28.72 2.11 21.63
C ALA A 112 28.04 0.75 21.68
N ILE A 113 26.71 0.75 21.71
CA ILE A 113 25.95 -0.50 21.71
C ILE A 113 26.32 -1.35 20.49
N HIS A 114 26.42 -0.69 19.35
CA HIS A 114 26.80 -1.34 18.08
C HIS A 114 28.16 -2.06 18.16
N ALA A 115 29.10 -1.49 18.89
CA ALA A 115 30.42 -2.08 19.06
C ALA A 115 30.41 -3.18 20.13
N LYS A 116 29.22 -3.74 20.36
CA LYS A 116 28.96 -4.69 21.45
C LYS A 116 29.52 -4.16 22.78
N ARG A 117 29.21 -2.90 23.11
CA ARG A 117 29.68 -2.29 24.37
C ARG A 117 28.54 -1.62 25.13
N VAL A 118 28.80 -1.18 26.36
CA VAL A 118 27.83 -0.40 27.14
C VAL A 118 28.46 0.87 27.70
N THR A 119 29.61 1.22 27.14
CA THR A 119 30.35 2.41 27.55
C THR A 119 30.56 3.35 26.38
N ILE A 120 29.93 4.52 26.45
CA ILE A 120 30.13 5.50 25.41
C ILE A 120 31.58 5.98 25.49
N MET A 121 32.21 6.07 24.34
CA MET A 121 33.61 6.44 24.25
C MET A 121 33.78 7.43 23.13
N PRO A 122 34.85 8.25 23.17
CA PRO A 122 35.03 9.26 22.13
C PRO A 122 34.75 8.70 20.73
N LYS A 123 35.36 7.57 20.39
CA LYS A 123 35.20 7.05 19.04
C LYS A 123 33.73 6.94 18.63
N ASP A 124 32.86 6.63 19.59
CA ASP A 124 31.41 6.64 19.36
C ASP A 124 30.89 8.03 18.98
N ILE A 125 31.33 9.06 19.71
CA ILE A 125 30.93 10.45 19.44
C ILE A 125 31.43 10.91 18.09
N GLN A 126 32.68 10.56 17.79
CA GLN A 126 33.32 10.94 16.54
C GLN A 126 32.59 10.26 15.38
N LEU A 127 32.27 8.97 15.56
CA LEU A 127 31.50 8.24 14.55
C LEU A 127 30.11 8.79 14.32
N ALA A 128 29.36 9.05 15.40
CA ALA A 128 28.02 9.65 15.27
C ALA A 128 28.04 11.01 14.55
N ARG A 129 29.07 11.80 14.82
CA ARG A 129 29.19 13.10 14.20
C ARG A 129 29.65 13.01 12.76
N ARG A 130 30.56 12.08 12.46
CA ARG A 130 30.95 11.85 11.08
C ARG A 130 29.72 11.58 10.22
N ILE A 131 28.88 10.66 10.68
CA ILE A 131 27.70 10.24 9.92
C ILE A 131 26.59 11.28 9.89
N ARG A 132 26.58 12.20 10.85
CA ARG A 132 25.57 13.26 10.86
C ARG A 132 25.88 14.32 9.81
N GLY A 133 27.15 14.47 9.47
CA GLY A 133 27.57 15.50 8.53
C GLY A 133 28.42 16.60 9.15
N GLU A 134 28.43 16.71 10.47
CA GLU A 134 29.32 17.64 11.17
C GLU A 134 30.68 16.96 11.13
N ARG A 135 31.57 17.43 10.26
CA ARG A 135 32.76 16.67 9.82
C ARG A 135 32.42 15.78 8.60
N ALA A 136 33.36 15.71 7.65
CA ALA A 136 33.16 15.10 6.30
C ALA A 136 32.27 15.91 5.32
N ASP B 24 40.16 27.78 32.48
CA ASP B 24 38.80 27.98 33.04
C ASP B 24 37.71 28.11 31.96
N ASN B 25 36.52 28.47 32.40
CA ASN B 25 35.33 28.72 31.56
C ASN B 25 34.67 27.49 30.96
N ILE B 26 35.30 26.91 29.94
CA ILE B 26 34.81 25.67 29.32
C ILE B 26 34.84 24.56 30.36
N GLN B 27 35.77 24.66 31.29
CA GLN B 27 35.82 23.75 32.43
C GLN B 27 34.63 23.99 33.36
N GLY B 28 34.01 25.16 33.23
CA GLY B 28 32.83 25.51 34.02
C GLY B 28 31.68 24.55 33.78
N ILE B 29 31.77 23.80 32.68
CA ILE B 29 30.78 22.78 32.35
C ILE B 29 31.17 21.46 32.99
N THR B 30 30.52 21.21 34.13
CA THR B 30 30.97 20.24 35.10
C THR B 30 30.73 18.80 34.68
N LYS B 31 31.73 17.96 34.95
CA LYS B 31 31.64 16.52 34.73
C LYS B 31 30.27 15.91 35.11
N PRO B 32 29.73 16.23 36.30
CA PRO B 32 28.37 15.77 36.58
C PRO B 32 27.30 16.29 35.63
N ALA B 33 27.43 17.52 35.13
CA ALA B 33 26.41 18.10 34.25
C ALA B 33 26.36 17.33 32.94
N ILE B 34 27.54 16.96 32.44
CA ILE B 34 27.64 16.14 31.25
C ILE B 34 26.99 14.77 31.49
N ARG B 35 27.19 14.21 32.69
CA ARG B 35 26.54 12.96 33.11
C ARG B 35 25.01 13.05 33.09
N ARG B 36 24.48 14.14 33.65
CA ARG B 36 23.04 14.40 33.59
C ARG B 36 22.47 14.36 32.19
N LEU B 37 23.26 14.81 31.22
CA LEU B 37 22.81 14.84 29.83
C LEU B 37 22.91 13.47 29.19
N ALA B 38 23.95 12.71 29.53
CA ALA B 38 24.10 11.34 29.05
C ALA B 38 22.97 10.46 29.57
N ARG B 39 22.65 10.65 30.85
CA ARG B 39 21.49 10.01 31.48
C ARG B 39 20.23 10.36 30.71
N ARG B 40 19.88 11.65 30.64
CA ARG B 40 18.69 12.02 29.91
C ARG B 40 18.67 11.38 28.52
N GLY B 41 19.81 11.39 27.83
CA GLY B 41 19.97 10.69 26.56
C GLY B 41 20.07 9.16 26.60
N GLY B 42 19.92 8.57 27.79
CA GLY B 42 19.82 7.11 27.91
C GLY B 42 21.13 6.34 28.01
N VAL B 43 22.21 7.03 28.32
CA VAL B 43 23.51 6.41 28.44
C VAL B 43 23.66 5.91 29.85
N LYS B 44 24.19 4.69 30.00
CA LYS B 44 24.33 4.05 31.30
C LYS B 44 25.73 4.16 31.89
N ARG B 45 26.73 3.82 31.08
CA ARG B 45 28.13 3.78 31.56
C ARG B 45 29.07 4.64 30.68
N ILE B 46 29.82 5.54 31.31
CA ILE B 46 30.51 6.60 30.58
C ILE B 46 32.03 6.57 30.76
N SER B 47 32.75 6.62 29.65
CA SER B 47 34.21 6.64 29.67
C SER B 47 34.72 7.93 30.30
N GLY B 48 35.92 7.87 30.85
CA GLY B 48 36.55 9.04 31.43
C GLY B 48 36.78 10.13 30.41
N LEU B 49 37.13 9.74 29.18
CA LEU B 49 37.52 10.68 28.15
C LEU B 49 36.36 11.48 27.54
N ILE B 50 35.12 11.05 27.81
CA ILE B 50 33.94 11.67 27.22
C ILE B 50 33.79 13.16 27.57
N TYR B 51 34.25 13.56 28.74
CA TYR B 51 33.99 14.91 29.24
C TYR B 51 34.75 15.96 28.45
N GLU B 52 36.04 15.75 28.24
CA GLU B 52 36.78 16.69 27.41
C GLU B 52 36.22 16.65 25.99
N GLU B 53 35.94 15.46 25.47
CA GLU B 53 35.37 15.36 24.14
C GLU B 53 34.03 16.12 24.00
N THR B 54 33.18 16.05 25.03
CA THR B 54 31.89 16.76 25.03
C THR B 54 32.10 18.26 25.10
N ARG B 55 33.01 18.67 26.00
CA ARG B 55 33.42 20.07 26.08
C ARG B 55 33.87 20.61 24.71
N GLY B 56 34.63 19.80 23.97
CA GLY B 56 34.98 20.10 22.58
C GLY B 56 33.72 20.35 21.77
N VAL B 57 32.90 19.32 21.64
CA VAL B 57 31.66 19.32 20.85
C VAL B 57 30.75 20.55 21.05
N LEU B 58 30.48 20.89 22.31
CA LEU B 58 29.55 21.99 22.63
C LEU B 58 30.12 23.33 22.21
N LYS B 59 31.41 23.56 22.46
CA LYS B 59 32.04 24.79 22.06
C LYS B 59 31.86 24.97 20.56
N VAL B 60 32.13 23.91 19.79
CA VAL B 60 31.91 23.93 18.34
C VAL B 60 30.46 24.28 17.99
N PHE B 61 29.52 23.68 18.72
CA PHE B 61 28.11 23.97 18.55
C PHE B 61 27.81 25.45 18.86
N LEU B 62 28.37 25.94 19.96
CA LEU B 62 28.16 27.32 20.35
C LEU B 62 28.82 28.34 19.41
N GLU B 63 30.07 28.10 19.04
CA GLU B 63 30.73 28.96 18.07
C GLU B 63 29.90 29.15 16.79
N ASN B 64 29.37 28.05 16.25
CA ASN B 64 28.63 28.07 14.99
C ASN B 64 27.35 28.89 15.07
N VAL B 65 26.61 28.70 16.16
CA VAL B 65 25.34 29.36 16.35
C VAL B 65 25.56 30.83 16.73
N ILE B 66 26.45 31.08 17.69
CA ILE B 66 26.73 32.45 18.11
C ILE B 66 27.31 33.34 16.99
N ARG B 67 28.16 32.78 16.14
CA ARG B 67 28.69 33.53 14.98
C ARG B 67 27.54 34.09 14.14
N ASP B 68 26.53 33.25 13.89
CA ASP B 68 25.34 33.62 13.10
C ASP B 68 24.45 34.57 13.89
N ALA B 69 24.33 34.26 15.19
CA ALA B 69 23.53 35.08 16.09
C ALA B 69 24.04 36.51 16.01
N VAL B 70 25.36 36.64 16.19
CA VAL B 70 26.01 37.95 16.24
C VAL B 70 25.96 38.66 14.91
N THR B 71 26.11 37.91 13.81
CA THR B 71 25.94 38.48 12.47
C THR B 71 24.58 39.20 12.38
N TYR B 72 23.49 38.52 12.74
CA TYR B 72 22.17 39.13 12.79
C TYR B 72 22.18 40.33 13.74
N THR B 73 22.79 40.16 14.92
CA THR B 73 22.93 41.27 15.86
C THR B 73 23.67 42.45 15.23
N GLU B 74 24.75 42.19 14.50
CA GLU B 74 25.55 43.24 13.89
C GLU B 74 24.74 43.91 12.80
N HIS B 75 24.14 43.09 11.94
CA HIS B 75 23.45 43.61 10.77
C HIS B 75 22.31 44.55 11.12
N ALA B 76 21.67 44.27 12.25
CA ALA B 76 20.61 45.13 12.73
C ALA B 76 21.21 46.15 13.69
N LYS B 77 22.47 46.50 13.44
CA LYS B 77 23.19 47.57 14.16
C LYS B 77 22.91 47.63 15.66
N ARG B 78 22.58 46.49 16.26
CA ARG B 78 22.35 46.43 17.68
C ARG B 78 23.64 46.06 18.41
N LYS B 79 23.69 46.35 19.71
CA LYS B 79 24.80 45.91 20.56
C LYS B 79 24.32 44.81 21.50
N THR B 80 23.05 44.49 21.39
CA THR B 80 22.44 43.41 22.16
C THR B 80 22.02 42.23 21.26
N VAL B 81 22.56 41.05 21.56
CA VAL B 81 22.09 39.83 20.90
C VAL B 81 20.73 39.50 21.48
N THR B 82 19.68 39.76 20.72
CA THR B 82 18.33 39.41 21.14
C THR B 82 18.05 37.94 20.90
N ALA B 83 16.86 37.49 21.31
CA ALA B 83 16.48 36.09 21.17
C ALA B 83 16.10 35.73 19.73
N MET B 84 15.41 36.63 19.02
CA MET B 84 15.16 36.42 17.60
C MET B 84 16.45 36.10 16.84
N ASP B 85 17.50 36.90 17.06
CA ASP B 85 18.84 36.61 16.52
C ASP B 85 19.22 35.15 16.75
N VAL B 86 19.26 34.74 18.01
CA VAL B 86 19.57 33.35 18.34
C VAL B 86 18.62 32.40 17.60
N VAL B 87 17.32 32.64 17.69
CA VAL B 87 16.30 31.85 17.00
C VAL B 87 16.61 31.61 15.51
N TYR B 88 16.89 32.70 14.80
CA TYR B 88 17.15 32.63 13.36
C TYR B 88 18.47 31.91 13.07
N ALA B 89 19.46 32.12 13.93
CA ALA B 89 20.72 31.40 13.83
C ALA B 89 20.43 29.89 13.87
N LEU B 90 19.69 29.47 14.88
CA LEU B 90 19.32 28.06 15.03
C LEU B 90 18.49 27.51 13.87
N LYS B 91 17.62 28.36 13.30
CA LYS B 91 16.79 27.95 12.17
C LYS B 91 17.61 27.66 10.92
N ARG B 92 18.56 28.53 10.59
CA ARG B 92 19.45 28.28 9.45
C ARG B 92 20.57 27.27 9.73
N GLN B 93 20.76 26.91 11.00
CA GLN B 93 21.66 25.82 11.34
C GLN B 93 20.91 24.50 11.21
N GLY B 94 19.63 24.58 10.90
CA GLY B 94 18.77 23.40 10.75
C GLY B 94 18.29 22.86 12.09
N ARG B 95 18.46 23.65 13.14
CA ARG B 95 18.15 23.19 14.47
C ARG B 95 17.00 24.00 15.11
N THR B 96 15.92 24.17 14.35
CA THR B 96 14.82 25.07 14.68
C THR B 96 14.36 24.96 16.13
N LEU B 97 14.05 26.12 16.73
CA LEU B 97 13.59 26.20 18.12
C LEU B 97 12.29 27.01 18.33
N TYR B 98 11.30 26.39 18.98
CA TYR B 98 10.02 27.00 19.30
C TYR B 98 10.01 27.47 20.75
N GLY B 99 9.25 28.53 21.02
CA GLY B 99 8.98 28.92 22.40
C GLY B 99 9.88 30.03 22.93
N PHE B 100 10.46 30.78 22.01
CA PHE B 100 11.17 32.03 22.29
C PHE B 100 10.88 32.92 21.11
N GLY B 101 10.51 32.30 20.00
CA GLY B 101 10.51 32.93 18.68
C GLY B 101 9.37 33.89 18.38
N GLY B 102 8.85 34.51 19.44
CA GLY B 102 7.73 35.46 19.35
C GLY B 102 7.75 36.52 20.46
N LYS C 15 27.95 51.85 -22.86
CA LYS C 15 28.62 51.30 -21.65
C LYS C 15 27.62 50.56 -20.75
N THR C 16 27.98 49.33 -20.36
CA THR C 16 27.12 48.48 -19.51
C THR C 16 27.51 48.55 -18.04
N ARG C 17 26.53 48.26 -17.18
CA ARG C 17 26.71 48.32 -15.72
C ARG C 17 27.73 47.31 -15.20
N SER C 18 27.77 46.16 -15.86
CA SER C 18 28.83 45.18 -15.64
C SER C 18 30.21 45.84 -15.78
N SER C 19 30.50 46.38 -16.97
CA SER C 19 31.73 47.16 -17.21
C SER C 19 31.89 48.32 -16.22
N ARG C 20 30.80 49.06 -16.02
CA ARG C 20 30.74 50.16 -15.07
C ARG C 20 31.13 49.76 -13.63
N ALA C 21 31.05 48.46 -13.33
CA ALA C 21 31.48 47.93 -12.03
C ALA C 21 32.73 47.09 -12.18
N GLY C 22 33.17 46.91 -13.43
CA GLY C 22 34.38 46.15 -13.73
C GLY C 22 34.27 44.68 -13.41
N LEU C 23 33.28 44.04 -14.04
CA LEU C 23 32.96 42.62 -13.83
C LEU C 23 32.57 41.95 -15.15
N GLN C 24 32.94 40.68 -15.29
CA GLN C 24 32.53 39.89 -16.44
C GLN C 24 31.05 39.48 -16.36
N PHE C 25 30.63 39.10 -15.16
CA PHE C 25 29.25 38.65 -14.92
C PHE C 25 28.22 39.77 -15.15
N PRO C 26 26.94 39.39 -15.42
CA PRO C 26 26.01 40.39 -15.93
C PRO C 26 25.23 41.10 -14.85
N VAL C 27 25.68 42.29 -14.46
CA VAL C 27 24.95 43.11 -13.49
C VAL C 27 23.50 43.34 -13.90
N GLY C 28 23.27 43.52 -15.21
CA GLY C 28 21.94 43.71 -15.74
C GLY C 28 21.01 42.54 -15.47
N ARG C 29 21.51 41.33 -15.74
CA ARG C 29 20.72 40.11 -15.58
C ARG C 29 20.46 39.81 -14.12
N VAL C 30 21.52 39.93 -13.33
CA VAL C 30 21.44 39.65 -11.91
C VAL C 30 20.40 40.57 -11.24
N HIS C 31 20.33 41.82 -11.70
CA HIS C 31 19.30 42.73 -11.21
C HIS C 31 17.91 42.19 -11.51
N ARG C 32 17.74 41.75 -12.74
CA ARG C 32 16.44 41.30 -13.25
C ARG C 32 15.95 40.08 -12.47
N LEU C 33 16.82 39.08 -12.36
CA LEU C 33 16.48 37.85 -11.65
C LEU C 33 16.03 38.18 -10.23
N LEU C 34 16.77 39.06 -9.55
CA LEU C 34 16.39 39.54 -8.21
C LEU C 34 14.95 40.07 -8.14
N ARG C 35 14.55 40.82 -9.16
CA ARG C 35 13.19 41.33 -9.27
C ARG C 35 12.20 40.21 -9.58
N LYS C 36 12.59 39.28 -10.44
CA LYS C 36 11.71 38.20 -10.85
C LYS C 36 11.44 37.18 -9.72
N GLY C 37 12.32 37.12 -8.73
CA GLY C 37 12.21 36.10 -7.70
C GLY C 37 11.33 36.51 -6.55
N ASN C 38 11.10 37.81 -6.46
CA ASN C 38 10.40 38.41 -5.32
C ASN C 38 11.04 38.01 -3.99
N TYR C 39 12.31 38.39 -3.85
CA TYR C 39 13.02 38.23 -2.58
C TYR C 39 12.73 39.41 -1.63
N ALA C 40 12.32 40.54 -2.22
CA ALA C 40 11.93 41.73 -1.46
C ALA C 40 11.09 42.64 -2.34
N GLU C 41 10.34 43.54 -1.71
CA GLU C 41 9.47 44.45 -2.46
C GLU C 41 10.29 45.40 -3.33
N ARG C 42 11.37 45.92 -2.78
CA ARG C 42 12.29 46.77 -3.53
C ARG C 42 13.69 46.19 -3.56
N VAL C 43 14.42 46.43 -4.64
CA VAL C 43 15.78 45.96 -4.81
C VAL C 43 16.70 47.13 -5.13
N GLY C 44 17.53 47.49 -4.17
CA GLY C 44 18.49 48.60 -4.34
C GLY C 44 19.42 48.39 -5.51
N ALA C 45 20.20 49.40 -5.84
CA ALA C 45 21.11 49.32 -6.98
C ALA C 45 22.40 48.61 -6.62
N GLY C 46 22.75 48.65 -5.34
CA GLY C 46 23.98 47.98 -4.84
C GLY C 46 23.98 46.46 -4.94
N ALA C 47 22.80 45.87 -4.71
CA ALA C 47 22.63 44.42 -4.61
C ALA C 47 23.10 43.64 -5.84
N PRO C 48 22.57 43.93 -7.03
CA PRO C 48 23.01 43.11 -8.16
C PRO C 48 24.52 43.16 -8.39
N VAL C 49 25.15 44.26 -7.96
CA VAL C 49 26.58 44.48 -8.18
C VAL C 49 27.39 43.53 -7.32
N TYR C 50 27.15 43.58 -6.01
CA TYR C 50 27.80 42.70 -5.03
C TYR C 50 27.59 41.24 -5.40
N LEU C 51 26.34 40.88 -5.69
CA LEU C 51 25.98 39.51 -6.03
C LEU C 51 26.69 39.03 -7.29
N ALA C 52 26.73 39.82 -8.34
CA ALA C 52 27.50 39.43 -9.52
C ALA C 52 28.97 39.21 -9.14
N ALA C 53 29.51 40.15 -8.38
CA ALA C 53 30.87 40.08 -7.88
C ALA C 53 31.15 38.73 -7.22
N VAL C 54 30.44 38.47 -6.12
CA VAL C 54 30.62 37.26 -5.35
C VAL C 54 30.48 36.03 -6.23
N LEU C 55 29.50 36.02 -7.14
CA LEU C 55 29.31 34.85 -7.99
C LEU C 55 30.49 34.68 -8.95
N GLU C 56 30.97 35.79 -9.50
CA GLU C 56 32.17 35.78 -10.35
C GLU C 56 33.38 35.22 -9.61
N TYR C 57 33.66 35.75 -8.41
CA TYR C 57 34.78 35.24 -7.62
C TYR C 57 34.69 33.71 -7.38
N LEU C 58 33.54 33.26 -6.87
CA LEU C 58 33.25 31.86 -6.66
C LEU C 58 33.42 31.03 -7.94
N THR C 59 32.91 31.53 -9.07
CA THR C 59 33.17 30.88 -10.36
C THR C 59 34.66 30.73 -10.61
N ALA C 60 35.40 31.81 -10.35
CA ALA C 60 36.84 31.87 -10.55
C ALA C 60 37.59 30.91 -9.65
N GLU C 61 37.21 30.85 -8.37
CA GLU C 61 37.86 29.95 -7.42
C GLU C 61 37.78 28.49 -7.87
N ILE C 62 36.60 28.07 -8.30
CA ILE C 62 36.33 26.67 -8.61
C ILE C 62 36.92 26.23 -9.95
N LEU C 63 36.99 27.17 -10.89
CA LEU C 63 37.56 26.90 -12.22
C LEU C 63 39.06 26.86 -12.11
N GLU C 64 39.62 27.75 -11.28
CA GLU C 64 41.02 27.70 -11.00
C GLU C 64 41.38 26.28 -10.56
N LEU C 65 40.77 25.83 -9.47
CA LEU C 65 41.07 24.55 -8.87
C LEU C 65 40.90 23.36 -9.81
N ALA C 66 39.76 23.29 -10.49
CA ALA C 66 39.52 22.21 -11.44
C ALA C 66 40.49 22.33 -12.59
N GLY C 67 40.82 23.58 -12.95
CA GLY C 67 41.77 23.88 -14.00
C GLY C 67 42.97 23.02 -13.73
N ASN C 68 43.50 23.18 -12.53
CA ASN C 68 44.70 22.47 -12.13
C ASN C 68 44.50 20.97 -12.06
N ALA C 69 43.30 20.55 -11.68
CA ALA C 69 42.98 19.14 -11.61
C ALA C 69 42.99 18.50 -13.00
N ALA C 70 42.42 19.21 -13.97
CA ALA C 70 42.52 18.80 -15.38
C ALA C 70 43.97 18.53 -15.78
N ARG C 71 44.85 19.50 -15.51
CA ARG C 71 46.27 19.45 -15.86
C ARG C 71 47.04 18.33 -15.12
N ASP C 72 46.80 18.17 -13.82
CA ASP C 72 47.36 17.04 -13.09
C ASP C 72 47.11 15.72 -13.81
N ASN C 73 45.92 15.56 -14.37
CA ASN C 73 45.52 14.35 -15.09
C ASN C 73 45.77 14.44 -16.59
N LYS C 74 46.70 15.32 -16.97
CA LYS C 74 47.14 15.50 -18.37
C LYS C 74 46.02 15.82 -19.36
N LYS C 75 45.07 16.65 -18.97
CA LYS C 75 43.93 16.95 -19.85
C LYS C 75 43.63 18.45 -19.98
N THR C 76 43.29 18.90 -21.18
CA THR C 76 43.05 20.33 -21.38
C THR C 76 41.58 20.79 -21.31
N ARG C 77 40.66 19.84 -21.44
CA ARG C 77 39.24 20.14 -21.37
C ARG C 77 38.68 19.72 -20.01
N ILE C 78 38.29 20.70 -19.20
CA ILE C 78 37.73 20.41 -17.88
C ILE C 78 36.48 19.54 -18.02
N ILE C 79 36.32 18.55 -17.15
CA ILE C 79 35.10 17.72 -17.17
C ILE C 79 34.49 17.65 -15.77
N PRO C 80 33.22 17.19 -15.64
CA PRO C 80 32.63 17.15 -14.29
C PRO C 80 33.54 16.47 -13.25
N ARG C 81 34.20 15.39 -13.62
CA ARG C 81 35.16 14.76 -12.73
C ARG C 81 36.14 15.77 -12.18
N HIS C 82 36.74 16.58 -13.05
CA HIS C 82 37.71 17.58 -12.58
C HIS C 82 37.09 18.55 -11.56
N LEU C 83 35.79 18.84 -11.74
CA LEU C 83 35.07 19.70 -10.82
C LEU C 83 34.86 19.07 -9.46
N GLN C 84 34.56 17.77 -9.45
CA GLN C 84 34.47 17.01 -8.19
C GLN C 84 35.80 17.06 -7.44
N LEU C 85 36.85 16.51 -8.05
CA LEU C 85 38.20 16.55 -7.49
C LEU C 85 38.61 17.91 -6.94
N ALA C 86 38.14 18.97 -7.59
CA ALA C 86 38.43 20.32 -7.17
C ALA C 86 37.75 20.59 -5.85
N VAL C 87 36.50 20.16 -5.75
CA VAL C 87 35.64 20.63 -4.68
C VAL C 87 35.92 19.83 -3.43
N ARG C 88 35.90 18.53 -3.60
CA ARG C 88 36.05 17.63 -2.47
C ARG C 88 37.43 17.66 -1.87
N ASN C 89 38.43 18.10 -2.63
CA ASN C 89 39.77 18.30 -2.07
C ASN C 89 39.99 19.64 -1.38
N ASP C 90 38.97 20.51 -1.40
CA ASP C 90 39.08 21.84 -0.80
C ASP C 90 38.07 22.03 0.32
N GLU C 91 38.57 22.17 1.56
CA GLU C 91 37.67 22.17 2.71
C GLU C 91 36.45 23.05 2.49
N GLU C 92 36.70 24.34 2.25
CA GLU C 92 35.62 25.32 2.16
C GLU C 92 34.66 25.09 1.02
N LEU C 93 35.16 24.84 -0.18
CA LEU C 93 34.28 24.56 -1.32
C LEU C 93 33.44 23.31 -1.08
N ASN C 94 34.06 22.28 -0.50
CA ASN C 94 33.39 21.03 -0.20
C ASN C 94 32.25 21.20 0.79
N LYS C 95 32.45 22.08 1.78
CA LYS C 95 31.40 22.42 2.73
C LYS C 95 30.25 23.16 2.07
N LEU C 96 30.53 24.27 1.39
CA LEU C 96 29.48 25.01 0.71
C LEU C 96 28.64 24.10 -0.19
N LEU C 97 29.30 23.25 -0.97
CA LEU C 97 28.63 22.24 -1.77
C LEU C 97 28.43 20.96 -0.94
N GLY C 98 28.33 21.12 0.37
CA GLY C 98 28.17 19.99 1.28
C GLY C 98 27.06 19.03 0.90
N ARG C 99 25.91 19.56 0.48
CA ARG C 99 24.78 18.71 0.15
C ARG C 99 24.47 18.73 -1.33
N VAL C 100 25.49 18.96 -2.15
CA VAL C 100 25.33 19.02 -3.59
C VAL C 100 26.01 17.85 -4.28
N THR C 101 25.42 17.39 -5.39
CA THR C 101 25.91 16.26 -6.15
C THR C 101 26.36 16.65 -7.57
N ILE C 102 27.62 16.39 -7.88
CA ILE C 102 28.16 16.75 -9.19
C ILE C 102 28.00 15.57 -10.12
N ALA C 103 26.99 15.65 -10.99
CA ALA C 103 26.69 14.57 -11.92
C ALA C 103 27.96 14.03 -12.57
N GLN C 104 28.14 12.73 -12.55
CA GLN C 104 29.26 12.12 -13.27
C GLN C 104 30.61 12.48 -12.65
N GLY C 105 30.60 12.78 -11.35
CA GLY C 105 31.77 13.25 -10.64
C GLY C 105 32.62 12.19 -9.98
N GLY C 106 32.07 11.01 -9.74
CA GLY C 106 32.77 9.99 -8.98
C GLY C 106 33.04 10.41 -7.54
N VAL C 107 34.07 9.82 -6.94
CA VAL C 107 34.47 10.12 -5.55
C VAL C 107 35.98 10.30 -5.45
N LEU C 108 36.46 10.86 -4.34
CA LEU C 108 37.92 10.92 -4.14
C LEU C 108 38.42 9.51 -3.85
N PRO C 109 39.54 9.11 -4.48
CA PRO C 109 40.10 7.81 -4.17
C PRO C 109 40.44 7.82 -2.70
N ASN C 110 39.73 7.01 -1.93
CA ASN C 110 40.03 6.88 -0.51
C ASN C 110 39.59 5.55 0.08
N ILE C 111 40.60 4.81 0.56
CA ILE C 111 40.46 3.50 1.19
C ILE C 111 40.84 3.66 2.65
N GLN C 112 40.04 3.09 3.55
CA GLN C 112 40.32 3.13 4.99
C GLN C 112 41.55 2.29 5.34
N SER C 113 42.36 2.81 6.26
CA SER C 113 43.66 2.20 6.62
C SER C 113 43.50 0.74 7.05
N VAL C 114 42.61 0.53 8.01
CA VAL C 114 42.36 -0.80 8.57
C VAL C 114 41.93 -1.85 7.53
N LEU C 115 41.71 -1.41 6.29
CA LEU C 115 41.33 -2.31 5.19
C LEU C 115 42.53 -2.76 4.34
N LEU C 116 43.56 -1.92 4.26
CA LEU C 116 44.78 -2.26 3.53
C LEU C 116 45.44 -3.51 4.11
N PRO C 117 46.06 -4.33 3.24
CA PRO C 117 46.79 -5.47 3.75
C PRO C 117 48.02 -5.01 4.52
N LYS C 118 48.46 -5.85 5.46
CA LYS C 118 49.61 -5.54 6.30
C LYS C 118 50.61 -6.69 6.31
N GLY D 26 16.24 29.61 -40.70
CA GLY D 26 15.97 30.19 -39.34
C GLY D 26 14.57 29.94 -38.82
N LYS D 27 14.49 29.46 -37.58
CA LYS D 27 13.24 29.29 -36.79
C LYS D 27 12.22 28.21 -37.24
N LYS D 28 11.64 27.56 -36.23
CA LYS D 28 10.50 26.65 -36.39
C LYS D 28 9.36 27.19 -35.50
N ARG D 29 8.66 28.23 -35.99
CA ARG D 29 7.66 28.97 -35.20
C ARG D 29 8.25 29.54 -33.90
N ARG D 30 9.58 29.68 -33.86
CA ARG D 30 10.33 30.27 -32.73
C ARG D 30 10.24 29.50 -31.39
N LYS D 31 11.32 28.80 -31.04
CA LYS D 31 11.46 28.19 -29.70
C LYS D 31 12.14 29.20 -28.76
N THR D 32 11.51 29.44 -27.60
CA THR D 32 11.90 30.53 -26.70
C THR D 32 13.26 30.39 -26.04
N ARG D 33 13.83 31.54 -25.67
CA ARG D 33 15.22 31.67 -25.21
C ARG D 33 15.50 31.07 -23.82
N LYS D 34 16.43 30.11 -23.81
CA LYS D 34 16.92 29.49 -22.58
C LYS D 34 18.28 30.10 -22.27
N GLU D 35 18.34 30.96 -21.25
CA GLU D 35 19.59 31.62 -20.87
C GLU D 35 20.35 30.82 -19.82
N SER D 36 21.66 31.04 -19.76
CA SER D 36 22.53 30.48 -18.71
C SER D 36 23.79 31.33 -18.65
N TYR D 37 24.53 31.25 -17.55
CA TYR D 37 25.71 32.09 -17.37
C TYR D 37 26.90 31.61 -18.21
N ALA D 38 26.62 30.76 -19.20
CA ALA D 38 27.63 29.98 -19.93
C ALA D 38 28.80 30.79 -20.51
N ILE D 39 28.51 31.92 -21.13
CA ILE D 39 29.56 32.71 -21.76
C ILE D 39 30.48 33.38 -20.73
N TYR D 40 29.94 33.64 -19.55
CA TYR D 40 30.67 34.34 -18.49
C TYR D 40 31.55 33.35 -17.75
N VAL D 41 30.98 32.19 -17.47
CA VAL D 41 31.72 31.07 -16.92
C VAL D 41 32.95 30.83 -17.79
N TYR D 42 32.76 31.00 -19.09
CA TYR D 42 33.82 30.79 -20.04
C TYR D 42 34.88 31.91 -19.98
N LYS D 43 34.45 33.16 -20.18
CA LYS D 43 35.34 34.31 -20.04
C LYS D 43 36.24 34.23 -18.83
N VAL D 44 35.68 33.73 -17.72
CA VAL D 44 36.38 33.65 -16.46
C VAL D 44 37.34 32.47 -16.48
N LEU D 45 36.94 31.41 -17.16
CA LEU D 45 37.82 30.28 -17.38
C LEU D 45 39.08 30.71 -18.14
N LYS D 46 38.92 31.60 -19.10
CA LYS D 46 40.03 32.09 -19.90
C LYS D 46 40.86 33.09 -19.11
N GLN D 47 40.32 33.60 -17.99
CA GLN D 47 41.04 34.57 -17.19
C GLN D 47 42.00 33.86 -16.27
N VAL D 48 41.66 32.65 -15.87
CA VAL D 48 42.55 31.86 -15.02
C VAL D 48 43.36 30.83 -15.81
N HIS D 49 42.72 30.25 -16.82
CA HIS D 49 43.33 29.16 -17.56
C HIS D 49 43.13 29.34 -19.05
N PRO D 50 43.99 30.15 -19.69
CA PRO D 50 43.76 30.56 -21.06
C PRO D 50 43.94 29.43 -22.08
N ASP D 51 44.57 28.32 -21.67
CA ASP D 51 44.70 27.17 -22.56
C ASP D 51 43.84 25.98 -22.12
N THR D 52 42.74 26.24 -21.41
CA THR D 52 41.90 25.15 -20.86
C THR D 52 40.46 25.21 -21.36
N GLY D 53 39.86 24.05 -21.61
CA GLY D 53 38.50 23.95 -22.11
C GLY D 53 37.43 23.81 -21.05
N ILE D 54 36.34 23.15 -21.43
CA ILE D 54 35.21 22.85 -20.55
C ILE D 54 34.20 22.14 -21.44
N SER D 55 33.79 20.95 -21.04
CA SER D 55 32.77 20.21 -21.77
C SER D 55 31.41 20.80 -21.46
N SER D 56 30.42 20.45 -22.28
CA SER D 56 29.03 20.85 -22.05
C SER D 56 28.50 20.35 -20.69
N LYS D 57 28.85 19.10 -20.35
CA LYS D 57 28.52 18.50 -19.07
C LYS D 57 29.18 19.23 -17.91
N ALA D 58 30.44 19.61 -18.08
CA ALA D 58 31.11 20.41 -17.05
C ALA D 58 30.56 21.84 -16.97
N MET D 59 30.28 22.45 -18.12
CA MET D 59 29.59 23.76 -18.15
C MET D 59 28.19 23.75 -17.51
N SER D 60 27.44 22.68 -17.77
CA SER D 60 26.11 22.56 -17.19
C SER D 60 26.21 22.55 -15.68
N ILE D 61 27.01 21.63 -15.13
CA ILE D 61 27.32 21.59 -13.70
C ILE D 61 27.61 23.01 -13.21
N MET D 62 28.68 23.58 -13.76
CA MET D 62 29.07 24.95 -13.46
C MET D 62 27.90 25.93 -13.53
N ASN D 63 27.00 25.73 -14.48
CA ASN D 63 25.82 26.58 -14.55
C ASN D 63 24.88 26.36 -13.35
N SER D 64 24.70 25.12 -12.92
CA SER D 64 23.84 24.85 -11.75
C SER D 64 24.45 25.47 -10.51
N PHE D 65 25.77 25.43 -10.43
CA PHE D 65 26.49 26.07 -9.31
C PHE D 65 26.19 27.57 -9.17
N VAL D 66 26.03 28.29 -10.28
CA VAL D 66 25.72 29.73 -10.18
C VAL D 66 24.30 30.00 -9.74
N ASN D 67 23.35 29.25 -10.30
CA ASN D 67 21.97 29.36 -9.89
C ASN D 67 21.75 28.94 -8.43
N ASP D 68 22.40 27.83 -8.04
CA ASP D 68 22.30 27.29 -6.69
C ASP D 68 22.71 28.32 -5.68
N VAL D 69 23.78 29.05 -6.00
CA VAL D 69 24.39 29.99 -5.06
C VAL D 69 23.68 31.32 -5.16
N PHE D 70 23.23 31.68 -6.36
CA PHE D 70 22.38 32.85 -6.51
C PHE D 70 21.21 32.70 -5.54
N GLU D 71 20.37 31.67 -5.78
CA GLU D 71 19.22 31.41 -4.97
C GLU D 71 19.56 31.40 -3.49
N ARG D 72 20.53 30.60 -3.10
CA ARG D 72 20.88 30.45 -1.70
C ARG D 72 21.11 31.80 -1.05
N ILE D 73 21.84 32.67 -1.76
CA ILE D 73 22.21 33.96 -1.20
C ILE D 73 20.99 34.83 -1.16
N ALA D 74 20.31 34.93 -2.29
CA ALA D 74 19.19 35.87 -2.39
C ALA D 74 18.02 35.47 -1.49
N GLY D 75 17.97 34.21 -1.10
CA GLY D 75 16.98 33.72 -0.16
C GLY D 75 17.35 34.12 1.25
N GLU D 76 18.64 34.12 1.54
CA GLU D 76 19.15 34.52 2.84
C GLU D 76 18.96 36.02 3.01
N ALA D 77 19.15 36.74 1.90
CA ALA D 77 18.96 38.19 1.88
C ALA D 77 17.48 38.49 1.93
N SER D 78 16.68 37.61 1.32
CA SER D 78 15.24 37.74 1.36
C SER D 78 14.77 37.76 2.83
N ARG D 79 15.18 36.73 3.56
CA ARG D 79 14.79 36.57 4.95
C ARG D 79 15.35 37.67 5.82
N LEU D 80 16.53 38.16 5.46
CA LEU D 80 17.22 39.13 6.29
C LEU D 80 16.50 40.47 6.31
N ALA D 81 16.13 40.98 5.14
CA ALA D 81 15.31 42.17 5.06
C ALA D 81 14.04 42.00 5.88
N HIS D 82 13.31 40.93 5.58
CA HIS D 82 12.07 40.60 6.29
C HIS D 82 12.20 40.62 7.81
N TYR D 83 13.23 39.99 8.36
CA TYR D 83 13.45 40.01 9.81
C TYR D 83 13.54 41.42 10.37
N ASN D 84 14.13 42.33 9.58
CA ASN D 84 14.33 43.70 10.01
C ASN D 84 13.23 44.68 9.56
N LYS D 85 12.11 44.13 9.10
CA LYS D 85 11.05 44.93 8.51
C LYS D 85 11.61 45.88 7.45
N ARG D 86 12.34 45.31 6.50
CA ARG D 86 12.90 46.09 5.38
C ARG D 86 12.31 45.58 4.09
N SER D 87 11.91 46.52 3.26
CA SER D 87 11.32 46.19 1.97
C SER D 87 12.38 46.27 0.87
N THR D 88 13.62 46.52 1.25
CA THR D 88 14.70 46.65 0.26
C THR D 88 15.96 45.79 0.52
N ILE D 89 16.31 44.99 -0.48
CA ILE D 89 17.57 44.26 -0.50
C ILE D 89 18.64 45.15 -1.12
N THR D 90 19.55 45.63 -0.27
CA THR D 90 20.65 46.48 -0.72
C THR D 90 21.96 45.68 -0.67
N SER D 91 23.04 46.32 -1.12
CA SER D 91 24.36 45.72 -1.06
C SER D 91 24.67 45.18 0.34
N ARG D 92 24.01 45.73 1.35
CA ARG D 92 24.31 45.35 2.72
C ARG D 92 23.55 44.09 3.14
N GLU D 93 22.39 43.90 2.55
CA GLU D 93 21.65 42.68 2.77
C GLU D 93 22.41 41.52 2.14
N ILE D 94 22.89 41.73 0.91
CA ILE D 94 23.69 40.72 0.24
C ILE D 94 24.95 40.45 1.06
N GLN D 95 25.60 41.51 1.52
CA GLN D 95 26.87 41.34 2.25
C GLN D 95 26.72 40.43 3.45
N THR D 96 25.72 40.70 4.27
CA THR D 96 25.48 39.89 5.45
C THR D 96 25.07 38.46 5.06
N ALA D 97 24.12 38.35 4.12
CA ALA D 97 23.75 37.05 3.57
C ALA D 97 24.97 36.20 3.26
N VAL D 98 25.98 36.83 2.60
CA VAL D 98 27.21 36.15 2.18
C VAL D 98 28.00 35.60 3.37
N ARG D 99 28.09 36.41 4.41
CA ARG D 99 28.84 36.04 5.61
C ARG D 99 28.13 34.98 6.44
N LEU D 100 26.81 34.91 6.32
CA LEU D 100 26.01 33.83 6.93
C LEU D 100 26.14 32.55 6.12
N LEU D 101 26.19 32.66 4.78
CA LEU D 101 26.19 31.50 3.91
C LEU D 101 27.54 30.82 3.63
N LEU D 102 28.53 31.61 3.20
CA LEU D 102 29.82 31.06 2.84
C LEU D 102 30.64 30.77 4.09
N PRO D 103 31.58 29.79 3.99
CA PRO D 103 32.46 29.50 5.11
C PRO D 103 33.66 30.46 5.15
N GLY D 104 34.50 30.32 6.17
CA GLY D 104 35.58 31.27 6.49
C GLY D 104 36.17 32.15 5.40
N GLU D 105 37.15 31.59 4.68
CA GLU D 105 37.96 32.29 3.68
C GLU D 105 37.17 32.78 2.48
N LEU D 106 36.20 31.98 2.04
CA LEU D 106 35.38 32.38 0.91
C LEU D 106 34.59 33.64 1.25
N ALA D 107 34.02 33.63 2.46
CA ALA D 107 33.31 34.78 2.97
C ALA D 107 34.28 35.97 2.97
N LYS D 108 35.52 35.73 3.42
CA LYS D 108 36.55 36.77 3.50
C LYS D 108 36.82 37.42 2.16
N HIS D 109 37.02 36.61 1.14
CA HIS D 109 37.44 37.13 -0.15
C HIS D 109 36.27 37.67 -0.94
N ALA D 110 35.11 37.04 -0.78
CA ALA D 110 33.89 37.46 -1.47
C ALA D 110 33.45 38.85 -1.05
N VAL D 111 33.40 39.07 0.26
CA VAL D 111 33.17 40.39 0.86
C VAL D 111 34.14 41.40 0.27
N SER D 112 35.43 41.09 0.36
CA SER D 112 36.48 41.86 -0.29
C SER D 112 36.21 42.20 -1.77
N GLU D 113 35.73 41.24 -2.55
CA GLU D 113 35.41 41.49 -3.96
C GLU D 113 34.09 42.27 -4.13
N GLY D 114 33.13 41.97 -3.27
CA GLY D 114 31.81 42.59 -3.32
C GLY D 114 31.91 44.07 -3.03
N THR D 115 32.65 44.42 -1.98
CA THR D 115 32.92 45.81 -1.64
C THR D 115 33.75 46.50 -2.72
N LYS D 116 34.71 45.77 -3.30
CA LYS D 116 35.51 46.32 -4.39
C LYS D 116 34.61 46.78 -5.53
N ALA D 117 33.63 45.95 -5.89
CA ALA D 117 32.77 46.20 -7.06
C ALA D 117 31.70 47.28 -6.87
N VAL D 118 31.05 47.29 -5.71
CA VAL D 118 30.03 48.29 -5.39
C VAL D 118 30.68 49.66 -5.32
N THR D 119 31.87 49.72 -4.74
CA THR D 119 32.64 50.96 -4.70
C THR D 119 32.90 51.47 -6.11
N LYS D 120 33.52 50.63 -6.95
CA LYS D 120 33.83 51.02 -8.31
C LYS D 120 32.61 51.49 -9.10
N TYR D 121 31.46 50.88 -8.81
CA TYR D 121 30.22 51.19 -9.52
C TYR D 121 29.54 52.49 -9.08
N THR D 122 29.58 52.77 -7.78
CA THR D 122 28.85 53.93 -7.24
C THR D 122 29.46 55.23 -7.68
N SER D 123 30.78 55.32 -7.62
CA SER D 123 31.48 56.53 -8.03
C SER D 123 31.84 56.46 -9.52
N ALA D 124 31.14 55.61 -10.27
CA ALA D 124 31.34 55.52 -11.72
C ALA D 124 30.21 56.19 -12.48
N LYS D 125 30.32 57.51 -12.63
CA LYS D 125 29.40 58.32 -13.47
C LYS D 125 29.86 59.78 -13.67
N PRO E 39 48.23 -23.38 -10.90
CA PRO E 39 47.45 -22.15 -11.13
C PRO E 39 47.72 -21.08 -10.07
N HIS E 40 47.67 -19.81 -10.47
CA HIS E 40 47.92 -18.69 -9.57
C HIS E 40 46.62 -18.15 -8.97
N ARG E 41 46.56 -18.15 -7.64
CA ARG E 41 45.35 -17.71 -6.94
C ARG E 41 45.65 -16.48 -6.11
N TYR E 42 44.76 -15.49 -6.18
CA TYR E 42 44.86 -14.28 -5.37
C TYR E 42 44.24 -14.52 -4.00
N ARG E 43 44.90 -13.99 -2.98
CA ARG E 43 44.40 -14.08 -1.62
C ARG E 43 43.11 -13.27 -1.49
N PRO E 44 42.15 -13.76 -0.68
CA PRO E 44 40.89 -13.05 -0.44
C PRO E 44 41.13 -11.60 -0.07
N GLY E 45 40.44 -10.70 -0.77
CA GLY E 45 40.53 -9.27 -0.51
C GLY E 45 41.75 -8.62 -1.10
N THR E 46 42.05 -8.93 -2.36
CA THR E 46 43.12 -8.24 -3.09
C THR E 46 42.55 -7.81 -4.41
N VAL E 47 41.73 -8.69 -5.00
CA VAL E 47 40.93 -8.31 -6.16
C VAL E 47 39.97 -7.25 -5.67
N ALA E 48 39.41 -7.49 -4.48
CA ALA E 48 38.52 -6.55 -3.82
C ALA E 48 39.14 -5.17 -3.80
N LEU E 49 40.30 -5.04 -3.15
CA LEU E 49 41.02 -3.75 -3.09
C LEU E 49 41.36 -3.19 -4.46
N ARG E 50 41.76 -4.07 -5.38
CA ARG E 50 41.98 -3.69 -6.77
C ARG E 50 40.70 -3.14 -7.44
N GLU E 51 39.55 -3.70 -7.05
CA GLU E 51 38.26 -3.20 -7.50
C GLU E 51 37.89 -1.87 -6.81
N ILE E 52 38.37 -1.66 -5.60
CA ILE E 52 38.11 -0.38 -4.96
C ILE E 52 38.79 0.73 -5.75
N ARG E 53 40.10 0.60 -5.95
CA ARG E 53 40.86 1.60 -6.70
C ARG E 53 40.32 1.79 -8.10
N ARG E 54 40.09 0.68 -8.80
CA ARG E 54 39.45 0.74 -10.09
C ARG E 54 38.20 1.63 -10.05
N TYR E 55 37.29 1.34 -9.12
CA TYR E 55 35.99 2.01 -9.12
C TYR E 55 35.94 3.41 -8.51
N GLN E 56 36.93 3.77 -7.70
CA GLN E 56 37.00 5.15 -7.19
C GLN E 56 37.63 6.08 -8.24
N LYS E 57 38.52 5.52 -9.04
CA LYS E 57 39.25 6.25 -10.07
C LYS E 57 38.36 6.65 -11.23
N SER E 58 37.25 5.95 -11.41
CA SER E 58 36.37 6.18 -12.56
C SER E 58 35.05 6.75 -12.11
N THR E 59 34.24 7.19 -13.07
CA THR E 59 33.00 7.84 -12.76
C THR E 59 31.76 7.34 -13.53
N GLU E 60 31.90 6.28 -14.31
CA GLU E 60 30.73 5.69 -14.98
C GLU E 60 29.66 5.23 -13.98
N LEU E 61 28.49 4.88 -14.50
CA LEU E 61 27.42 4.38 -13.64
C LEU E 61 27.54 2.88 -13.57
N LEU E 62 27.26 2.31 -12.40
CA LEU E 62 27.59 0.90 -12.14
C LEU E 62 26.37 -0.05 -12.18
N ILE E 63 25.17 0.54 -12.20
CA ILE E 63 23.96 -0.21 -12.50
C ILE E 63 23.65 -0.03 -13.99
N ARG E 64 23.17 -1.10 -14.62
CA ARG E 64 22.84 -1.13 -16.05
C ARG E 64 21.69 -0.20 -16.39
N LYS E 65 21.79 0.49 -17.53
CA LYS E 65 20.81 1.54 -17.90
C LYS E 65 19.39 1.04 -17.78
N LEU E 66 19.12 -0.09 -18.44
CA LEU E 66 17.77 -0.61 -18.63
C LEU E 66 17.10 -1.16 -17.36
N PRO E 67 17.77 -2.07 -16.63
CA PRO E 67 17.15 -2.52 -15.39
C PRO E 67 16.74 -1.32 -14.57
N PHE E 68 17.70 -0.45 -14.26
CA PHE E 68 17.39 0.71 -13.43
C PHE E 68 16.17 1.47 -13.96
N GLN E 69 16.10 1.62 -15.29
CA GLN E 69 15.04 2.39 -15.93
C GLN E 69 13.69 1.74 -15.69
N ARG E 70 13.66 0.41 -15.66
CA ARG E 70 12.40 -0.29 -15.43
C ARG E 70 11.92 0.04 -14.03
N LEU E 71 12.80 -0.14 -13.04
CA LEU E 71 12.53 0.17 -11.63
C LEU E 71 11.88 1.54 -11.42
N VAL E 72 12.37 2.53 -12.14
CA VAL E 72 11.79 3.86 -12.06
C VAL E 72 10.33 3.79 -12.49
N ARG E 73 10.10 3.19 -13.66
CA ARG E 73 8.77 3.17 -14.27
C ARG E 73 7.77 2.39 -13.45
N GLU E 74 8.24 1.27 -12.91
CA GLU E 74 7.43 0.46 -12.02
C GLU E 74 6.95 1.29 -10.84
N ILE E 75 7.86 1.94 -10.13
CA ILE E 75 7.48 2.73 -8.95
C ILE E 75 6.59 3.92 -9.34
N ALA E 76 6.99 4.66 -10.38
CA ALA E 76 6.25 5.85 -10.82
C ALA E 76 4.80 5.57 -11.12
N GLN E 77 4.47 4.27 -11.17
CA GLN E 77 3.13 3.80 -11.53
C GLN E 77 2.13 4.00 -10.39
N ASP E 78 2.62 3.92 -9.16
CA ASP E 78 1.77 4.02 -7.96
C ASP E 78 1.31 5.45 -7.68
N PHE E 79 1.79 6.39 -8.49
CA PHE E 79 1.44 7.79 -8.30
C PHE E 79 0.68 8.26 -9.51
N LYS E 80 0.92 7.60 -10.63
CA LYS E 80 0.23 7.92 -11.86
C LYS E 80 0.28 6.74 -12.80
N THR E 81 -0.87 6.44 -13.39
CA THR E 81 -0.96 5.48 -14.49
C THR E 81 -0.52 6.19 -15.76
N ASP E 82 0.12 5.44 -16.66
CA ASP E 82 0.58 5.97 -17.94
C ASP E 82 1.32 7.29 -17.80
N LEU E 83 2.46 7.26 -17.13
CA LEU E 83 3.37 8.39 -17.16
C LEU E 83 4.29 8.31 -18.38
N ARG E 84 4.95 9.43 -18.68
CA ARG E 84 6.07 9.42 -19.62
C ARG E 84 7.29 10.04 -18.95
N PHE E 85 8.48 9.60 -19.37
CA PHE E 85 9.73 9.99 -18.76
C PHE E 85 10.74 10.51 -19.75
N GLN E 86 11.18 11.76 -19.57
CA GLN E 86 12.24 12.33 -20.39
C GLN E 86 13.49 11.52 -20.16
N SER E 87 14.25 11.27 -21.22
CA SER E 87 15.45 10.43 -21.15
C SER E 87 16.37 10.89 -20.02
N SER E 88 16.50 12.22 -19.91
CA SER E 88 17.41 12.87 -18.97
C SER E 88 16.82 12.90 -17.58
N ALA E 89 15.49 12.83 -17.50
CA ALA E 89 14.81 12.80 -16.21
C ALA E 89 15.07 11.49 -15.48
N VAL E 90 15.26 10.41 -16.24
CA VAL E 90 15.63 9.17 -15.62
C VAL E 90 17.06 9.27 -15.18
N MET E 91 17.92 9.68 -16.12
CA MET E 91 19.34 9.75 -15.90
C MET E 91 19.62 10.54 -14.62
N ALA E 92 18.86 11.62 -14.45
CA ALA E 92 18.93 12.46 -13.25
C ALA E 92 18.74 11.61 -12.01
N LEU E 93 17.79 10.68 -12.06
CA LEU E 93 17.50 9.81 -10.93
C LEU E 93 18.59 8.76 -10.67
N GLN E 94 19.10 8.14 -11.74
CA GLN E 94 20.12 7.13 -11.55
C GLN E 94 21.33 7.78 -10.90
N GLU E 95 21.66 8.98 -11.35
CA GLU E 95 22.83 9.68 -10.84
C GLU E 95 22.76 9.87 -9.33
N ALA E 96 21.66 10.48 -8.87
CA ALA E 96 21.42 10.72 -7.45
C ALA E 96 21.39 9.40 -6.67
N SER E 97 20.66 8.42 -7.20
CA SER E 97 20.62 7.08 -6.61
C SER E 97 22.03 6.53 -6.34
N GLU E 98 22.79 6.31 -7.41
CA GLU E 98 24.12 5.75 -7.30
C GLU E 98 25.01 6.62 -6.42
N ALA E 99 24.87 7.95 -6.54
CA ALA E 99 25.61 8.88 -5.70
C ALA E 99 25.29 8.64 -4.24
N TYR E 100 24.00 8.49 -3.97
CA TYR E 100 23.45 8.22 -2.64
C TYR E 100 23.89 6.85 -2.10
N LEU E 101 23.75 5.81 -2.91
CA LEU E 101 24.07 4.47 -2.44
C LEU E 101 25.56 4.31 -2.14
N VAL E 102 26.39 5.15 -2.76
CA VAL E 102 27.82 5.12 -2.52
C VAL E 102 28.11 5.88 -1.25
N ALA E 103 27.40 6.98 -1.06
CA ALA E 103 27.50 7.77 0.16
C ALA E 103 27.13 6.93 1.37
N LEU E 104 26.09 6.09 1.23
CA LEU E 104 25.63 5.28 2.34
C LEU E 104 26.63 4.17 2.68
N PHE E 105 27.11 3.48 1.66
CA PHE E 105 28.10 2.45 1.84
C PHE E 105 29.33 2.96 2.55
N GLU E 106 29.77 4.19 2.25
CA GLU E 106 30.86 4.81 3.02
C GLU E 106 30.55 4.82 4.53
N ASP E 107 29.35 5.27 4.88
CA ASP E 107 28.94 5.36 6.30
C ASP E 107 28.85 3.96 6.92
N THR E 108 28.08 3.10 6.26
CA THR E 108 28.01 1.69 6.58
C THR E 108 29.41 1.11 6.88
N ASN E 109 30.37 1.42 6.02
CA ASN E 109 31.71 0.87 6.14
C ASN E 109 32.39 1.29 7.43
N LEU E 110 32.06 2.50 7.88
CA LEU E 110 32.62 3.11 9.09
C LEU E 110 31.95 2.55 10.33
N CYS E 111 30.78 1.94 10.14
CA CYS E 111 30.06 1.30 11.24
C CYS E 111 30.55 -0.13 11.41
N ALA E 112 30.65 -0.86 10.31
CA ALA E 112 31.37 -2.12 10.31
C ALA E 112 32.73 -2.00 11.01
N ILE E 113 33.54 -1.03 10.56
CA ILE E 113 34.87 -0.81 11.10
C ILE E 113 34.83 -0.46 12.59
N HIS E 114 33.78 0.26 12.98
CA HIS E 114 33.54 0.63 14.37
C HIS E 114 33.48 -0.57 15.31
N ALA E 115 32.84 -1.64 14.82
CA ALA E 115 32.65 -2.90 15.55
C ALA E 115 33.78 -3.92 15.31
N LYS E 116 34.94 -3.40 14.88
CA LYS E 116 36.11 -4.22 14.53
C LYS E 116 35.77 -5.28 13.46
N ARG E 117 34.82 -4.95 12.61
CA ARG E 117 34.53 -5.76 11.44
C ARG E 117 35.09 -5.08 10.19
N VAL E 118 35.39 -5.87 9.17
CA VAL E 118 35.72 -5.35 7.84
C VAL E 118 34.59 -5.67 6.86
N THR E 119 33.63 -6.47 7.32
CA THR E 119 32.48 -6.93 6.53
C THR E 119 31.24 -6.13 6.90
N ILE E 120 30.75 -5.32 5.97
CA ILE E 120 29.47 -4.63 6.20
C ILE E 120 28.35 -5.66 6.37
N MET E 121 27.31 -5.30 7.13
CA MET E 121 26.18 -6.18 7.47
C MET E 121 24.92 -5.31 7.59
N PRO E 122 23.71 -5.89 7.40
CA PRO E 122 22.52 -5.04 7.37
C PRO E 122 22.39 -4.08 8.57
N LYS E 123 22.91 -4.49 9.72
CA LYS E 123 22.81 -3.64 10.91
C LYS E 123 23.60 -2.37 10.72
N ASP E 124 24.68 -2.43 9.95
CA ASP E 124 25.50 -1.25 9.64
C ASP E 124 24.73 -0.25 8.78
N ILE E 125 24.04 -0.74 7.77
CA ILE E 125 23.25 0.11 6.91
C ILE E 125 22.15 0.76 7.72
N GLN E 126 21.64 0.03 8.73
CA GLN E 126 20.53 0.54 9.52
C GLN E 126 20.98 1.53 10.59
N LEU E 127 22.06 1.24 11.27
CA LEU E 127 22.63 2.20 12.22
C LEU E 127 22.91 3.52 11.50
N ALA E 128 23.59 3.42 10.36
CA ALA E 128 24.02 4.58 9.60
C ALA E 128 22.84 5.43 9.21
N ARG E 129 21.75 4.79 8.81
CA ARG E 129 20.56 5.53 8.40
C ARG E 129 19.82 6.05 9.63
N ARG E 130 19.93 5.33 10.74
CA ARG E 130 19.31 5.79 11.99
C ARG E 130 19.96 7.09 12.46
N ILE E 131 21.30 7.11 12.50
CA ILE E 131 22.02 8.32 12.88
C ILE E 131 21.79 9.45 11.88
N ARG E 132 21.73 9.12 10.60
CA ARG E 132 21.47 10.14 9.57
C ARG E 132 20.11 10.77 9.80
N GLY E 133 19.28 10.09 10.58
CA GLY E 133 17.92 10.51 10.80
C GLY E 133 17.06 10.18 9.59
N GLU E 134 17.39 9.10 8.91
CA GLU E 134 16.56 8.65 7.80
C GLU E 134 15.44 7.72 8.27
N ARG E 135 15.60 7.13 9.46
CA ARG E 135 14.60 6.21 10.02
C ARG E 135 14.08 6.56 11.43
N ALA E 136 14.85 6.25 12.49
CA ALA E 136 14.31 6.34 13.88
C ALA E 136 15.13 7.13 14.94
N ARG F 17 -0.94 -0.78 -29.08
CA ARG F 17 -0.40 -0.09 -27.87
C ARG F 17 -0.37 -1.02 -26.67
N HIS F 18 0.79 -1.05 -25.99
CA HIS F 18 1.05 -2.04 -24.93
C HIS F 18 0.96 -1.52 -23.49
N ARG F 19 1.95 -0.73 -23.06
CA ARG F 19 2.14 -0.36 -21.65
C ARG F 19 2.07 -1.57 -20.71
N LYS F 20 3.16 -2.35 -20.75
CA LYS F 20 3.28 -3.63 -20.08
C LYS F 20 3.16 -3.56 -18.54
N VAL F 21 2.79 -4.69 -17.93
CA VAL F 21 2.82 -4.84 -16.46
C VAL F 21 4.27 -4.92 -15.97
N LEU F 22 4.75 -3.82 -15.41
CA LEU F 22 6.07 -3.79 -14.80
C LEU F 22 5.90 -4.22 -13.34
N ARG F 23 6.42 -5.39 -13.00
CA ARG F 23 6.36 -5.86 -11.61
C ARG F 23 7.66 -6.48 -11.13
N ASP F 24 8.05 -6.09 -9.92
CA ASP F 24 9.29 -6.54 -9.27
C ASP F 24 10.53 -6.43 -10.16
N ASN F 25 10.72 -5.23 -10.72
CA ASN F 25 11.94 -4.88 -11.42
C ASN F 25 13.10 -4.68 -10.45
N ILE F 26 12.77 -4.57 -9.17
CA ILE F 26 13.75 -4.47 -8.08
C ILE F 26 14.79 -5.61 -8.06
N GLN F 27 14.47 -6.74 -8.67
CA GLN F 27 15.43 -7.84 -8.77
C GLN F 27 16.42 -7.61 -9.89
N GLY F 28 16.09 -6.66 -10.78
CA GLY F 28 16.97 -6.25 -11.87
C GLY F 28 18.22 -5.52 -11.39
N ILE F 29 18.19 -5.10 -10.13
CA ILE F 29 19.36 -4.54 -9.46
C ILE F 29 20.18 -5.72 -8.88
N THR F 30 21.16 -6.14 -9.65
CA THR F 30 21.90 -7.37 -9.38
C THR F 30 22.92 -7.28 -8.25
N LYS F 31 23.16 -8.43 -7.61
CA LYS F 31 24.23 -8.59 -6.61
C LYS F 31 25.60 -8.06 -7.06
N PRO F 32 26.01 -8.39 -8.31
CA PRO F 32 27.22 -7.80 -8.90
C PRO F 32 27.21 -6.27 -8.98
N ALA F 33 26.06 -5.68 -9.29
CA ALA F 33 25.96 -4.23 -9.40
C ALA F 33 26.10 -3.57 -8.03
N ILE F 34 25.34 -4.08 -7.06
CA ILE F 34 25.42 -3.59 -5.70
C ILE F 34 26.86 -3.68 -5.19
N ARG F 35 27.62 -4.67 -5.65
CA ARG F 35 29.02 -4.83 -5.23
C ARG F 35 29.88 -3.65 -5.72
N ARG F 36 29.84 -3.39 -7.03
CA ARG F 36 30.60 -2.30 -7.64
C ARG F 36 30.36 -0.98 -6.93
N LEU F 37 29.12 -0.76 -6.50
CA LEU F 37 28.76 0.43 -5.73
C LEU F 37 29.47 0.46 -4.37
N ALA F 38 29.36 -0.63 -3.61
CA ALA F 38 30.01 -0.72 -2.31
C ALA F 38 31.50 -0.53 -2.45
N ARG F 39 32.01 -1.01 -3.58
CA ARG F 39 33.43 -0.89 -3.89
C ARG F 39 33.87 0.55 -4.09
N ARG F 40 33.13 1.31 -4.92
CA ARG F 40 33.40 2.72 -5.11
C ARG F 40 33.21 3.38 -3.77
N GLY F 41 32.23 2.89 -3.01
CA GLY F 41 32.02 3.33 -1.63
C GLY F 41 33.15 2.98 -0.70
N GLY F 42 34.04 2.10 -1.14
CA GLY F 42 35.24 1.77 -0.39
C GLY F 42 34.98 0.69 0.63
N VAL F 43 34.15 -0.27 0.23
CA VAL F 43 33.80 -1.41 1.06
C VAL F 43 34.47 -2.64 0.51
N LYS F 44 35.33 -3.25 1.32
CA LYS F 44 36.08 -4.44 0.94
C LYS F 44 35.23 -5.73 0.98
N ARG F 45 34.46 -5.92 2.06
CA ARG F 45 33.75 -7.18 2.29
C ARG F 45 32.27 -6.96 2.55
N ILE F 46 31.43 -7.74 1.86
CA ILE F 46 29.98 -7.53 1.88
C ILE F 46 29.29 -8.81 2.33
N SER F 47 28.54 -8.73 3.42
CA SER F 47 27.72 -9.84 3.85
C SER F 47 26.73 -10.12 2.74
N GLY F 48 26.54 -11.41 2.46
CA GLY F 48 25.55 -11.85 1.49
C GLY F 48 24.18 -11.29 1.84
N LEU F 49 23.99 -10.92 3.10
CA LEU F 49 22.73 -10.39 3.54
C LEU F 49 22.46 -8.94 3.11
N ILE F 50 23.50 -8.25 2.67
CA ILE F 50 23.43 -6.84 2.28
C ILE F 50 22.51 -6.63 1.06
N TYR F 51 22.69 -7.46 0.05
CA TYR F 51 22.08 -7.24 -1.25
C TYR F 51 20.58 -7.01 -1.16
N GLU F 52 19.90 -7.79 -0.33
CA GLU F 52 18.48 -7.60 -0.10
C GLU F 52 18.23 -6.30 0.64
N GLU F 53 18.98 -6.09 1.72
CA GLU F 53 18.89 -4.85 2.49
C GLU F 53 19.02 -3.60 1.59
N THR F 54 20.03 -3.61 0.71
CA THR F 54 20.31 -2.49 -0.20
C THR F 54 19.20 -2.25 -1.23
N ARG F 55 18.59 -3.34 -1.69
CA ARG F 55 17.43 -3.26 -2.56
C ARG F 55 16.25 -2.61 -1.82
N GLY F 56 16.22 -2.81 -0.50
CA GLY F 56 15.25 -2.14 0.37
C GLY F 56 15.35 -0.62 0.28
N VAL F 57 16.53 -0.11 0.62
CA VAL F 57 16.83 1.32 0.72
C VAL F 57 16.64 2.11 -0.58
N LEU F 58 17.20 1.55 -1.65
CA LEU F 58 17.11 2.14 -2.97
C LEU F 58 15.65 2.34 -3.32
N LYS F 59 14.82 1.36 -2.93
CA LYS F 59 13.38 1.36 -3.20
C LYS F 59 12.69 2.47 -2.42
N VAL F 60 13.03 2.59 -1.14
CA VAL F 60 12.57 3.72 -0.31
C VAL F 60 13.00 5.09 -0.90
N PHE F 61 14.28 5.22 -1.23
CA PHE F 61 14.82 6.43 -1.85
C PHE F 61 14.04 6.82 -3.09
N LEU F 62 13.94 5.90 -4.05
CA LEU F 62 13.28 6.19 -5.33
C LEU F 62 11.83 6.59 -5.19
N GLU F 63 11.14 5.86 -4.31
CA GLU F 63 9.78 6.18 -3.95
C GLU F 63 9.66 7.66 -3.54
N ASN F 64 10.51 8.07 -2.60
CA ASN F 64 10.49 9.44 -2.07
C ASN F 64 10.65 10.52 -3.12
N VAL F 65 11.62 10.32 -4.01
CA VAL F 65 11.95 11.31 -5.04
C VAL F 65 10.89 11.35 -6.14
N ILE F 66 10.52 10.16 -6.66
CA ILE F 66 9.49 10.07 -7.70
C ILE F 66 8.12 10.54 -7.20
N ARG F 67 7.80 10.25 -5.93
CA ARG F 67 6.59 10.79 -5.32
C ARG F 67 6.52 12.31 -5.56
N ASP F 68 7.57 13.01 -5.11
CA ASP F 68 7.74 14.45 -5.29
C ASP F 68 7.83 14.90 -6.76
N ALA F 69 8.67 14.23 -7.54
CA ALA F 69 8.79 14.51 -8.97
C ALA F 69 7.42 14.56 -9.63
N VAL F 70 6.61 13.53 -9.39
CA VAL F 70 5.34 13.35 -10.08
C VAL F 70 4.30 14.36 -9.58
N THR F 71 4.31 14.64 -8.28
CA THR F 71 3.49 15.73 -7.72
C THR F 71 3.71 17.02 -8.55
N TYR F 72 4.97 17.34 -8.85
CA TYR F 72 5.26 18.47 -9.72
C TYR F 72 4.67 18.28 -11.13
N THR F 73 4.76 17.06 -11.67
CA THR F 73 4.24 16.79 -13.01
C THR F 73 2.74 17.04 -13.05
N GLU F 74 2.03 16.47 -12.08
CA GLU F 74 0.61 16.72 -11.89
C GLU F 74 0.37 18.22 -11.75
N HIS F 75 1.20 18.92 -10.98
CA HIS F 75 0.89 20.30 -10.72
C HIS F 75 0.98 21.15 -11.98
N ALA F 76 1.81 20.72 -12.93
CA ALA F 76 1.93 21.42 -14.20
C ALA F 76 1.01 20.78 -15.25
N LYS F 77 0.13 19.90 -14.78
CA LYS F 77 -0.81 19.16 -15.65
C LYS F 77 -0.10 18.48 -16.84
N ARG F 78 1.08 17.95 -16.61
CA ARG F 78 1.83 17.26 -17.65
C ARG F 78 1.71 15.76 -17.49
N LYS F 79 1.93 15.03 -18.58
CA LYS F 79 1.91 13.57 -18.55
C LYS F 79 3.33 13.04 -18.65
N THR F 80 4.24 13.92 -19.10
CA THR F 80 5.66 13.62 -19.14
C THR F 80 6.35 14.23 -17.92
N VAL F 81 7.22 13.43 -17.30
CA VAL F 81 8.06 13.89 -16.20
C VAL F 81 9.36 14.44 -16.79
N THR F 82 9.65 15.70 -16.49
CA THR F 82 10.85 16.37 -17.00
C THR F 82 11.96 16.22 -15.98
N ALA F 83 13.20 16.41 -16.43
CA ALA F 83 14.35 16.30 -15.56
C ALA F 83 14.35 17.37 -14.47
N MET F 84 13.72 18.51 -14.76
CA MET F 84 13.48 19.55 -13.76
C MET F 84 12.54 19.06 -12.69
N ASP F 85 11.63 18.15 -13.07
CA ASP F 85 10.73 17.53 -12.11
C ASP F 85 11.51 16.74 -11.08
N VAL F 86 12.53 16.02 -11.55
CA VAL F 86 13.41 15.31 -10.63
C VAL F 86 14.39 16.27 -9.96
N VAL F 87 14.76 17.35 -10.63
CA VAL F 87 15.75 18.26 -10.04
C VAL F 87 15.14 18.99 -8.82
N TYR F 88 13.91 19.45 -8.96
CA TYR F 88 13.23 20.13 -7.86
C TYR F 88 12.91 19.14 -6.76
N ALA F 89 12.35 17.99 -7.14
CA ALA F 89 12.13 16.91 -6.20
C ALA F 89 13.35 16.82 -5.27
N LEU F 90 14.48 16.38 -5.83
CA LEU F 90 15.75 16.24 -5.12
C LEU F 90 16.22 17.50 -4.35
N LYS F 91 16.02 18.69 -4.88
CA LYS F 91 16.30 19.88 -4.10
C LYS F 91 15.51 19.80 -2.78
N ARG F 92 14.18 19.86 -2.85
CA ARG F 92 13.37 19.82 -1.63
C ARG F 92 13.55 18.51 -0.86
N GLN F 93 14.09 17.48 -1.50
CA GLN F 93 14.43 16.23 -0.80
C GLN F 93 15.66 16.39 0.08
N GLY F 94 16.43 17.45 -0.14
CA GLY F 94 17.66 17.65 0.59
C GLY F 94 18.88 17.15 -0.15
N ARG F 95 18.67 16.64 -1.36
CA ARG F 95 19.78 16.12 -2.15
C ARG F 95 19.92 16.87 -3.50
N THR F 96 20.42 18.10 -3.43
CA THR F 96 20.64 18.93 -4.61
C THR F 96 21.56 18.25 -5.61
N LEU F 97 21.15 18.25 -6.88
CA LEU F 97 21.91 17.59 -7.94
C LEU F 97 22.16 18.53 -9.11
N TYR F 98 23.44 18.71 -9.44
CA TYR F 98 23.86 19.66 -10.47
C TYR F 98 23.98 19.01 -11.84
N GLY F 99 23.79 19.82 -12.86
CA GLY F 99 24.14 19.40 -14.21
C GLY F 99 23.01 18.82 -15.01
N PHE F 100 21.78 18.91 -14.47
CA PHE F 100 20.60 18.46 -15.21
C PHE F 100 19.56 19.57 -15.37
N GLY F 101 20.03 20.82 -15.33
CA GLY F 101 19.13 21.97 -15.45
C GLY F 101 18.91 22.60 -14.10
N GLY F 102 18.19 23.73 -14.09
CA GLY F 102 17.94 24.47 -12.86
C GLY F 102 19.24 24.99 -12.26
N LYS G 13 -19.71 46.29 8.99
CA LYS G 13 -19.45 45.04 8.20
C LYS G 13 -20.70 44.13 8.08
N ALA G 14 -20.50 42.95 7.49
CA ALA G 14 -21.51 41.90 7.44
C ALA G 14 -20.95 40.59 7.97
N LYS G 15 -20.10 39.93 7.17
CA LYS G 15 -19.53 38.62 7.52
C LYS G 15 -18.01 38.61 7.47
N THR G 16 -17.39 38.05 8.52
CA THR G 16 -15.95 37.78 8.52
C THR G 16 -15.64 36.65 7.56
N ARG G 17 -14.60 36.82 6.76
CA ARG G 17 -14.13 35.79 5.83
C ARG G 17 -13.82 34.49 6.54
N SER G 18 -13.52 34.58 7.83
CA SER G 18 -13.19 33.42 8.66
C SER G 18 -14.40 32.50 8.88
N SER G 19 -15.52 33.10 9.27
CA SER G 19 -16.76 32.36 9.52
C SER G 19 -17.36 31.78 8.24
N ARG G 20 -17.27 32.56 7.15
CA ARG G 20 -17.79 32.16 5.83
C ARG G 20 -17.35 30.76 5.44
N ALA G 21 -16.19 30.35 5.96
CA ALA G 21 -15.64 29.04 5.71
C ALA G 21 -15.70 28.12 6.93
N GLY G 22 -16.21 28.65 8.05
CA GLY G 22 -16.30 27.87 9.29
C GLY G 22 -14.94 27.65 9.91
N LEU G 23 -14.10 28.68 9.80
CA LEU G 23 -12.74 28.66 10.32
C LEU G 23 -12.57 29.68 11.42
N GLN G 24 -11.94 29.26 12.51
CA GLN G 24 -11.59 30.14 13.62
C GLN G 24 -10.41 31.06 13.27
N PHE G 25 -9.42 30.53 12.57
CA PHE G 25 -8.23 31.28 12.16
C PHE G 25 -8.56 32.44 11.22
N PRO G 26 -7.75 33.51 11.28
CA PRO G 26 -8.05 34.76 10.59
C PRO G 26 -7.69 34.74 9.10
N VAL G 27 -8.61 34.23 8.29
CA VAL G 27 -8.48 34.28 6.84
C VAL G 27 -7.94 35.63 6.40
N GLY G 28 -8.67 36.70 6.73
CA GLY G 28 -8.28 38.07 6.37
C GLY G 28 -6.82 38.38 6.63
N ARG G 29 -6.37 38.09 7.85
CA ARG G 29 -4.97 38.25 8.22
C ARG G 29 -4.06 37.42 7.32
N VAL G 30 -4.29 36.12 7.28
CA VAL G 30 -3.41 35.23 6.51
C VAL G 30 -3.21 35.76 5.09
N HIS G 31 -4.30 36.21 4.45
CA HIS G 31 -4.23 36.83 3.12
C HIS G 31 -3.21 37.97 3.10
N ARG G 32 -3.28 38.83 4.11
CA ARG G 32 -2.40 39.99 4.20
C ARG G 32 -0.96 39.54 4.42
N LEU G 33 -0.77 38.57 5.30
CA LEU G 33 0.57 38.03 5.57
C LEU G 33 1.23 37.48 4.33
N LEU G 34 0.42 36.95 3.41
CA LEU G 34 0.91 36.41 2.15
C LEU G 34 1.45 37.48 1.20
N ARG G 35 0.77 38.61 1.14
CA ARG G 35 1.20 39.73 0.29
C ARG G 35 2.56 40.28 0.72
N LYS G 36 2.66 40.69 1.98
CA LYS G 36 3.84 41.35 2.50
C LYS G 36 5.02 40.40 2.76
N GLY G 37 4.75 39.10 2.74
CA GLY G 37 5.79 38.08 2.85
C GLY G 37 6.56 37.81 1.55
N ASN G 38 6.14 38.45 0.46
CA ASN G 38 6.81 38.32 -0.83
C ASN G 38 6.91 36.87 -1.28
N TYR G 39 5.75 36.25 -1.53
CA TYR G 39 5.68 34.85 -1.96
C TYR G 39 5.36 34.70 -3.45
N ALA G 40 4.59 35.64 -3.97
CA ALA G 40 4.39 35.79 -5.41
C ALA G 40 3.75 37.14 -5.64
N GLU G 41 3.88 37.63 -6.86
CA GLU G 41 3.29 38.90 -7.23
C GLU G 41 1.84 38.97 -6.75
N ARG G 42 1.04 37.98 -7.16
CA ARG G 42 -0.39 37.97 -6.86
C ARG G 42 -0.81 36.84 -5.92
N VAL G 43 -1.80 37.10 -5.08
CA VAL G 43 -2.40 36.07 -4.22
C VAL G 43 -3.91 35.93 -4.49
N GLY G 44 -4.33 34.75 -4.93
CA GLY G 44 -5.74 34.45 -5.21
C GLY G 44 -6.65 34.51 -3.98
N ALA G 45 -7.92 34.87 -4.21
CA ALA G 45 -8.90 35.09 -3.11
C ALA G 45 -9.30 33.83 -2.32
N GLY G 46 -8.95 32.66 -2.82
CA GLY G 46 -9.22 31.40 -2.14
C GLY G 46 -8.01 30.82 -1.42
N ALA G 47 -6.84 31.33 -1.78
CA ALA G 47 -5.55 30.84 -1.27
C ALA G 47 -5.49 30.78 0.27
N PRO G 48 -5.66 31.92 0.94
CA PRO G 48 -5.56 31.94 2.41
C PRO G 48 -6.60 31.07 3.07
N VAL G 49 -7.79 30.98 2.47
CA VAL G 49 -8.88 30.17 3.00
C VAL G 49 -8.35 28.77 3.20
N TYR G 50 -7.90 28.17 2.10
CA TYR G 50 -7.31 26.85 2.12
C TYR G 50 -6.27 26.76 3.22
N LEU G 51 -5.36 27.73 3.22
CA LEU G 51 -4.23 27.78 4.14
C LEU G 51 -4.65 27.88 5.60
N ALA G 52 -5.48 28.87 5.94
CA ALA G 52 -6.06 29.02 7.29
C ALA G 52 -6.58 27.69 7.83
N ALA G 53 -7.43 27.05 7.02
CA ALA G 53 -7.96 25.73 7.32
C ALA G 53 -6.87 24.74 7.70
N VAL G 54 -5.82 24.71 6.89
CA VAL G 54 -4.74 23.73 7.08
C VAL G 54 -4.03 24.00 8.39
N LEU G 55 -3.85 25.28 8.70
CA LEU G 55 -3.21 25.66 9.94
C LEU G 55 -4.09 25.33 11.14
N GLU G 56 -5.39 25.63 11.02
CA GLU G 56 -6.39 25.20 12.01
C GLU G 56 -6.28 23.70 12.26
N TYR G 57 -6.42 22.90 11.20
CA TYR G 57 -6.33 21.43 11.31
C TYR G 57 -5.14 20.98 12.14
N LEU G 58 -3.96 21.48 11.78
CA LEU G 58 -2.72 21.10 12.40
C LEU G 58 -2.65 21.59 13.85
N THR G 59 -3.16 22.79 14.08
CA THR G 59 -3.29 23.31 15.44
C THR G 59 -4.25 22.43 16.24
N ALA G 60 -5.38 22.09 15.62
CA ALA G 60 -6.38 21.19 16.21
C ALA G 60 -5.83 19.83 16.62
N GLU G 61 -5.12 19.18 15.69
CA GLU G 61 -4.54 17.85 15.93
C GLU G 61 -3.58 17.75 17.14
N ILE G 62 -2.68 18.73 17.29
CA ILE G 62 -1.70 18.71 18.40
C ILE G 62 -2.35 19.11 19.70
N LEU G 63 -3.16 20.17 19.66
CA LEU G 63 -3.86 20.59 20.86
C LEU G 63 -4.62 19.38 21.38
N GLU G 64 -5.41 18.77 20.49
CA GLU G 64 -6.14 17.53 20.77
C GLU G 64 -5.24 16.44 21.34
N LEU G 65 -4.10 16.19 20.69
CA LEU G 65 -3.18 15.17 21.15
C LEU G 65 -2.51 15.51 22.48
N ALA G 66 -2.32 16.80 22.73
CA ALA G 66 -1.71 17.26 23.96
C ALA G 66 -2.77 17.47 25.05
N GLY G 67 -3.97 17.89 24.64
CA GLY G 67 -5.14 17.94 25.53
C GLY G 67 -5.35 16.60 26.20
N ASN G 68 -5.22 15.53 25.43
CA ASN G 68 -5.18 14.16 25.95
C ASN G 68 -3.98 13.93 26.86
N ALA G 69 -2.83 14.47 26.47
CA ALA G 69 -1.58 14.34 27.25
C ALA G 69 -1.74 14.89 28.68
N ALA G 70 -2.54 15.93 28.82
CA ALA G 70 -2.84 16.54 30.11
C ALA G 70 -3.80 15.68 30.94
N ARG G 71 -4.67 14.92 30.27
CA ARG G 71 -5.50 13.91 30.93
C ARG G 71 -4.63 12.93 31.69
N ASP G 72 -3.82 12.15 30.96
CA ASP G 72 -3.03 11.05 31.53
C ASP G 72 -2.10 11.52 32.63
N ASN G 73 -2.03 12.84 32.79
CA ASN G 73 -1.16 13.46 33.78
C ASN G 73 -1.91 14.49 34.63
N LYS G 74 -3.23 14.29 34.71
CA LYS G 74 -4.10 14.91 35.73
C LYS G 74 -4.39 16.42 35.62
N LYS G 75 -3.88 17.07 34.58
CA LYS G 75 -3.83 18.54 34.57
C LYS G 75 -4.83 19.18 33.63
N THR G 76 -5.31 20.37 33.96
CA THR G 76 -6.23 21.10 33.07
C THR G 76 -5.54 22.16 32.23
N ARG G 77 -4.23 22.31 32.44
CA ARG G 77 -3.44 23.28 31.69
C ARG G 77 -2.29 22.61 30.96
N ILE G 78 -2.29 22.81 29.64
CA ILE G 78 -1.24 22.29 28.78
C ILE G 78 0.03 23.11 29.00
N ILE G 79 1.09 22.40 29.41
CA ILE G 79 2.44 22.95 29.55
C ILE G 79 3.30 22.52 28.34
N PRO G 80 4.58 22.95 28.27
CA PRO G 80 5.32 22.50 27.09
C PRO G 80 5.40 20.97 27.01
N ARG G 81 5.78 20.33 28.11
CA ARG G 81 6.11 18.91 28.07
C ARG G 81 5.01 18.04 27.47
N HIS G 82 3.75 18.48 27.58
CA HIS G 82 2.64 17.75 26.95
C HIS G 82 2.79 17.70 25.45
N LEU G 83 2.98 18.87 24.85
CA LEU G 83 3.22 19.02 23.41
C LEU G 83 4.31 18.09 22.91
N GLN G 84 5.45 18.06 23.60
CA GLN G 84 6.53 17.12 23.27
C GLN G 84 6.02 15.69 23.15
N LEU G 85 5.34 15.22 24.19
CA LEU G 85 4.74 13.90 24.17
C LEU G 85 3.79 13.76 22.98
N ALA G 86 2.89 14.74 22.84
CA ALA G 86 1.92 14.75 21.75
C ALA G 86 2.59 14.50 20.41
N VAL G 87 3.70 15.20 20.16
CA VAL G 87 4.43 15.09 18.92
C VAL G 87 5.28 13.81 18.84
N ARG G 88 6.14 13.58 19.80
CA ARG G 88 7.07 12.48 19.66
C ARG G 88 6.44 11.10 19.73
N ASN G 89 5.14 11.05 19.99
CA ASN G 89 4.41 9.78 20.00
C ASN G 89 3.73 9.55 18.66
N ASP G 90 3.04 10.57 18.17
CA ASP G 90 2.51 10.55 16.81
C ASP G 90 3.69 10.39 15.84
N GLU G 91 3.71 9.28 15.12
CA GLU G 91 4.75 9.03 14.12
C GLU G 91 4.74 10.12 13.06
N GLU G 92 3.55 10.52 12.63
CA GLU G 92 3.39 11.52 11.58
C GLU G 92 3.69 12.94 12.00
N LEU G 93 3.50 13.25 13.28
CA LEU G 93 3.85 14.59 13.77
C LEU G 93 5.34 14.70 14.06
N ASN G 94 5.87 13.69 14.75
CA ASN G 94 7.31 13.55 14.98
C ASN G 94 8.12 13.81 13.71
N LYS G 95 7.67 13.25 12.60
CA LYS G 95 8.30 13.45 11.30
C LYS G 95 8.22 14.94 10.88
N LEU G 96 7.01 15.50 10.79
CA LEU G 96 6.82 16.89 10.39
C LEU G 96 7.71 17.88 11.14
N LEU G 97 7.94 17.60 12.42
CA LEU G 97 8.75 18.47 13.26
C LEU G 97 9.99 17.74 13.76
N GLY G 98 10.52 16.86 12.92
CA GLY G 98 11.74 16.14 13.23
C GLY G 98 12.97 17.03 13.22
N ARG G 99 12.81 18.25 12.73
CA ARG G 99 13.90 19.21 12.74
C ARG G 99 13.64 20.35 13.74
N VAL G 100 12.49 20.29 14.42
CA VAL G 100 12.12 21.28 15.42
C VAL G 100 12.52 20.79 16.80
N THR G 101 12.98 21.73 17.65
CA THR G 101 13.22 21.42 19.06
C THR G 101 12.30 22.26 19.92
N ILE G 102 11.47 21.57 20.73
CA ILE G 102 10.51 22.22 21.62
C ILE G 102 11.17 22.58 22.95
N ALA G 103 11.05 23.84 23.33
CA ALA G 103 11.65 24.34 24.54
C ALA G 103 11.04 23.65 25.76
N GLN G 104 11.88 23.27 26.71
CA GLN G 104 11.44 22.69 27.98
C GLN G 104 10.48 21.49 27.81
N GLY G 105 10.74 20.69 26.78
CA GLY G 105 9.87 19.58 26.45
C GLY G 105 10.47 18.23 26.76
N GLY G 106 11.70 18.20 27.27
CA GLY G 106 12.40 16.94 27.59
C GLY G 106 12.36 15.88 26.50
N VAL G 107 12.46 14.61 26.90
CA VAL G 107 12.46 13.53 25.92
C VAL G 107 11.34 12.54 26.19
N LEU G 108 11.16 11.55 25.32
CA LEU G 108 10.32 10.41 25.67
C LEU G 108 11.18 9.38 26.41
N PRO G 109 10.67 8.85 27.53
CA PRO G 109 11.44 7.88 28.30
C PRO G 109 11.73 6.63 27.47
N ASN G 110 13.00 6.31 27.31
CA ASN G 110 13.39 5.13 26.56
C ASN G 110 14.78 4.69 26.92
N ILE G 111 14.91 3.39 27.21
CA ILE G 111 16.18 2.78 27.57
C ILE G 111 16.39 1.59 26.63
N GLN G 112 17.57 1.54 26.00
CA GLN G 112 17.92 0.41 25.12
C GLN G 112 18.01 -0.90 25.92
N SER G 113 17.34 -1.93 25.39
CA SER G 113 17.05 -3.13 26.14
C SER G 113 18.28 -4.01 26.47
N VAL G 114 19.42 -3.66 25.90
CA VAL G 114 20.67 -4.31 26.25
C VAL G 114 21.31 -3.61 27.47
N LEU G 115 20.61 -2.62 28.01
CA LEU G 115 21.08 -1.90 29.19
C LEU G 115 20.35 -2.32 30.48
N LEU G 116 19.42 -3.27 30.35
CA LEU G 116 18.48 -3.62 31.43
C LEU G 116 18.87 -4.85 32.26
N PRO G 117 18.33 -4.96 33.50
CA PRO G 117 18.45 -6.05 34.46
C PRO G 117 18.87 -7.44 33.93
N LYS G 118 20.00 -7.92 34.46
CA LYS G 118 20.62 -9.24 34.19
C LYS G 118 20.80 -9.65 32.71
N LYS G 119 21.95 -9.24 32.16
CA LYS G 119 22.37 -9.56 30.76
C LYS G 119 21.49 -8.91 29.68
N THR G 120 21.52 -9.46 28.47
CA THR G 120 20.76 -8.95 27.31
C THR G 120 19.31 -9.49 27.29
N GLU G 121 18.41 -8.73 27.93
CA GLU G 121 16.99 -9.10 28.05
C GLU G 121 16.09 -8.16 27.24
N ARG H 30 4.70 53.55 21.47
CA ARG H 30 4.29 53.01 22.81
C ARG H 30 3.23 51.93 22.63
N LYS H 31 3.06 51.46 21.40
CA LYS H 31 1.90 50.63 21.05
C LYS H 31 2.20 49.49 20.05
N THR H 32 3.30 49.62 19.30
CA THR H 32 3.61 48.75 18.14
C THR H 32 3.10 47.32 18.29
N ARG H 33 2.12 46.98 17.45
CA ARG H 33 1.43 45.70 17.50
C ARG H 33 2.36 44.50 17.31
N LYS H 34 2.37 43.60 18.30
CA LYS H 34 3.00 42.30 18.10
C LYS H 34 1.90 41.26 17.93
N GLU H 35 1.32 41.25 16.73
CA GLU H 35 0.21 40.34 16.41
C GLU H 35 0.65 38.88 16.38
N SER H 36 0.05 38.06 17.24
CA SER H 36 0.31 36.61 17.24
C SER H 36 -0.98 35.77 17.09
N TYR H 37 -0.81 34.46 16.99
CA TYR H 37 -1.92 33.54 16.77
C TYR H 37 -2.52 33.08 18.09
N ALA H 38 -2.11 33.72 19.19
CA ALA H 38 -2.49 33.34 20.56
C ALA H 38 -3.97 32.99 20.74
N ILE H 39 -4.86 33.86 20.24
CA ILE H 39 -6.30 33.75 20.47
C ILE H 39 -7.00 32.74 19.56
N TYR H 40 -6.50 32.64 18.33
CA TYR H 40 -7.02 31.68 17.36
C TYR H 40 -6.63 30.28 17.78
N VAL H 41 -5.45 30.14 18.36
CA VAL H 41 -5.05 28.89 19.00
C VAL H 41 -6.06 28.57 20.08
N TYR H 42 -6.47 29.60 20.83
CA TYR H 42 -7.34 29.44 21.99
C TYR H 42 -8.76 29.04 21.59
N LYS H 43 -9.35 29.81 20.67
CA LYS H 43 -10.63 29.47 20.05
C LYS H 43 -10.68 28.01 19.64
N VAL H 44 -9.62 27.55 18.98
CA VAL H 44 -9.52 26.15 18.56
C VAL H 44 -9.31 25.23 19.75
N LEU H 45 -8.52 25.66 20.73
CA LEU H 45 -8.36 24.87 21.93
C LEU H 45 -9.73 24.67 22.55
N LYS H 46 -10.54 25.73 22.52
CA LYS H 46 -11.87 25.67 23.13
C LYS H 46 -12.78 24.67 22.43
N GLN H 47 -12.60 24.51 21.12
CA GLN H 47 -13.36 23.51 20.36
C GLN H 47 -12.94 22.08 20.69
N VAL H 48 -11.67 21.74 20.47
CA VAL H 48 -11.16 20.40 20.77
C VAL H 48 -11.21 20.03 22.26
N HIS H 49 -11.15 21.03 23.13
CA HIS H 49 -10.98 20.81 24.57
C HIS H 49 -11.41 22.04 25.37
N PRO H 50 -12.74 22.26 25.52
CA PRO H 50 -13.24 23.44 26.23
C PRO H 50 -13.02 23.45 27.76
N ASP H 51 -12.63 22.31 28.35
CA ASP H 51 -12.37 22.26 29.79
C ASP H 51 -10.88 22.46 30.11
N THR H 52 -10.10 22.81 29.09
CA THR H 52 -8.64 22.79 29.20
C THR H 52 -7.99 24.13 28.87
N GLY H 53 -6.92 24.45 29.61
CA GLY H 53 -6.17 25.68 29.41
C GLY H 53 -4.73 25.42 28.97
N ILE H 54 -3.98 26.49 28.75
CA ILE H 54 -2.63 26.37 28.22
C ILE H 54 -1.69 27.39 28.88
N SER H 55 -0.50 26.94 29.29
CA SER H 55 0.50 27.85 29.83
C SER H 55 1.06 28.72 28.71
N SER H 56 1.58 29.90 29.07
CA SER H 56 2.14 30.80 28.06
C SER H 56 3.38 30.21 27.42
N LYS H 57 4.20 29.56 28.23
CA LYS H 57 5.34 28.80 27.73
C LYS H 57 4.90 27.92 26.58
N ALA H 58 3.86 27.11 26.83
CA ALA H 58 3.29 26.19 25.85
C ALA H 58 2.47 26.87 24.75
N MET H 59 1.84 27.98 25.05
CA MET H 59 1.13 28.72 24.01
C MET H 59 2.14 29.26 23.00
N SER H 60 3.23 29.85 23.51
CA SER H 60 4.30 30.34 22.65
C SER H 60 4.78 29.25 21.66
N ILE H 61 5.12 28.07 22.17
CA ILE H 61 5.43 26.92 21.31
C ILE H 61 4.42 26.80 20.17
N MET H 62 3.14 26.97 20.46
CA MET H 62 2.11 26.84 19.45
C MET H 62 2.13 28.02 18.48
N ASN H 63 2.55 29.19 18.96
CA ASN H 63 2.69 30.32 18.07
C ASN H 63 3.88 30.13 17.14
N SER H 64 4.90 29.46 17.65
CA SER H 64 6.08 29.18 16.85
C SER H 64 5.73 28.14 15.81
N PHE H 65 5.04 27.10 16.26
CA PHE H 65 4.60 26.04 15.37
C PHE H 65 3.79 26.61 14.22
N VAL H 66 2.83 27.47 14.53
CA VAL H 66 1.93 27.96 13.50
C VAL H 66 2.69 28.72 12.45
N ASN H 67 3.53 29.68 12.88
CA ASN H 67 4.37 30.42 11.94
C ASN H 67 5.31 29.56 11.11
N ASP H 68 6.02 28.64 11.77
CA ASP H 68 6.94 27.72 11.11
C ASP H 68 6.24 27.14 9.93
N VAL H 69 5.13 26.44 10.20
CA VAL H 69 4.37 25.71 9.19
C VAL H 69 3.83 26.65 8.10
N PHE H 70 3.27 27.78 8.51
CA PHE H 70 2.87 28.80 7.55
C PHE H 70 4.01 29.07 6.57
N GLU H 71 5.20 29.33 7.11
CA GLU H 71 6.38 29.62 6.29
C GLU H 71 6.64 28.49 5.33
N ARG H 72 6.99 27.31 5.87
CA ARG H 72 7.25 26.13 5.04
C ARG H 72 6.28 26.06 3.85
N ILE H 73 4.98 26.15 4.12
CA ILE H 73 3.97 25.96 3.09
C ILE H 73 3.92 27.12 2.10
N ALA H 74 3.88 28.35 2.60
CA ALA H 74 3.92 29.52 1.71
C ALA H 74 5.22 29.60 0.89
N GLY H 75 6.33 29.22 1.53
CA GLY H 75 7.61 29.10 0.84
C GLY H 75 7.59 28.06 -0.27
N GLU H 76 7.20 26.85 0.09
CA GLU H 76 7.01 25.76 -0.87
C GLU H 76 6.03 26.10 -2.00
N ALA H 77 4.96 26.82 -1.67
CA ALA H 77 4.00 27.29 -2.67
C ALA H 77 4.61 28.36 -3.55
N SER H 78 5.39 29.25 -2.94
CA SER H 78 6.13 30.27 -3.67
C SER H 78 6.99 29.67 -4.76
N ARG H 79 7.76 28.65 -4.40
CA ARG H 79 8.58 27.91 -5.34
C ARG H 79 7.75 27.30 -6.47
N LEU H 80 6.61 26.72 -6.12
CA LEU H 80 5.78 26.03 -7.11
C LEU H 80 5.37 26.93 -8.25
N ALA H 81 4.75 28.07 -7.91
CA ALA H 81 4.32 29.03 -8.90
C ALA H 81 5.51 29.49 -9.74
N HIS H 82 6.63 29.78 -9.09
CA HIS H 82 7.89 30.14 -9.77
C HIS H 82 8.35 29.08 -10.74
N TYR H 83 8.31 27.83 -10.32
CA TYR H 83 8.68 26.74 -11.21
C TYR H 83 7.77 26.72 -12.43
N ASN H 84 6.49 26.98 -12.21
CA ASN H 84 5.51 26.97 -13.30
C ASN H 84 5.24 28.36 -13.90
N LYS H 85 6.20 29.26 -13.75
CA LYS H 85 6.11 30.62 -14.30
C LYS H 85 4.75 31.28 -14.08
N ARG H 86 4.09 30.95 -12.97
CA ARG H 86 2.86 31.63 -12.54
C ARG H 86 3.16 32.80 -11.62
N SER H 87 2.41 33.89 -11.82
CA SER H 87 2.51 35.07 -10.96
C SER H 87 1.50 35.04 -9.81
N THR H 88 0.57 34.09 -9.85
CA THR H 88 -0.48 33.96 -8.82
C THR H 88 -0.37 32.67 -8.01
N ILE H 89 -0.34 32.82 -6.69
CA ILE H 89 -0.52 31.71 -5.78
C ILE H 89 -2.03 31.59 -5.57
N THR H 90 -2.59 30.44 -5.96
CA THR H 90 -4.01 30.16 -5.80
C THR H 90 -4.19 29.06 -4.76
N SER H 91 -5.44 28.71 -4.49
CA SER H 91 -5.75 27.55 -3.63
C SER H 91 -5.02 26.30 -4.09
N ARG H 92 -4.85 26.17 -5.41
CA ARG H 92 -4.24 24.99 -6.00
C ARG H 92 -2.78 24.85 -5.59
N GLU H 93 -2.01 25.94 -5.67
CA GLU H 93 -0.61 25.92 -5.23
C GLU H 93 -0.49 25.47 -3.78
N ILE H 94 -1.29 26.07 -2.90
CA ILE H 94 -1.32 25.67 -1.51
C ILE H 94 -1.48 24.16 -1.44
N GLN H 95 -2.50 23.65 -2.12
CA GLN H 95 -2.83 22.25 -2.08
C GLN H 95 -1.62 21.34 -2.33
N THR H 96 -0.97 21.54 -3.49
CA THR H 96 0.15 20.69 -3.91
C THR H 96 1.25 20.76 -2.88
N ALA H 97 1.55 21.98 -2.44
CA ALA H 97 2.53 22.25 -1.40
C ALA H 97 2.26 21.44 -0.13
N VAL H 98 0.99 21.46 0.30
CA VAL H 98 0.52 20.70 1.46
C VAL H 98 0.78 19.21 1.28
N ARG H 99 0.59 18.74 0.05
CA ARG H 99 0.89 17.34 -0.29
C ARG H 99 2.39 17.09 -0.27
N LEU H 100 3.16 18.03 -0.81
CA LEU H 100 4.63 17.94 -0.83
C LEU H 100 5.20 17.95 0.57
N LEU H 101 4.56 18.68 1.47
CA LEU H 101 5.13 18.97 2.79
C LEU H 101 4.64 18.08 3.94
N LEU H 102 3.35 17.82 4.00
CA LEU H 102 2.81 17.04 5.12
C LEU H 102 2.92 15.58 4.76
N PRO H 103 3.10 14.69 5.77
CA PRO H 103 3.17 13.26 5.56
C PRO H 103 1.82 12.65 5.10
N GLY H 104 1.89 11.53 4.38
CA GLY H 104 0.73 10.93 3.71
C GLY H 104 -0.62 11.18 4.38
N GLU H 105 -0.81 10.55 5.54
CA GLU H 105 -2.08 10.59 6.26
C GLU H 105 -2.47 11.99 6.76
N LEU H 106 -1.47 12.76 7.22
CA LEU H 106 -1.72 14.12 7.68
C LEU H 106 -2.01 15.04 6.49
N ALA H 107 -1.31 14.79 5.39
CA ALA H 107 -1.57 15.47 4.13
C ALA H 107 -2.97 15.11 3.66
N LYS H 108 -3.39 13.87 3.95
CA LYS H 108 -4.69 13.38 3.52
C LYS H 108 -5.79 14.22 4.16
N HIS H 109 -5.76 14.31 5.49
CA HIS H 109 -6.78 15.04 6.23
C HIS H 109 -6.80 16.52 5.90
N ALA H 110 -5.60 17.11 5.80
CA ALA H 110 -5.44 18.54 5.58
C ALA H 110 -6.00 19.01 4.23
N VAL H 111 -5.84 18.19 3.20
CA VAL H 111 -6.40 18.46 1.89
C VAL H 111 -7.94 18.55 1.96
N SER H 112 -8.55 17.53 2.57
CA SER H 112 -9.99 17.49 2.80
C SER H 112 -10.52 18.75 3.52
N GLU H 113 -9.92 19.06 4.67
CA GLU H 113 -10.25 20.27 5.42
C GLU H 113 -9.98 21.55 4.62
N GLY H 114 -9.00 21.50 3.73
CA GLY H 114 -8.67 22.63 2.88
C GLY H 114 -9.73 22.84 1.84
N THR H 115 -10.21 21.74 1.25
CA THR H 115 -11.21 21.80 0.18
C THR H 115 -12.58 22.15 0.74
N LYS H 116 -12.86 21.70 1.96
CA LYS H 116 -14.06 22.08 2.67
C LYS H 116 -14.13 23.61 2.78
N ALA H 117 -13.09 24.19 3.38
CA ALA H 117 -13.06 25.63 3.63
C ALA H 117 -13.25 26.46 2.36
N VAL H 118 -12.58 26.08 1.29
CA VAL H 118 -12.71 26.80 0.03
C VAL H 118 -14.12 26.66 -0.56
N THR H 119 -14.71 25.46 -0.45
CA THR H 119 -16.05 25.23 -0.99
C THR H 119 -17.11 25.98 -0.18
N LYS H 120 -17.14 25.74 1.12
CA LYS H 120 -18.05 26.48 2.01
C LYS H 120 -17.96 28.00 1.81
N TYR H 121 -16.74 28.51 1.62
CA TYR H 121 -16.48 29.96 1.47
C TYR H 121 -17.03 30.55 0.17
N THR H 122 -17.04 29.77 -0.91
CA THR H 122 -17.60 30.23 -2.18
C THR H 122 -19.09 29.89 -2.30
N SER H 123 -19.54 28.92 -1.52
CA SER H 123 -20.97 28.60 -1.44
C SER H 123 -21.73 29.74 -0.77
N ALA H 124 -21.03 30.45 0.11
CA ALA H 124 -21.59 31.54 0.92
C ALA H 124 -22.20 32.69 0.11
N LYS H 125 -23.13 33.39 0.75
CA LYS H 125 -23.98 34.45 0.17
C LYS H 125 -23.22 35.64 -0.45
N LYS K 38 -35.69 -3.31 -56.90
CA LYS K 38 -35.98 -3.84 -55.53
C LYS K 38 -35.48 -5.27 -55.37
N PRO K 39 -34.15 -5.46 -55.18
CA PRO K 39 -33.66 -6.78 -54.71
C PRO K 39 -34.24 -7.11 -53.32
N HIS K 40 -34.87 -8.28 -53.20
CA HIS K 40 -35.65 -8.65 -52.01
C HIS K 40 -34.90 -8.47 -50.70
N ARG K 41 -35.39 -7.56 -49.87
CA ARG K 41 -34.71 -7.18 -48.64
C ARG K 41 -35.54 -7.45 -47.40
N TYR K 42 -34.90 -8.02 -46.39
CA TYR K 42 -35.58 -8.43 -45.17
C TYR K 42 -35.75 -7.27 -44.21
N ARG K 43 -36.87 -7.27 -43.48
CA ARG K 43 -37.09 -6.31 -42.40
C ARG K 43 -35.88 -6.30 -41.48
N PRO K 44 -35.39 -5.11 -41.09
CA PRO K 44 -34.31 -5.03 -40.11
C PRO K 44 -34.69 -5.72 -38.81
N GLY K 45 -33.87 -6.69 -38.42
CA GLY K 45 -34.13 -7.52 -37.23
C GLY K 45 -34.79 -8.85 -37.54
N THR K 46 -34.67 -9.32 -38.77
CA THR K 46 -35.14 -10.65 -39.14
C THR K 46 -33.98 -11.59 -39.41
N VAL K 47 -32.92 -11.05 -40.00
CA VAL K 47 -31.69 -11.81 -40.18
C VAL K 47 -31.05 -12.15 -38.81
N ALA K 48 -31.21 -11.26 -37.83
CA ALA K 48 -30.71 -11.48 -36.47
C ALA K 48 -31.44 -12.65 -35.84
N LEU K 49 -32.77 -12.57 -35.82
CA LEU K 49 -33.63 -13.66 -35.34
C LEU K 49 -33.26 -14.99 -35.98
N ARG K 50 -33.02 -14.96 -37.28
CA ARG K 50 -32.57 -16.13 -38.03
C ARG K 50 -31.21 -16.65 -37.53
N GLU K 51 -30.30 -15.72 -37.24
CA GLU K 51 -28.96 -16.07 -36.80
C GLU K 51 -28.95 -16.63 -35.39
N ILE K 52 -29.74 -16.05 -34.50
CA ILE K 52 -29.88 -16.58 -33.15
C ILE K 52 -30.27 -18.05 -33.25
N ARG K 53 -31.32 -18.31 -34.04
CA ARG K 53 -31.88 -19.65 -34.17
C ARG K 53 -30.84 -20.63 -34.68
N ARG K 54 -30.10 -20.19 -35.70
CA ARG K 54 -29.07 -21.03 -36.27
C ARG K 54 -27.97 -21.30 -35.25
N TYR K 55 -27.36 -20.24 -34.73
CA TYR K 55 -26.20 -20.38 -33.87
C TYR K 55 -26.53 -21.09 -32.56
N GLN K 56 -27.69 -20.78 -31.98
CA GLN K 56 -28.16 -21.46 -30.76
C GLN K 56 -28.26 -22.96 -30.94
N LYS K 57 -28.61 -23.38 -32.15
CA LYS K 57 -28.74 -24.79 -32.50
C LYS K 57 -27.40 -25.52 -32.74
N SER K 58 -26.32 -24.77 -32.96
CA SER K 58 -25.03 -25.38 -33.21
C SER K 58 -24.13 -25.27 -31.99
N THR K 59 -22.92 -25.85 -32.09
CA THR K 59 -21.93 -25.88 -31.00
C THR K 59 -20.50 -25.58 -31.44
N GLU K 60 -20.29 -25.34 -32.73
CA GLU K 60 -18.95 -25.02 -33.26
C GLU K 60 -18.41 -23.73 -32.65
N LEU K 61 -17.09 -23.61 -32.51
CA LEU K 61 -16.50 -22.39 -31.94
C LEU K 61 -16.69 -21.19 -32.87
N LEU K 62 -17.03 -20.04 -32.32
CA LEU K 62 -17.45 -18.90 -33.14
C LEU K 62 -16.34 -17.88 -33.39
N ILE K 63 -15.22 -18.09 -32.71
CA ILE K 63 -14.01 -17.31 -32.93
C ILE K 63 -13.10 -18.10 -33.86
N ARG K 64 -12.46 -17.42 -34.80
CA ARG K 64 -11.56 -18.13 -35.72
C ARG K 64 -10.34 -18.59 -34.94
N LYS K 65 -9.87 -19.78 -35.27
CA LYS K 65 -8.91 -20.49 -34.41
C LYS K 65 -7.57 -19.77 -34.20
N LEU K 66 -7.04 -19.20 -35.28
CA LEU K 66 -5.72 -18.57 -35.26
C LEU K 66 -5.70 -17.25 -34.50
N PRO K 67 -6.64 -16.31 -34.80
CA PRO K 67 -6.64 -15.04 -34.08
C PRO K 67 -6.71 -15.29 -32.58
N PHE K 68 -7.59 -16.20 -32.17
CA PHE K 68 -7.73 -16.52 -30.77
C PHE K 68 -6.40 -16.97 -30.20
N GLN K 69 -5.78 -17.91 -30.91
CA GLN K 69 -4.51 -18.47 -30.49
C GLN K 69 -3.47 -17.39 -30.27
N ARG K 70 -3.44 -16.40 -31.15
CA ARG K 70 -2.47 -15.32 -31.04
C ARG K 70 -2.61 -14.62 -29.71
N LEU K 71 -3.82 -14.16 -29.42
CA LEU K 71 -4.17 -13.47 -28.16
C LEU K 71 -3.75 -14.24 -26.91
N VAL K 72 -3.99 -15.54 -26.91
CA VAL K 72 -3.53 -16.41 -25.82
C VAL K 72 -2.03 -16.26 -25.57
N ARG K 73 -1.24 -16.45 -26.63
CA ARG K 73 0.22 -16.35 -26.59
C ARG K 73 0.74 -14.97 -26.17
N GLU K 74 0.08 -13.92 -26.68
CA GLU K 74 0.43 -12.54 -26.40
C GLU K 74 0.21 -12.19 -24.92
N ILE K 75 -0.87 -12.73 -24.35
CA ILE K 75 -1.19 -12.54 -22.93
C ILE K 75 -0.28 -13.41 -22.06
N ALA K 76 0.05 -14.61 -22.54
CA ALA K 76 0.93 -15.51 -21.80
C ALA K 76 2.35 -14.94 -21.72
N GLN K 77 2.72 -14.19 -22.74
CA GLN K 77 4.04 -13.59 -22.85
C GLN K 77 4.36 -12.72 -21.64
N ASP K 78 3.34 -12.09 -21.07
CA ASP K 78 3.49 -11.13 -19.96
C ASP K 78 3.60 -11.78 -18.56
N PHE K 79 3.66 -13.11 -18.51
CA PHE K 79 3.82 -13.80 -17.24
C PHE K 79 5.07 -14.66 -17.27
N LYS K 80 5.48 -15.03 -18.47
CA LYS K 80 6.68 -15.79 -18.73
C LYS K 80 6.86 -15.78 -20.23
N THR K 81 8.07 -15.48 -20.70
CA THR K 81 8.36 -15.55 -22.13
C THR K 81 8.77 -16.97 -22.46
N ASP K 82 8.73 -17.29 -23.76
CA ASP K 82 9.34 -18.52 -24.24
C ASP K 82 8.43 -19.69 -23.94
N LEU K 83 7.15 -19.53 -24.23
CA LEU K 83 6.14 -20.49 -23.78
C LEU K 83 5.54 -21.35 -24.87
N ARG K 84 5.30 -22.61 -24.51
CA ARG K 84 4.66 -23.57 -25.40
C ARG K 84 3.25 -23.95 -24.89
N PHE K 85 2.41 -24.42 -25.81
CA PHE K 85 1.02 -24.78 -25.50
C PHE K 85 0.64 -26.09 -26.15
N GLN K 86 0.04 -26.99 -25.38
CA GLN K 86 -0.57 -28.16 -25.97
C GLN K 86 -1.79 -27.68 -26.72
N SER K 87 -1.94 -28.09 -27.98
CA SER K 87 -3.07 -27.67 -28.80
C SER K 87 -4.39 -27.75 -28.03
N SER K 88 -4.52 -28.81 -27.23
CA SER K 88 -5.66 -29.02 -26.33
C SER K 88 -5.84 -27.87 -25.33
N ALA K 89 -4.73 -27.33 -24.83
CA ALA K 89 -4.76 -26.27 -23.83
C ALA K 89 -5.17 -24.94 -24.42
N VAL K 90 -4.96 -24.75 -25.72
CA VAL K 90 -5.49 -23.55 -26.34
C VAL K 90 -6.99 -23.72 -26.46
N MET K 91 -7.42 -24.81 -27.09
CA MET K 91 -8.84 -25.17 -27.15
C MET K 91 -9.52 -25.00 -25.78
N ALA K 92 -9.07 -25.77 -24.81
CA ALA K 92 -9.59 -25.72 -23.45
C ALA K 92 -9.80 -24.28 -23.00
N LEU K 93 -8.94 -23.39 -23.48
CA LEU K 93 -9.11 -21.97 -23.20
C LEU K 93 -10.19 -21.32 -24.09
N GLN K 94 -10.21 -21.65 -25.39
CA GLN K 94 -11.19 -21.06 -26.29
C GLN K 94 -12.59 -21.44 -25.88
N GLU K 95 -12.80 -22.74 -25.67
CA GLU K 95 -14.07 -23.24 -25.17
C GLU K 95 -14.46 -22.55 -23.87
N ALA K 96 -13.49 -22.39 -22.98
CA ALA K 96 -13.74 -21.82 -21.67
C ALA K 96 -14.14 -20.38 -21.81
N SER K 97 -13.46 -19.68 -22.72
CA SER K 97 -13.74 -18.28 -23.05
C SER K 97 -15.12 -18.13 -23.65
N GLU K 98 -15.37 -18.92 -24.69
CA GLU K 98 -16.56 -18.81 -25.49
C GLU K 98 -17.86 -19.00 -24.70
N ALA K 99 -17.89 -19.94 -23.76
CA ALA K 99 -19.08 -20.13 -22.94
C ALA K 99 -19.31 -18.88 -22.11
N TYR K 100 -18.26 -18.47 -21.41
CA TYR K 100 -18.28 -17.27 -20.57
C TYR K 100 -18.99 -16.12 -21.22
N LEU K 101 -18.51 -15.71 -22.40
CA LEU K 101 -19.06 -14.55 -23.08
C LEU K 101 -20.54 -14.76 -23.41
N VAL K 102 -20.88 -15.89 -24.02
CA VAL K 102 -22.26 -16.14 -24.39
C VAL K 102 -23.20 -16.06 -23.17
N ALA K 103 -22.83 -16.73 -22.08
CA ALA K 103 -23.51 -16.56 -20.79
C ALA K 103 -23.62 -15.07 -20.48
N LEU K 104 -22.48 -14.39 -20.39
CA LEU K 104 -22.45 -12.94 -20.14
C LEU K 104 -23.34 -12.18 -21.13
N PHE K 105 -23.48 -12.73 -22.32
CA PHE K 105 -24.30 -12.10 -23.33
C PHE K 105 -25.77 -12.37 -23.06
N GLU K 106 -26.07 -13.55 -22.51
CA GLU K 106 -27.42 -13.82 -22.01
C GLU K 106 -27.77 -12.79 -20.95
N ASP K 107 -26.89 -12.62 -19.95
CA ASP K 107 -27.20 -11.74 -18.83
C ASP K 107 -27.32 -10.29 -19.27
N THR K 108 -26.39 -9.85 -20.09
CA THR K 108 -26.43 -8.50 -20.68
C THR K 108 -27.80 -8.18 -21.29
N ASN K 109 -28.25 -9.08 -22.16
CA ASN K 109 -29.56 -9.07 -22.80
C ASN K 109 -30.76 -8.97 -21.83
N LEU K 110 -30.64 -9.58 -20.66
CA LEU K 110 -31.64 -9.39 -19.64
C LEU K 110 -31.61 -7.95 -19.08
N CYS K 111 -30.43 -7.34 -18.97
CA CYS K 111 -30.34 -5.94 -18.51
C CYS K 111 -30.80 -4.96 -19.57
N ALA K 112 -30.40 -5.26 -20.81
CA ALA K 112 -30.89 -4.54 -21.97
C ALA K 112 -32.43 -4.50 -21.97
N ILE K 113 -33.07 -5.67 -21.82
CA ILE K 113 -34.54 -5.71 -21.74
C ILE K 113 -35.08 -5.11 -20.44
N HIS K 114 -34.32 -5.25 -19.35
CA HIS K 114 -34.75 -4.66 -18.08
C HIS K 114 -34.99 -3.14 -18.27
N ALA K 115 -34.06 -2.50 -18.98
CA ALA K 115 -34.14 -1.09 -19.35
C ALA K 115 -35.11 -0.86 -20.51
N LYS K 116 -36.01 -1.81 -20.74
CA LYS K 116 -37.04 -1.72 -21.78
C LYS K 116 -36.47 -1.39 -23.16
N ARG K 117 -35.25 -1.84 -23.42
CA ARG K 117 -34.65 -1.65 -24.74
C ARG K 117 -34.56 -3.03 -25.39
N VAL K 118 -33.92 -3.12 -26.56
CA VAL K 118 -33.65 -4.42 -27.20
C VAL K 118 -32.23 -4.43 -27.74
N THR K 119 -31.51 -3.34 -27.51
CA THR K 119 -30.13 -3.25 -27.93
C THR K 119 -29.25 -3.28 -26.70
N ILE K 120 -28.25 -4.15 -26.73
CA ILE K 120 -27.33 -4.30 -25.62
C ILE K 120 -26.20 -3.29 -25.75
N MET K 121 -25.76 -2.74 -24.62
CA MET K 121 -24.79 -1.65 -24.57
C MET K 121 -23.84 -1.87 -23.42
N PRO K 122 -22.60 -1.29 -23.49
CA PRO K 122 -21.63 -1.46 -22.40
C PRO K 122 -22.22 -1.33 -20.98
N LYS K 123 -23.11 -0.37 -20.77
CA LYS K 123 -23.67 -0.19 -19.44
C LYS K 123 -24.44 -1.42 -18.97
N ASP K 124 -24.90 -2.22 -19.94
CA ASP K 124 -25.58 -3.48 -19.64
C ASP K 124 -24.61 -4.58 -19.22
N ILE K 125 -23.46 -4.65 -19.89
CA ILE K 125 -22.42 -5.63 -19.59
C ILE K 125 -21.75 -5.25 -18.28
N GLN K 126 -21.92 -4.00 -17.88
CA GLN K 126 -21.30 -3.53 -16.65
C GLN K 126 -22.23 -3.84 -15.48
N LEU K 127 -23.51 -3.50 -15.63
CA LEU K 127 -24.51 -3.85 -14.62
C LEU K 127 -24.52 -5.38 -14.38
N ALA K 128 -24.50 -6.16 -15.47
CA ALA K 128 -24.42 -7.61 -15.41
C ALA K 128 -23.14 -8.11 -14.70
N ARG K 129 -22.03 -7.43 -14.95
CA ARG K 129 -20.74 -7.82 -14.36
C ARG K 129 -20.56 -7.32 -12.95
N ARG K 130 -21.23 -6.20 -12.63
CA ARG K 130 -21.23 -5.74 -11.25
C ARG K 130 -21.94 -6.76 -10.37
N ILE K 131 -23.06 -7.28 -10.85
CA ILE K 131 -23.87 -8.17 -10.04
C ILE K 131 -23.36 -9.60 -10.02
N ARG K 132 -22.84 -10.09 -11.15
CA ARG K 132 -22.11 -11.38 -11.15
C ARG K 132 -20.98 -11.30 -10.11
N GLY K 133 -20.72 -10.08 -9.63
CA GLY K 133 -19.72 -9.85 -8.60
C GLY K 133 -18.32 -9.82 -9.16
N GLU K 134 -18.21 -9.51 -10.45
CA GLU K 134 -16.90 -9.49 -11.11
C GLU K 134 -16.22 -8.15 -10.91
N ARG K 135 -17.03 -7.09 -10.82
CA ARG K 135 -16.57 -5.73 -10.52
C ARG K 135 -16.93 -5.35 -9.07
N ALA K 136 -17.04 -6.38 -8.21
CA ALA K 136 -17.30 -6.23 -6.76
C ALA K 136 -16.47 -7.19 -5.87
N ASP L 24 -2.51 -4.64 -30.21
CA ASP L 24 -2.61 -5.66 -31.29
C ASP L 24 -3.19 -6.99 -30.78
N ASN L 25 -3.41 -7.93 -31.72
CA ASN L 25 -3.96 -9.27 -31.44
C ASN L 25 -5.42 -9.27 -31.03
N ILE L 26 -5.70 -8.63 -29.89
CA ILE L 26 -7.06 -8.42 -29.40
C ILE L 26 -8.00 -8.07 -30.53
N GLN L 27 -7.52 -7.27 -31.48
CA GLN L 27 -8.33 -6.79 -32.58
C GLN L 27 -8.65 -7.87 -33.59
N GLY L 28 -7.99 -9.03 -33.47
CA GLY L 28 -8.28 -10.20 -34.30
C GLY L 28 -9.67 -10.76 -33.99
N ILE L 29 -10.08 -10.59 -32.74
CA ILE L 29 -11.42 -10.90 -32.29
C ILE L 29 -12.32 -9.82 -32.90
N THR L 30 -12.90 -10.15 -34.05
CA THR L 30 -13.54 -9.16 -34.91
C THR L 30 -14.95 -8.79 -34.51
N LYS L 31 -15.41 -7.64 -35.00
CA LYS L 31 -16.78 -7.21 -34.89
C LYS L 31 -17.75 -8.33 -35.28
N PRO L 32 -17.58 -8.94 -36.48
CA PRO L 32 -18.56 -9.99 -36.80
C PRO L 32 -18.47 -11.21 -35.87
N ALA L 33 -17.25 -11.54 -35.43
CA ALA L 33 -17.04 -12.67 -34.54
C ALA L 33 -17.81 -12.47 -33.25
N ILE L 34 -17.52 -11.40 -32.52
CA ILE L 34 -18.17 -11.13 -31.24
C ILE L 34 -19.69 -11.20 -31.43
N ARG L 35 -20.16 -10.65 -32.54
CA ARG L 35 -21.58 -10.63 -32.89
C ARG L 35 -22.22 -12.02 -32.94
N ARG L 36 -21.45 -13.03 -33.36
CA ARG L 36 -21.90 -14.41 -33.31
C ARG L 36 -22.04 -14.96 -31.90
N LEU L 37 -21.11 -14.61 -31.02
CA LEU L 37 -21.24 -15.01 -29.62
C LEU L 37 -22.52 -14.39 -29.06
N ALA L 38 -22.69 -13.09 -29.29
CA ALA L 38 -23.89 -12.38 -28.87
C ALA L 38 -25.14 -13.04 -29.45
N ARG L 39 -25.05 -13.47 -30.70
CA ARG L 39 -26.17 -14.15 -31.36
C ARG L 39 -26.59 -15.41 -30.61
N ARG L 40 -25.61 -16.24 -30.26
CA ARG L 40 -25.83 -17.49 -29.54
C ARG L 40 -26.42 -17.19 -28.16
N GLY L 41 -26.00 -16.06 -27.60
CA GLY L 41 -26.54 -15.57 -26.34
C GLY L 41 -27.94 -15.00 -26.45
N GLY L 42 -28.52 -15.07 -27.65
CA GLY L 42 -29.89 -14.65 -27.86
C GLY L 42 -30.09 -13.15 -28.00
N VAL L 43 -28.99 -12.40 -28.17
CA VAL L 43 -29.05 -10.95 -28.36
C VAL L 43 -29.35 -10.64 -29.79
N LYS L 44 -30.38 -9.80 -29.99
CA LYS L 44 -30.89 -9.45 -31.31
C LYS L 44 -30.21 -8.24 -31.96
N ARG L 45 -29.91 -7.24 -31.15
CA ARG L 45 -29.43 -5.94 -31.65
C ARG L 45 -28.24 -5.45 -30.83
N ILE L 46 -27.23 -4.92 -31.53
CA ILE L 46 -25.95 -4.62 -30.88
C ILE L 46 -25.48 -3.18 -31.09
N SER L 47 -25.51 -2.40 -30.01
CA SER L 47 -24.89 -1.07 -29.99
C SER L 47 -23.47 -1.08 -30.49
N GLY L 48 -23.11 -0.06 -31.26
CA GLY L 48 -21.78 0.08 -31.83
C GLY L 48 -20.69 -0.09 -30.80
N LEU L 49 -20.91 0.50 -29.62
CA LEU L 49 -19.89 0.53 -28.57
C LEU L 49 -19.58 -0.81 -27.82
N ILE L 50 -20.26 -1.89 -28.24
CA ILE L 50 -20.10 -3.21 -27.61
C ILE L 50 -18.75 -3.86 -27.87
N TYR L 51 -18.35 -3.92 -29.13
CA TYR L 51 -17.20 -4.70 -29.56
C TYR L 51 -15.92 -4.34 -28.81
N GLU L 52 -15.69 -3.05 -28.63
CA GLU L 52 -14.58 -2.60 -27.82
C GLU L 52 -14.74 -3.10 -26.39
N GLU L 53 -15.94 -2.91 -25.83
CA GLU L 53 -16.27 -3.36 -24.46
C GLU L 53 -16.05 -4.88 -24.25
N THR L 54 -16.42 -5.67 -25.25
CA THR L 54 -16.24 -7.10 -25.18
C THR L 54 -14.76 -7.45 -25.27
N ARG L 55 -14.08 -6.82 -26.24
CA ARG L 55 -12.64 -7.02 -26.37
C ARG L 55 -12.01 -6.74 -25.01
N GLY L 56 -12.47 -5.66 -24.37
CA GLY L 56 -12.05 -5.36 -23.02
C GLY L 56 -12.20 -6.54 -22.09
N VAL L 57 -13.47 -6.95 -21.89
CA VAL L 57 -13.91 -8.03 -20.99
C VAL L 57 -13.20 -9.37 -21.17
N LEU L 58 -13.03 -9.78 -22.43
CA LEU L 58 -12.39 -11.05 -22.75
C LEU L 58 -10.92 -11.03 -22.38
N LYS L 59 -10.27 -9.89 -22.64
CA LYS L 59 -8.87 -9.72 -22.31
C LYS L 59 -8.72 -9.81 -20.79
N VAL L 60 -9.68 -9.22 -20.07
CA VAL L 60 -9.69 -9.32 -18.60
C VAL L 60 -9.87 -10.78 -18.18
N PHE L 61 -10.70 -11.52 -18.93
CA PHE L 61 -10.99 -12.90 -18.64
C PHE L 61 -9.79 -13.78 -18.83
N LEU L 62 -9.19 -13.76 -20.02
CA LEU L 62 -8.05 -14.61 -20.33
C LEU L 62 -6.83 -14.31 -19.47
N GLU L 63 -6.60 -13.02 -19.21
CA GLU L 63 -5.56 -12.56 -18.26
C GLU L 63 -5.56 -13.34 -16.94
N ASN L 64 -6.72 -13.42 -16.29
CA ASN L 64 -6.87 -14.18 -15.05
C ASN L 64 -6.54 -15.66 -15.21
N VAL L 65 -7.20 -16.30 -16.18
CA VAL L 65 -7.07 -17.74 -16.38
C VAL L 65 -5.62 -18.09 -16.73
N ILE L 66 -5.08 -17.46 -17.79
CA ILE L 66 -3.71 -17.72 -18.23
C ILE L 66 -2.70 -17.48 -17.10
N ARG L 67 -2.89 -16.39 -16.34
CA ARG L 67 -2.07 -16.15 -15.17
C ARG L 67 -1.93 -17.42 -14.31
N ASP L 68 -3.07 -17.92 -13.81
CA ASP L 68 -3.11 -19.11 -12.94
C ASP L 68 -2.64 -20.37 -13.65
N ALA L 69 -2.97 -20.47 -14.94
CA ALA L 69 -2.52 -21.59 -15.73
C ALA L 69 -1.01 -21.63 -15.68
N VAL L 70 -0.41 -20.51 -16.08
CA VAL L 70 1.04 -20.36 -16.15
C VAL L 70 1.68 -20.60 -14.79
N THR L 71 1.05 -20.08 -13.74
CA THR L 71 1.51 -20.34 -12.39
C THR L 71 1.64 -21.85 -12.11
N TYR L 72 0.69 -22.64 -12.58
CA TYR L 72 0.78 -24.11 -12.43
C TYR L 72 1.94 -24.70 -13.19
N THR L 73 2.19 -24.16 -14.38
CA THR L 73 3.30 -24.63 -15.22
C THR L 73 4.63 -24.42 -14.52
N GLU L 74 4.88 -23.18 -14.09
CA GLU L 74 6.13 -22.82 -13.44
C GLU L 74 6.43 -23.67 -12.21
N HIS L 75 5.38 -24.09 -11.50
CA HIS L 75 5.56 -24.93 -10.34
C HIS L 75 6.05 -26.32 -10.73
N ALA L 76 5.49 -26.89 -11.79
CA ALA L 76 5.90 -28.23 -12.26
C ALA L 76 7.23 -28.19 -13.03
N LYS L 77 7.82 -26.99 -13.13
CA LYS L 77 9.09 -26.74 -13.78
C LYS L 77 9.03 -26.93 -15.31
N ARG L 78 7.87 -26.69 -15.91
CA ARG L 78 7.74 -26.90 -17.36
C ARG L 78 7.78 -25.60 -18.18
N LYS L 79 7.98 -25.77 -19.48
CA LYS L 79 7.99 -24.67 -20.46
C LYS L 79 6.82 -24.83 -21.43
N THR L 80 5.97 -25.81 -21.14
CA THR L 80 4.79 -26.05 -21.95
C THR L 80 3.51 -26.14 -21.10
N VAL L 81 2.63 -25.17 -21.30
CA VAL L 81 1.33 -25.15 -20.64
C VAL L 81 0.48 -26.29 -21.17
N THR L 82 0.09 -27.18 -20.26
CA THR L 82 -0.76 -28.33 -20.61
C THR L 82 -2.24 -27.98 -20.42
N ALA L 83 -3.09 -28.88 -20.91
CA ALA L 83 -4.54 -28.73 -20.73
C ALA L 83 -4.86 -28.74 -19.26
N MET L 84 -4.26 -29.69 -18.53
CA MET L 84 -4.42 -29.80 -17.09
C MET L 84 -4.19 -28.48 -16.38
N ASP L 85 -3.12 -27.79 -16.77
CA ASP L 85 -2.78 -26.49 -16.23
C ASP L 85 -3.90 -25.47 -16.43
N VAL L 86 -4.61 -25.56 -17.54
CA VAL L 86 -5.69 -24.65 -17.83
C VAL L 86 -6.94 -25.14 -17.09
N VAL L 87 -7.13 -26.45 -17.07
CA VAL L 87 -8.33 -26.98 -16.42
C VAL L 87 -8.27 -26.75 -14.90
N TYR L 88 -7.09 -26.91 -14.31
CA TYR L 88 -6.93 -26.58 -12.91
C TYR L 88 -7.17 -25.09 -12.69
N ALA L 89 -6.65 -24.26 -13.60
CA ALA L 89 -6.85 -22.82 -13.56
C ALA L 89 -8.36 -22.46 -13.54
N LEU L 90 -9.12 -23.15 -14.36
CA LEU L 90 -10.55 -22.89 -14.50
C LEU L 90 -11.38 -23.35 -13.31
N LYS L 91 -10.89 -24.38 -12.61
CA LYS L 91 -11.56 -24.91 -11.43
C LYS L 91 -11.57 -23.86 -10.33
N ARG L 92 -10.37 -23.46 -9.89
CA ARG L 92 -10.22 -22.41 -8.89
C ARG L 92 -10.70 -21.00 -9.34
N GLN L 93 -10.94 -20.80 -10.64
CA GLN L 93 -11.58 -19.58 -11.13
C GLN L 93 -13.08 -19.65 -10.89
N GLY L 94 -13.59 -20.87 -10.68
CA GLY L 94 -15.01 -21.09 -10.52
C GLY L 94 -15.63 -21.63 -11.78
N ARG L 95 -15.00 -21.35 -12.92
CA ARG L 95 -15.55 -21.74 -14.22
C ARG L 95 -15.04 -23.12 -14.68
N THR L 96 -15.50 -24.20 -14.03
CA THR L 96 -15.06 -25.56 -14.33
C THR L 96 -15.35 -25.96 -15.80
N LEU L 97 -14.49 -26.81 -16.35
CA LEU L 97 -14.63 -27.27 -17.75
C LEU L 97 -14.51 -28.79 -17.84
N TYR L 98 -15.37 -29.41 -18.66
CA TYR L 98 -15.37 -30.86 -18.83
C TYR L 98 -14.85 -31.21 -20.20
N GLY L 99 -14.07 -32.28 -20.26
CA GLY L 99 -13.65 -32.82 -21.55
C GLY L 99 -12.30 -32.37 -22.03
N PHE L 100 -11.38 -32.17 -21.09
CA PHE L 100 -9.98 -31.93 -21.37
C PHE L 100 -9.13 -32.51 -20.25
N GLY L 101 -9.81 -32.88 -19.16
CA GLY L 101 -9.17 -33.45 -17.97
C GLY L 101 -8.74 -34.90 -18.09
N GLY L 102 -8.96 -35.48 -19.28
CA GLY L 102 -8.71 -36.93 -19.55
C GLY L 102 -7.30 -37.43 -19.27
N LYS M 15 15.22 -23.02 22.75
CA LYS M 15 15.07 -22.04 21.64
C LYS M 15 13.99 -22.52 20.66
N THR M 16 12.96 -21.69 20.45
CA THR M 16 11.81 -22.09 19.60
C THR M 16 11.99 -21.76 18.11
N ARG M 17 11.43 -22.63 17.27
CA ARG M 17 11.41 -22.46 15.82
C ARG M 17 10.80 -21.12 15.42
N SER M 18 9.86 -20.65 16.22
CA SER M 18 9.21 -19.37 16.00
C SER M 18 10.23 -18.24 16.08
N SER M 19 10.95 -18.18 17.20
CA SER M 19 11.98 -17.19 17.43
C SER M 19 13.14 -17.42 16.46
N ARG M 20 13.51 -18.69 16.29
CA ARG M 20 14.61 -19.10 15.43
C ARG M 20 14.48 -18.57 13.99
N ALA M 21 13.24 -18.51 13.48
CA ALA M 21 12.98 -17.92 12.17
C ALA M 21 12.49 -16.47 12.25
N GLY M 22 12.62 -15.86 13.43
CA GLY M 22 12.19 -14.47 13.66
C GLY M 22 10.73 -14.23 13.37
N LEU M 23 9.88 -14.98 14.05
CA LEU M 23 8.44 -14.96 13.80
C LEU M 23 7.61 -15.08 15.07
N GLN M 24 6.58 -14.24 15.16
CA GLN M 24 5.66 -14.22 16.29
C GLN M 24 4.80 -15.47 16.32
N PHE M 25 4.22 -15.80 15.16
CA PHE M 25 3.28 -16.90 15.01
C PHE M 25 3.89 -18.27 15.35
N PRO M 26 3.06 -19.22 15.82
CA PRO M 26 3.57 -20.49 16.31
C PRO M 26 3.86 -21.50 15.21
N VAL M 27 5.15 -21.67 14.91
CA VAL M 27 5.61 -22.69 13.97
C VAL M 27 5.21 -24.10 14.42
N GLY M 28 5.29 -24.35 15.72
CA GLY M 28 4.85 -25.63 16.28
C GLY M 28 3.41 -25.95 15.90
N ARG M 29 2.52 -25.00 16.18
CA ARG M 29 1.09 -25.13 15.91
C ARG M 29 0.79 -25.33 14.43
N VAL M 30 1.35 -24.47 13.59
CA VAL M 30 1.18 -24.56 12.14
C VAL M 30 1.67 -25.91 11.63
N HIS M 31 2.87 -26.33 12.07
CA HIS M 31 3.44 -27.62 11.68
C HIS M 31 2.64 -28.82 12.21
N ARG M 32 1.96 -28.61 13.33
CA ARG M 32 1.08 -29.62 13.91
C ARG M 32 -0.20 -29.73 13.07
N LEU M 33 -0.87 -28.60 12.87
CA LEU M 33 -2.16 -28.51 12.17
C LEU M 33 -2.08 -28.99 10.72
N LEU M 34 -0.92 -28.79 10.09
CA LEU M 34 -0.69 -29.26 8.74
C LEU M 34 -0.72 -30.80 8.66
N ARG M 35 -0.21 -31.47 9.68
CA ARG M 35 -0.24 -32.94 9.74
C ARG M 35 -1.61 -33.46 10.13
N LYS M 36 -2.29 -32.71 11.00
CA LYS M 36 -3.61 -33.08 11.48
C LYS M 36 -4.67 -32.86 10.41
N GLY M 37 -4.55 -31.77 9.66
CA GLY M 37 -5.52 -31.39 8.63
C GLY M 37 -5.54 -32.29 7.41
N ASN M 38 -4.60 -33.24 7.37
CA ASN M 38 -4.50 -34.21 6.27
C ASN M 38 -4.44 -33.59 4.88
N TYR M 39 -3.69 -32.49 4.78
CA TYR M 39 -3.56 -31.79 3.51
C TYR M 39 -2.62 -32.52 2.55
N ALA M 40 -1.61 -33.18 3.12
CA ALA M 40 -0.72 -34.04 2.35
C ALA M 40 -0.28 -35.25 3.15
N GLU M 41 0.39 -36.17 2.47
CA GLU M 41 1.02 -37.33 3.10
C GLU M 41 2.12 -36.89 4.06
N ARG M 42 3.04 -36.06 3.57
CA ARG M 42 4.18 -35.60 4.37
C ARG M 42 4.28 -34.08 4.42
N VAL M 43 4.79 -33.57 5.54
CA VAL M 43 4.92 -32.14 5.75
C VAL M 43 6.37 -31.70 6.01
N GLY M 44 6.94 -31.00 5.02
CA GLY M 44 8.32 -30.53 5.07
C GLY M 44 8.57 -29.56 6.21
N ALA M 45 9.84 -29.33 6.51
CA ALA M 45 10.23 -28.39 7.58
C ALA M 45 10.03 -26.93 7.16
N GLY M 46 10.10 -26.71 5.84
CA GLY M 46 9.96 -25.38 5.24
C GLY M 46 8.55 -24.84 5.31
N ALA M 47 7.59 -25.65 4.87
CA ALA M 47 6.17 -25.28 4.82
C ALA M 47 5.68 -24.43 5.99
N PRO M 48 5.72 -24.96 7.24
CA PRO M 48 5.14 -24.23 8.37
C PRO M 48 5.81 -22.88 8.62
N VAL M 49 7.11 -22.82 8.31
CA VAL M 49 7.92 -21.62 8.50
C VAL M 49 7.47 -20.55 7.51
N TYR M 50 7.38 -20.96 6.25
CA TYR M 50 6.83 -20.09 5.21
C TYR M 50 5.42 -19.64 5.60
N LEU M 51 4.53 -20.61 5.85
CA LEU M 51 3.12 -20.34 6.06
C LEU M 51 2.87 -19.35 7.18
N ALA M 52 3.34 -19.67 8.39
CA ALA M 52 3.07 -18.82 9.57
C ALA M 52 3.48 -17.37 9.30
N ALA M 53 4.57 -17.20 8.58
CA ALA M 53 5.03 -15.90 8.15
C ALA M 53 4.01 -15.14 7.28
N VAL M 54 3.38 -15.87 6.35
CA VAL M 54 2.34 -15.33 5.46
C VAL M 54 1.12 -14.97 6.28
N LEU M 55 0.78 -15.84 7.24
CA LEU M 55 -0.31 -15.58 8.15
C LEU M 55 0.02 -14.35 8.96
N GLU M 56 1.21 -14.32 9.56
CA GLU M 56 1.65 -13.17 10.35
C GLU M 56 1.60 -11.87 9.53
N TYR M 57 2.02 -11.91 8.27
CA TYR M 57 1.96 -10.73 7.42
C TYR M 57 0.53 -10.25 7.27
N LEU M 58 -0.33 -11.17 6.83
CA LEU M 58 -1.73 -10.88 6.55
C LEU M 58 -2.44 -10.46 7.84
N THR M 59 -2.12 -11.13 8.93
CA THR M 59 -2.60 -10.75 10.25
C THR M 59 -2.24 -9.29 10.56
N ALA M 60 -1.00 -8.91 10.25
CA ALA M 60 -0.49 -7.53 10.46
C ALA M 60 -1.15 -6.52 9.52
N GLU M 61 -1.10 -6.82 8.23
CA GLU M 61 -1.68 -5.98 7.20
C GLU M 61 -3.12 -5.56 7.54
N ILE M 62 -3.89 -6.51 8.06
CA ILE M 62 -5.30 -6.27 8.34
C ILE M 62 -5.45 -5.45 9.62
N LEU M 63 -4.70 -5.84 10.66
CA LEU M 63 -4.64 -5.08 11.90
C LEU M 63 -4.20 -3.62 11.63
N GLU M 64 -3.30 -3.43 10.68
CA GLU M 64 -2.76 -2.10 10.36
C GLU M 64 -3.86 -1.16 9.88
N LEU M 65 -4.52 -1.54 8.78
CA LEU M 65 -5.53 -0.67 8.16
C LEU M 65 -6.75 -0.46 9.06
N ALA M 66 -6.96 -1.43 9.96
CA ALA M 66 -8.00 -1.35 10.97
C ALA M 66 -7.58 -0.40 12.09
N GLY M 67 -6.30 -0.46 12.48
CA GLY M 67 -5.74 0.44 13.47
C GLY M 67 -5.97 1.87 13.03
N ASN M 68 -5.56 2.15 11.80
CA ASN M 68 -5.84 3.42 11.17
C ASN M 68 -7.33 3.71 11.26
N ALA M 69 -8.13 2.69 11.00
CA ALA M 69 -9.59 2.79 11.06
C ALA M 69 -10.10 3.16 12.46
N ALA M 70 -9.53 2.52 13.47
CA ALA M 70 -9.82 2.88 14.85
C ALA M 70 -9.54 4.37 15.05
N ARG M 71 -8.28 4.78 14.88
CA ARG M 71 -7.86 6.18 15.02
C ARG M 71 -8.79 7.15 14.29
N ASP M 72 -9.14 6.83 13.04
CA ASP M 72 -9.97 7.70 12.23
C ASP M 72 -11.33 7.96 12.87
N ASN M 73 -11.78 7.04 13.72
CA ASN M 73 -13.02 7.19 14.48
C ASN M 73 -12.75 7.29 15.98
N LYS M 74 -11.49 7.57 16.29
CA LYS M 74 -11.05 7.99 17.62
C LYS M 74 -11.19 6.89 18.66
N LYS M 75 -10.83 5.66 18.30
CA LYS M 75 -10.89 4.58 19.27
C LYS M 75 -9.52 4.00 19.51
N THR M 76 -9.30 3.56 20.75
CA THR M 76 -8.08 2.88 21.18
C THR M 76 -8.23 1.37 21.01
N ARG M 77 -9.48 0.91 21.09
CA ARG M 77 -9.84 -0.49 20.88
C ARG M 77 -10.51 -0.70 19.52
N ILE M 78 -9.96 -1.63 18.73
CA ILE M 78 -10.56 -1.96 17.43
C ILE M 78 -11.72 -2.92 17.59
N ILE M 79 -12.91 -2.47 17.18
CA ILE M 79 -14.08 -3.32 17.10
C ILE M 79 -14.24 -3.89 15.69
N PRO M 80 -15.09 -4.93 15.53
CA PRO M 80 -15.58 -5.37 14.23
C PRO M 80 -15.64 -4.25 13.19
N ARG M 81 -16.44 -3.22 13.44
CA ARG M 81 -16.66 -2.14 12.46
C ARG M 81 -15.39 -1.72 11.75
N HIS M 82 -14.38 -1.32 12.52
CA HIS M 82 -13.09 -0.91 11.98
C HIS M 82 -12.56 -1.95 11.00
N LEU M 83 -12.66 -3.23 11.37
CA LEU M 83 -12.23 -4.32 10.51
C LEU M 83 -12.98 -4.32 9.18
N GLN M 84 -14.26 -3.99 9.20
CA GLN M 84 -15.01 -3.92 7.96
C GLN M 84 -14.52 -2.71 7.16
N LEU M 85 -14.42 -1.58 7.86
CA LEU M 85 -13.97 -0.32 7.25
C LEU M 85 -12.58 -0.44 6.60
N ALA M 86 -11.68 -1.19 7.25
CA ALA M 86 -10.41 -1.53 6.65
C ALA M 86 -10.57 -2.38 5.39
N VAL M 87 -11.31 -3.49 5.54
CA VAL M 87 -11.38 -4.54 4.52
C VAL M 87 -12.03 -4.02 3.27
N ARG M 88 -13.20 -3.43 3.43
CA ARG M 88 -13.96 -2.97 2.28
C ARG M 88 -13.34 -1.75 1.63
N ASN M 89 -12.73 -0.87 2.43
CA ASN M 89 -12.08 0.34 1.89
C ASN M 89 -10.77 0.14 1.12
N ASP M 90 -9.88 -0.72 1.62
CA ASP M 90 -8.72 -1.13 0.86
C ASP M 90 -9.16 -2.14 -0.20
N GLU M 91 -8.90 -1.79 -1.47
CA GLU M 91 -9.37 -2.54 -2.65
C GLU M 91 -8.96 -4.01 -2.68
N GLU M 92 -7.77 -4.28 -2.17
CA GLU M 92 -7.18 -5.59 -2.33
C GLU M 92 -7.68 -6.61 -1.32
N LEU M 93 -7.66 -6.24 -0.04
CA LEU M 93 -8.13 -7.14 1.01
C LEU M 93 -9.56 -7.51 0.70
N ASN M 94 -10.31 -6.54 0.18
CA ASN M 94 -11.66 -6.82 -0.27
C ASN M 94 -11.75 -8.07 -1.14
N LYS M 95 -11.03 -8.09 -2.26
CA LYS M 95 -11.05 -9.25 -3.15
C LYS M 95 -10.75 -10.53 -2.41
N LEU M 96 -9.80 -10.48 -1.48
CA LEU M 96 -9.51 -11.68 -0.70
C LEU M 96 -10.78 -12.09 0.05
N LEU M 97 -11.29 -11.20 0.90
CA LEU M 97 -12.48 -11.49 1.66
C LEU M 97 -13.67 -11.12 0.80
N GLY M 98 -13.63 -11.58 -0.44
CA GLY M 98 -14.61 -11.21 -1.45
C GLY M 98 -15.98 -11.77 -1.14
N ARG M 99 -16.00 -13.01 -0.65
CA ARG M 99 -17.27 -13.67 -0.39
C ARG M 99 -17.47 -13.90 1.10
N VAL M 100 -16.60 -13.28 1.90
CA VAL M 100 -16.64 -13.36 3.35
C VAL M 100 -17.51 -12.25 3.97
N THR M 101 -18.08 -12.58 5.11
CA THR M 101 -19.02 -11.72 5.79
C THR M 101 -18.51 -11.47 7.20
N ILE M 102 -18.00 -10.26 7.43
CA ILE M 102 -17.52 -9.86 8.76
C ILE M 102 -18.72 -9.60 9.66
N ALA M 103 -18.79 -10.30 10.79
CA ALA M 103 -19.94 -10.18 11.67
C ALA M 103 -20.00 -8.81 12.34
N GLN M 104 -21.19 -8.22 12.40
CA GLN M 104 -21.40 -6.88 12.98
C GLN M 104 -20.59 -5.75 12.33
N GLY M 105 -20.22 -5.95 11.07
CA GLY M 105 -19.33 -5.03 10.37
C GLY M 105 -19.99 -3.82 9.72
N GLY M 106 -21.20 -3.98 9.22
CA GLY M 106 -21.89 -2.88 8.56
C GLY M 106 -21.49 -2.77 7.10
N VAL M 107 -21.91 -1.67 6.48
CA VAL M 107 -21.56 -1.36 5.09
C VAL M 107 -20.67 -0.12 5.03
N LEU M 108 -20.04 0.13 3.87
CA LEU M 108 -19.35 1.40 3.67
C LEU M 108 -20.37 2.50 3.37
N PRO M 109 -20.19 3.69 3.98
CA PRO M 109 -21.16 4.76 3.77
C PRO M 109 -21.17 5.25 2.32
N ASN M 110 -22.10 4.73 1.51
CA ASN M 110 -22.14 5.08 0.09
C ASN M 110 -23.55 5.21 -0.46
N ILE M 111 -23.84 6.34 -1.10
CA ILE M 111 -25.15 6.63 -1.72
C ILE M 111 -24.99 6.94 -3.21
N GLN M 112 -25.76 6.24 -4.06
CA GLN M 112 -25.65 6.44 -5.51
C GLN M 112 -25.91 7.89 -5.93
N SER M 113 -25.13 8.35 -6.91
CA SER M 113 -25.16 9.74 -7.40
C SER M 113 -26.54 10.33 -7.70
N VAL M 114 -27.36 9.58 -8.43
CA VAL M 114 -28.64 10.11 -8.91
C VAL M 114 -29.73 10.25 -7.84
N LEU M 115 -29.54 9.59 -6.70
CA LEU M 115 -30.53 9.64 -5.63
C LEU M 115 -30.41 10.90 -4.76
N LEU M 116 -29.28 11.59 -4.90
CA LEU M 116 -29.04 12.90 -4.23
C LEU M 116 -29.87 13.99 -4.91
N PRO M 117 -30.19 15.07 -4.17
CA PRO M 117 -31.05 16.09 -4.77
C PRO M 117 -30.29 17.17 -5.55
N LYS M 118 -30.99 17.86 -6.47
CA LYS M 118 -30.43 19.02 -7.16
C LYS M 118 -31.40 20.22 -7.21
N LYS M 119 -32.28 20.22 -8.24
CA LYS M 119 -33.24 21.31 -8.58
C LYS M 119 -33.29 22.54 -7.65
N THR M 120 -32.59 23.59 -8.07
CA THR M 120 -32.47 24.87 -7.33
C THR M 120 -32.22 24.71 -5.81
N ARG N 30 -12.74 -31.53 33.72
CA ARG N 30 -11.73 -30.76 32.93
C ARG N 30 -12.14 -30.50 31.49
N LYS N 31 -12.55 -29.26 31.20
CA LYS N 31 -12.90 -28.82 29.84
C LYS N 31 -11.72 -28.99 28.88
N THR N 32 -11.96 -29.64 27.75
CA THR N 32 -10.89 -29.84 26.76
C THR N 32 -10.48 -28.54 26.07
N ARG N 33 -9.24 -28.52 25.58
CA ARG N 33 -8.59 -27.31 25.09
C ARG N 33 -9.18 -26.74 23.81
N LYS N 34 -9.48 -25.44 23.83
CA LYS N 34 -10.00 -24.74 22.67
C LYS N 34 -9.00 -23.67 22.21
N GLU N 35 -7.90 -24.13 21.61
CA GLU N 35 -6.81 -23.24 21.17
C GLU N 35 -7.20 -22.27 20.04
N SER N 36 -6.59 -21.08 20.05
CA SER N 36 -6.82 -20.10 18.98
C SER N 36 -5.55 -19.34 18.56
N TYR N 37 -5.73 -18.20 17.90
CA TYR N 37 -4.64 -17.33 17.45
C TYR N 37 -4.74 -15.97 18.14
N ALA N 38 -5.39 -15.95 19.30
CA ALA N 38 -5.62 -14.72 20.07
C ALA N 38 -4.32 -14.12 20.64
N ILE N 39 -3.54 -14.92 21.37
CA ILE N 39 -2.30 -14.44 21.99
C ILE N 39 -1.23 -14.08 20.95
N TYR N 40 -1.23 -14.82 19.84
CA TYR N 40 -0.30 -14.57 18.75
C TYR N 40 -0.73 -13.35 17.93
N VAL N 41 -2.02 -13.19 17.68
CA VAL N 41 -2.53 -11.99 17.01
C VAL N 41 -2.18 -10.77 17.84
N TYR N 42 -2.30 -10.90 19.15
CA TYR N 42 -2.09 -9.77 20.07
C TYR N 42 -0.73 -9.11 19.87
N LYS N 43 0.32 -9.95 19.83
CA LYS N 43 1.70 -9.50 19.63
C LYS N 43 1.83 -8.63 18.38
N VAL N 44 1.30 -9.15 17.27
CA VAL N 44 1.32 -8.47 15.97
C VAL N 44 0.58 -7.13 16.03
N LEU N 45 -0.56 -7.13 16.72
CA LEU N 45 -1.31 -5.92 16.97
C LEU N 45 -0.40 -4.91 17.63
N LYS N 46 0.37 -5.35 18.63
CA LYS N 46 1.26 -4.44 19.38
C LYS N 46 2.41 -3.93 18.52
N GLN N 47 2.98 -4.79 17.68
CA GLN N 47 4.12 -4.42 16.86
C GLN N 47 3.79 -3.37 15.82
N VAL N 48 2.54 -3.35 15.35
CA VAL N 48 2.12 -2.32 14.40
C VAL N 48 1.41 -1.18 15.12
N HIS N 49 0.96 -1.50 16.34
CA HIS N 49 0.10 -0.64 17.13
C HIS N 49 0.11 -1.06 18.59
N PRO N 50 1.10 -0.58 19.36
CA PRO N 50 1.17 -0.90 20.79
C PRO N 50 0.17 -0.05 21.56
N ASP N 51 -0.04 1.16 21.05
CA ASP N 51 -1.03 2.13 21.48
C ASP N 51 -2.45 1.58 21.47
N THR N 52 -2.73 0.71 20.48
CA THR N 52 -4.10 0.27 20.17
C THR N 52 -4.44 -1.13 20.69
N GLY N 53 -5.71 -1.33 21.06
CA GLY N 53 -6.23 -2.62 21.55
C GLY N 53 -7.41 -3.22 20.78
N ILE N 54 -7.88 -4.38 21.22
CA ILE N 54 -8.91 -5.15 20.47
C ILE N 54 -10.07 -5.67 21.35
N SER N 55 -11.30 -5.56 20.84
CA SER N 55 -12.45 -6.19 21.49
C SER N 55 -12.45 -7.68 21.19
N SER N 56 -12.71 -8.49 22.21
CA SER N 56 -12.75 -9.96 22.09
C SER N 56 -13.54 -10.45 20.88
N LYS N 57 -14.57 -9.69 20.50
CA LYS N 57 -15.36 -9.99 19.31
C LYS N 57 -14.52 -9.82 18.05
N ALA N 58 -13.88 -8.65 17.92
CA ALA N 58 -12.98 -8.39 16.79
C ALA N 58 -11.79 -9.33 16.81
N MET N 59 -11.41 -9.79 18.00
CA MET N 59 -10.43 -10.86 18.13
C MET N 59 -10.94 -12.16 17.48
N SER N 60 -12.16 -12.55 17.83
CA SER N 60 -12.81 -13.72 17.21
C SER N 60 -12.78 -13.63 15.69
N ILE N 61 -13.34 -12.55 15.12
CA ILE N 61 -13.30 -12.30 13.66
C ILE N 61 -11.90 -12.58 13.10
N MET N 62 -10.90 -12.02 13.75
CA MET N 62 -9.51 -12.14 13.33
C MET N 62 -9.03 -13.59 13.39
N ASN N 63 -9.59 -14.35 14.32
CA ASN N 63 -9.24 -15.75 14.42
C ASN N 63 -9.81 -16.54 13.25
N SER N 64 -11.03 -16.20 12.86
CA SER N 64 -11.67 -16.85 11.73
C SER N 64 -10.91 -16.53 10.44
N PHE N 65 -10.50 -15.26 10.33
CA PHE N 65 -9.72 -14.79 9.19
C PHE N 65 -8.47 -15.60 9.04
N VAL N 66 -7.74 -15.75 10.15
CA VAL N 66 -6.50 -16.50 10.14
C VAL N 66 -6.76 -17.99 9.80
N ASN N 67 -7.79 -18.57 10.41
CA ASN N 67 -8.16 -19.97 10.14
C ASN N 67 -8.51 -20.19 8.67
N ASP N 68 -9.38 -19.34 8.15
CA ASP N 68 -9.82 -19.41 6.76
C ASP N 68 -8.64 -19.36 5.81
N VAL N 69 -7.72 -18.45 6.10
CA VAL N 69 -6.61 -18.13 5.22
C VAL N 69 -5.57 -19.24 5.28
N PHE N 70 -5.32 -19.75 6.48
CA PHE N 70 -4.49 -20.94 6.65
C PHE N 70 -5.07 -22.00 5.72
N GLU N 71 -6.38 -22.14 5.77
CA GLU N 71 -7.13 -23.20 5.10
C GLU N 71 -7.16 -23.06 3.58
N ARG N 72 -7.50 -21.85 3.10
CA ARG N 72 -7.50 -21.56 1.68
C ARG N 72 -6.13 -21.87 1.10
N ILE N 73 -5.08 -21.44 1.80
CA ILE N 73 -3.70 -21.68 1.39
C ILE N 73 -3.33 -23.16 1.44
N ALA N 74 -3.56 -23.80 2.60
CA ALA N 74 -3.21 -25.20 2.79
C ALA N 74 -3.92 -26.10 1.76
N GLY N 75 -5.18 -25.77 1.49
CA GLY N 75 -5.98 -26.48 0.50
C GLY N 75 -5.41 -26.37 -0.89
N GLU N 76 -4.94 -25.17 -1.24
CA GLU N 76 -4.35 -24.93 -2.57
C GLU N 76 -3.05 -25.69 -2.73
N ALA N 77 -2.29 -25.77 -1.64
CA ALA N 77 -1.03 -26.47 -1.60
C ALA N 77 -1.26 -27.97 -1.65
N SER N 78 -2.32 -28.42 -0.98
CA SER N 78 -2.75 -29.81 -1.05
C SER N 78 -2.94 -30.26 -2.52
N ARG N 79 -3.65 -29.44 -3.27
CA ARG N 79 -3.96 -29.72 -4.66
C ARG N 79 -2.69 -29.72 -5.48
N LEU N 80 -1.82 -28.75 -5.22
CA LEU N 80 -0.55 -28.61 -5.94
C LEU N 80 0.29 -29.87 -5.85
N ALA N 81 0.27 -30.49 -4.68
CA ALA N 81 0.94 -31.76 -4.48
C ALA N 81 0.33 -32.84 -5.37
N HIS N 82 -0.97 -33.11 -5.20
CA HIS N 82 -1.66 -34.18 -5.93
C HIS N 82 -1.57 -34.03 -7.44
N TYR N 83 -1.65 -32.80 -7.93
CA TYR N 83 -1.59 -32.57 -9.37
C TYR N 83 -0.22 -32.97 -9.88
N ASN N 84 0.81 -32.67 -9.09
CA ASN N 84 2.19 -32.96 -9.44
C ASN N 84 2.72 -34.30 -8.89
N LYS N 85 1.82 -35.25 -8.67
CA LYS N 85 2.15 -36.53 -8.06
C LYS N 85 3.16 -36.38 -6.93
N ARG N 86 2.99 -35.32 -6.13
CA ARG N 86 3.85 -35.06 -4.97
C ARG N 86 3.16 -35.50 -3.68
N SER N 87 3.92 -36.08 -2.76
CA SER N 87 3.38 -36.49 -1.46
C SER N 87 4.02 -35.77 -0.26
N THR N 88 4.78 -34.71 -0.56
CA THR N 88 5.35 -33.85 0.48
C THR N 88 5.00 -32.39 0.16
N ILE N 89 4.38 -31.72 1.11
CA ILE N 89 4.22 -30.27 1.05
C ILE N 89 5.49 -29.59 1.55
N THR N 90 6.03 -28.72 0.72
CA THR N 90 7.24 -27.96 1.02
C THR N 90 6.88 -26.48 1.12
N SER N 91 7.85 -25.65 1.49
CA SER N 91 7.68 -24.20 1.42
C SER N 91 7.31 -23.75 0.00
N ARG N 92 7.85 -24.47 -0.99
CA ARG N 92 7.64 -24.19 -2.40
C ARG N 92 6.15 -24.25 -2.75
N GLU N 93 5.51 -25.34 -2.34
CA GLU N 93 4.06 -25.49 -2.41
C GLU N 93 3.35 -24.28 -1.79
N ILE N 94 3.66 -23.98 -0.54
CA ILE N 94 3.11 -22.81 0.14
C ILE N 94 3.24 -21.55 -0.71
N GLN N 95 4.42 -21.36 -1.30
CA GLN N 95 4.70 -20.17 -2.10
C GLN N 95 3.74 -20.00 -3.29
N THR N 96 3.60 -21.07 -4.08
CA THR N 96 2.70 -21.08 -5.22
C THR N 96 1.26 -20.82 -4.76
N ALA N 97 0.85 -21.61 -3.76
CA ALA N 97 -0.46 -21.48 -3.13
C ALA N 97 -0.76 -20.03 -2.73
N VAL N 98 0.29 -19.28 -2.37
CA VAL N 98 0.15 -17.89 -1.98
C VAL N 98 0.01 -17.01 -3.23
N ARG N 99 0.79 -17.31 -4.25
CA ARG N 99 0.70 -16.62 -5.52
C ARG N 99 -0.67 -16.86 -6.14
N LEU N 100 -1.17 -18.09 -5.98
CA LEU N 100 -2.49 -18.49 -6.51
C LEU N 100 -3.66 -17.85 -5.79
N LEU N 101 -3.56 -17.71 -4.48
CA LEU N 101 -4.66 -17.23 -3.67
C LEU N 101 -4.70 -15.72 -3.53
N LEU N 102 -3.58 -15.14 -3.10
CA LEU N 102 -3.52 -13.71 -2.79
C LEU N 102 -3.42 -12.85 -4.04
N PRO N 103 -4.04 -11.65 -4.01
CA PRO N 103 -4.02 -10.75 -5.16
C PRO N 103 -2.76 -9.88 -5.23
N GLY N 104 -2.20 -9.77 -6.43
CA GLY N 104 -0.97 -8.99 -6.75
C GLY N 104 -0.14 -8.31 -5.66
N GLU N 105 -0.50 -7.06 -5.35
CA GLU N 105 0.22 -6.28 -4.35
C GLU N 105 0.38 -6.96 -2.99
N LEU N 106 -0.57 -7.81 -2.63
CA LEU N 106 -0.50 -8.61 -1.40
C LEU N 106 0.35 -9.85 -1.59
N ALA N 107 0.20 -10.48 -2.76
CA ALA N 107 0.95 -11.67 -3.11
C ALA N 107 2.47 -11.42 -3.13
N LYS N 108 2.86 -10.22 -3.61
CA LYS N 108 4.27 -9.79 -3.62
C LYS N 108 4.84 -9.83 -2.23
N HIS N 109 4.18 -9.08 -1.33
CA HIS N 109 4.63 -8.90 0.04
C HIS N 109 4.63 -10.17 0.86
N ALA N 110 3.58 -10.96 0.73
CA ALA N 110 3.49 -12.22 1.45
C ALA N 110 4.66 -13.13 1.12
N VAL N 111 4.97 -13.27 -0.18
CA VAL N 111 6.08 -14.12 -0.65
C VAL N 111 7.42 -13.61 -0.12
N SER N 112 7.60 -12.31 -0.24
CA SER N 112 8.72 -11.60 0.37
C SER N 112 8.91 -12.04 1.83
N GLU N 113 7.93 -11.74 2.68
CA GLU N 113 8.01 -12.09 4.10
C GLU N 113 8.14 -13.58 4.33
N GLY N 114 7.75 -14.36 3.31
CA GLY N 114 7.78 -15.80 3.40
C GLY N 114 9.15 -16.41 3.14
N THR N 115 9.86 -15.86 2.15
CA THR N 115 11.21 -16.31 1.84
C THR N 115 12.21 -15.72 2.84
N LYS N 116 11.93 -14.47 3.25
CA LYS N 116 12.71 -13.78 4.28
C LYS N 116 12.69 -14.47 5.66
N ALA N 117 11.66 -15.29 5.90
CA ALA N 117 11.53 -16.04 7.16
C ALA N 117 12.19 -17.42 7.07
N VAL N 118 12.15 -18.01 5.87
CA VAL N 118 12.73 -19.33 5.61
C VAL N 118 14.25 -19.24 5.62
N THR N 119 14.76 -18.17 5.01
CA THR N 119 16.19 -17.87 4.98
C THR N 119 16.76 -17.85 6.38
N LYS N 120 16.20 -16.97 7.23
CA LYS N 120 16.61 -16.89 8.63
C LYS N 120 16.53 -18.25 9.35
N TYR N 121 15.48 -19.01 9.06
CA TYR N 121 15.27 -20.30 9.70
C TYR N 121 16.37 -21.33 9.38
N THR N 122 16.75 -21.44 8.11
CA THR N 122 17.78 -22.41 7.71
C THR N 122 19.21 -21.94 8.08
N SER N 123 19.41 -20.62 8.10
CA SER N 123 20.71 -20.03 8.45
C SER N 123 21.04 -20.16 9.95
N ALA N 124 20.04 -20.48 10.76
CA ALA N 124 20.26 -20.75 12.18
C ALA N 124 20.97 -22.10 12.34
N LYS N 125 22.13 -22.06 13.01
CA LYS N 125 23.09 -23.19 13.13
C LYS N 125 24.10 -23.27 11.96
N PRO O 39 -46.73 24.45 11.18
CA PRO O 39 -46.80 23.33 10.22
C PRO O 39 -45.49 23.22 9.40
N HIS O 40 -44.83 22.07 9.51
CA HIS O 40 -43.52 21.83 8.88
C HIS O 40 -43.35 20.43 8.25
N ARG O 41 -43.38 20.39 6.92
CA ARG O 41 -43.24 19.13 6.18
C ARG O 41 -41.89 19.08 5.47
N TYR O 42 -41.16 17.97 5.66
CA TYR O 42 -39.97 17.69 4.84
C TYR O 42 -40.39 17.17 3.48
N ARG O 43 -39.64 17.55 2.45
CA ARG O 43 -39.95 17.13 1.10
C ARG O 43 -39.65 15.65 0.91
N PRO O 44 -40.53 14.92 0.17
CA PRO O 44 -40.37 13.48 -0.10
C PRO O 44 -38.97 13.11 -0.61
N GLY O 45 -38.21 12.40 0.22
CA GLY O 45 -36.86 11.97 -0.15
C GLY O 45 -35.79 12.36 0.86
N THR O 46 -36.09 13.36 1.69
CA THR O 46 -35.11 13.86 2.65
C THR O 46 -34.91 12.86 3.78
N VAL O 47 -36.01 12.44 4.40
CA VAL O 47 -35.94 11.53 5.54
C VAL O 47 -35.39 10.19 5.07
N ALA O 48 -35.63 9.87 3.80
CA ALA O 48 -35.11 8.65 3.20
C ALA O 48 -33.60 8.70 3.21
N LEU O 49 -33.04 9.71 2.54
CA LEU O 49 -31.60 9.96 2.57
C LEU O 49 -31.08 9.99 4.00
N ARG O 50 -31.77 10.71 4.87
CA ARG O 50 -31.39 10.77 6.27
C ARG O 50 -31.28 9.36 6.87
N GLU O 51 -32.22 8.51 6.50
CA GLU O 51 -32.31 7.14 7.02
C GLU O 51 -31.16 6.29 6.51
N ILE O 52 -30.70 6.60 5.29
CA ILE O 52 -29.60 5.85 4.69
C ILE O 52 -28.29 6.09 5.44
N ARG O 53 -27.97 7.36 5.68
CA ARG O 53 -26.74 7.74 6.34
C ARG O 53 -26.71 7.17 7.76
N ARG O 54 -27.85 7.21 8.44
CA ARG O 54 -27.96 6.65 9.79
C ARG O 54 -27.64 5.15 9.87
N TYR O 55 -28.28 4.35 9.02
CA TYR O 55 -28.10 2.89 9.08
C TYR O 55 -26.81 2.41 8.44
N GLN O 56 -26.38 3.05 7.34
CA GLN O 56 -25.08 2.75 6.72
C GLN O 56 -23.97 3.04 7.71
N LYS O 57 -24.20 4.04 8.58
CA LYS O 57 -23.25 4.39 9.63
C LYS O 57 -23.18 3.35 10.75
N SER O 58 -24.32 2.99 11.32
CA SER O 58 -24.37 2.02 12.43
C SER O 58 -24.29 0.58 11.95
N THR O 59 -24.07 -0.36 12.87
CA THR O 59 -23.96 -1.76 12.48
C THR O 59 -24.97 -2.75 13.07
N GLU O 60 -25.43 -2.49 14.29
CA GLU O 60 -26.43 -3.33 14.97
C GLU O 60 -27.49 -3.90 14.02
N LEU O 61 -28.01 -5.08 14.35
CA LEU O 61 -29.04 -5.75 13.56
C LEU O 61 -30.32 -4.90 13.48
N LEU O 62 -31.09 -5.09 12.41
CA LEU O 62 -32.27 -4.26 12.19
C LEU O 62 -33.60 -5.03 12.29
N ILE O 63 -33.52 -6.36 12.26
CA ILE O 63 -34.66 -7.19 12.60
C ILE O 63 -34.59 -7.47 14.09
N ARG O 64 -35.73 -7.25 14.75
CA ARG O 64 -35.89 -7.45 16.17
C ARG O 64 -35.61 -8.92 16.51
N LYS O 65 -34.71 -9.14 17.46
CA LYS O 65 -34.17 -10.46 17.80
C LYS O 65 -35.18 -11.61 17.81
N LEU O 66 -36.33 -11.36 18.44
CA LEU O 66 -37.36 -12.37 18.66
C LEU O 66 -38.15 -12.72 17.40
N PRO O 67 -38.78 -11.72 16.74
CA PRO O 67 -39.56 -12.02 15.53
C PRO O 67 -38.76 -12.81 14.54
N PHE O 68 -37.44 -12.62 14.56
CA PHE O 68 -36.55 -13.43 13.75
C PHE O 68 -36.45 -14.83 14.32
N GLN O 69 -36.29 -14.92 15.64
CA GLN O 69 -36.03 -16.20 16.30
C GLN O 69 -37.15 -17.20 16.07
N ARG O 70 -38.38 -16.70 16.06
CA ARG O 70 -39.50 -17.57 15.88
C ARG O 70 -39.33 -18.18 14.50
N LEU O 71 -39.21 -17.30 13.50
CA LEU O 71 -39.12 -17.68 12.08
C LEU O 71 -38.16 -18.82 11.89
N VAL O 72 -36.96 -18.66 12.41
CA VAL O 72 -35.93 -19.69 12.34
C VAL O 72 -36.46 -21.04 12.83
N ARG O 73 -37.04 -21.03 14.03
CA ARG O 73 -37.59 -22.25 14.68
C ARG O 73 -38.72 -22.89 13.89
N GLU O 74 -39.61 -22.04 13.36
CA GLU O 74 -40.74 -22.47 12.53
C GLU O 74 -40.22 -23.20 11.31
N ILE O 75 -39.23 -22.59 10.65
CA ILE O 75 -38.62 -23.16 9.45
C ILE O 75 -37.80 -24.42 9.77
N ALA O 76 -36.96 -24.32 10.79
CA ALA O 76 -36.12 -25.44 11.18
C ALA O 76 -37.01 -26.59 11.57
N GLN O 77 -38.17 -26.24 12.11
CA GLN O 77 -39.14 -27.21 12.64
C GLN O 77 -39.71 -28.05 11.52
N ASP O 78 -40.00 -27.41 10.39
CA ASP O 78 -40.59 -28.11 9.26
C ASP O 78 -39.57 -29.02 8.61
N PHE O 79 -38.30 -28.87 8.97
CA PHE O 79 -37.27 -29.76 8.46
C PHE O 79 -37.08 -30.96 9.36
N LYS O 80 -37.32 -30.77 10.64
CA LYS O 80 -37.06 -31.78 11.65
C LYS O 80 -37.63 -31.28 12.99
N THR O 81 -38.47 -32.09 13.64
CA THR O 81 -39.15 -31.63 14.87
C THR O 81 -38.24 -31.71 16.10
N ASP O 82 -38.62 -30.94 17.11
CA ASP O 82 -37.95 -30.97 18.43
C ASP O 82 -36.45 -30.68 18.35
N LEU O 83 -36.08 -29.66 17.58
CA LEU O 83 -34.69 -29.18 17.56
C LEU O 83 -34.47 -28.12 18.65
N ARG O 84 -33.20 -27.85 18.95
CA ARG O 84 -32.82 -26.82 19.92
C ARG O 84 -31.71 -25.96 19.36
N PHE O 85 -31.67 -24.69 19.75
CA PHE O 85 -30.69 -23.77 19.16
C PHE O 85 -29.81 -23.00 20.14
N GLN O 86 -28.50 -23.20 20.00
CA GLN O 86 -27.50 -22.36 20.66
C GLN O 86 -27.77 -20.90 20.33
N SER O 87 -27.70 -20.04 21.35
CA SER O 87 -27.93 -18.62 21.15
C SER O 87 -27.08 -18.09 20.00
N SER O 88 -25.81 -18.52 19.99
CA SER O 88 -24.87 -18.14 18.95
C SER O 88 -25.30 -18.60 17.55
N ALA O 89 -25.98 -19.74 17.46
CA ALA O 89 -26.47 -20.26 16.18
C ALA O 89 -27.58 -19.39 15.59
N VAL O 90 -28.54 -18.95 16.41
CA VAL O 90 -29.57 -18.05 15.88
C VAL O 90 -28.93 -16.76 15.40
N MET O 91 -27.93 -16.28 16.15
CA MET O 91 -27.24 -15.04 15.81
C MET O 91 -26.50 -15.16 14.50
N ALA O 92 -25.61 -16.16 14.41
CA ALA O 92 -24.94 -16.49 13.16
C ALA O 92 -25.97 -16.37 12.05
N LEU O 93 -27.11 -17.03 12.24
CA LEU O 93 -28.17 -16.99 11.24
C LEU O 93 -28.75 -15.59 10.96
N GLN O 94 -28.78 -14.70 11.95
CA GLN O 94 -29.35 -13.37 11.74
C GLN O 94 -28.32 -12.42 11.20
N GLU O 95 -27.05 -12.68 11.53
CA GLU O 95 -25.98 -11.93 10.92
C GLU O 95 -26.02 -12.22 9.42
N ALA O 96 -25.77 -13.47 9.06
CA ALA O 96 -25.87 -13.92 7.69
C ALA O 96 -27.08 -13.34 6.94
N SER O 97 -28.28 -13.49 7.50
CA SER O 97 -29.50 -13.08 6.80
C SER O 97 -29.60 -11.58 6.50
N GLU O 98 -29.15 -10.77 7.44
CA GLU O 98 -29.23 -9.34 7.25
C GLU O 98 -28.14 -8.91 6.30
N ALA O 99 -26.97 -9.52 6.43
CA ALA O 99 -25.89 -9.35 5.45
C ALA O 99 -26.42 -9.60 4.02
N TYR O 100 -26.88 -10.82 3.77
CA TYR O 100 -27.37 -11.23 2.45
C TYR O 100 -28.33 -10.24 1.87
N LEU O 101 -29.36 -9.87 2.62
CA LEU O 101 -30.44 -9.02 2.09
C LEU O 101 -29.97 -7.65 1.75
N VAL O 102 -29.19 -7.03 2.64
CA VAL O 102 -28.61 -5.72 2.37
C VAL O 102 -27.77 -5.73 1.09
N ALA O 103 -26.82 -6.66 1.01
CA ALA O 103 -26.12 -6.91 -0.26
C ALA O 103 -27.11 -6.91 -1.42
N LEU O 104 -28.14 -7.75 -1.33
CA LEU O 104 -29.13 -7.90 -2.38
C LEU O 104 -29.83 -6.59 -2.74
N PHE O 105 -30.11 -5.77 -1.73
CA PHE O 105 -30.76 -4.50 -1.95
C PHE O 105 -29.87 -3.52 -2.74
N GLU O 106 -28.57 -3.55 -2.47
CA GLU O 106 -27.61 -2.82 -3.29
C GLU O 106 -27.87 -3.18 -4.74
N ASP O 107 -27.81 -4.48 -5.04
CA ASP O 107 -27.95 -4.96 -6.41
C ASP O 107 -29.33 -4.65 -6.97
N THR O 108 -30.31 -4.54 -6.09
CA THR O 108 -31.66 -4.21 -6.49
C THR O 108 -31.74 -2.75 -6.96
N ASN O 109 -31.31 -1.83 -6.09
CA ASN O 109 -31.13 -0.40 -6.42
C ASN O 109 -30.45 -0.15 -7.78
N LEU O 110 -29.30 -0.77 -7.98
CA LEU O 110 -28.57 -0.69 -9.24
C LEU O 110 -29.47 -1.03 -10.43
N CYS O 111 -30.30 -2.07 -10.28
CA CYS O 111 -31.19 -2.52 -11.34
C CYS O 111 -32.32 -1.54 -11.55
N ALA O 112 -32.80 -0.97 -10.45
CA ALA O 112 -33.83 0.04 -10.51
C ALA O 112 -33.26 1.24 -11.26
N ILE O 113 -32.13 1.76 -10.75
CA ILE O 113 -31.47 2.89 -11.39
C ILE O 113 -31.19 2.62 -12.87
N HIS O 114 -30.62 1.45 -13.15
CA HIS O 114 -30.36 1.04 -14.51
C HIS O 114 -31.57 1.23 -15.44
N ALA O 115 -32.78 1.04 -14.90
CA ALA O 115 -34.01 1.17 -15.68
C ALA O 115 -34.53 2.62 -15.69
N LYS O 116 -33.65 3.56 -15.31
CA LYS O 116 -33.99 4.97 -15.15
C LYS O 116 -35.18 5.10 -14.19
N ARG O 117 -35.07 4.41 -13.05
CA ARG O 117 -36.03 4.49 -11.94
C ARG O 117 -35.27 4.66 -10.64
N VAL O 118 -35.95 5.19 -9.62
CA VAL O 118 -35.35 5.37 -8.28
C VAL O 118 -36.11 4.60 -7.21
N THR O 119 -37.05 3.78 -7.64
CA THR O 119 -37.88 2.97 -6.76
C THR O 119 -37.58 1.50 -6.99
N ILE O 120 -37.14 0.76 -5.98
CA ILE O 120 -36.93 -0.68 -6.21
C ILE O 120 -38.27 -1.42 -6.37
N MET O 121 -38.32 -2.34 -7.33
CA MET O 121 -39.55 -3.10 -7.63
C MET O 121 -39.23 -4.60 -7.72
N PRO O 122 -40.25 -5.48 -7.64
CA PRO O 122 -39.88 -6.89 -7.64
C PRO O 122 -39.15 -7.37 -8.91
N LYS O 123 -39.35 -6.71 -10.05
CA LYS O 123 -38.55 -7.07 -11.22
C LYS O 123 -37.06 -6.82 -11.00
N ASP O 124 -36.72 -5.84 -10.15
CA ASP O 124 -35.33 -5.59 -9.77
C ASP O 124 -34.76 -6.67 -8.86
N ILE O 125 -35.43 -6.95 -7.73
CA ILE O 125 -35.02 -8.03 -6.86
C ILE O 125 -34.89 -9.26 -7.74
N GLN O 126 -35.84 -9.42 -8.66
CA GLN O 126 -35.87 -10.60 -9.52
C GLN O 126 -34.63 -10.67 -10.38
N LEU O 127 -34.41 -9.63 -11.17
CA LEU O 127 -33.28 -9.56 -12.10
C LEU O 127 -31.96 -9.73 -11.38
N ALA O 128 -31.84 -9.15 -10.19
CA ALA O 128 -30.65 -9.30 -9.37
C ALA O 128 -30.32 -10.76 -9.01
N ARG O 129 -31.34 -11.49 -8.55
CA ARG O 129 -31.19 -12.89 -8.14
C ARG O 129 -30.95 -13.80 -9.34
N ARG O 130 -31.52 -13.44 -10.47
CA ARG O 130 -31.33 -14.20 -11.70
C ARG O 130 -29.89 -14.13 -12.20
N ILE O 131 -29.30 -12.94 -12.14
CA ILE O 131 -27.96 -12.70 -12.63
C ILE O 131 -26.92 -13.22 -11.64
N ARG O 132 -27.15 -12.97 -10.35
CA ARG O 132 -26.35 -13.63 -9.28
C ARG O 132 -26.31 -15.13 -9.54
N GLY O 133 -27.35 -15.64 -10.18
CA GLY O 133 -27.50 -17.04 -10.48
C GLY O 133 -28.13 -17.80 -9.35
N GLU O 134 -29.26 -17.31 -8.84
CA GLU O 134 -30.04 -18.02 -7.84
C GLU O 134 -31.34 -18.48 -8.54
N ARG O 135 -31.36 -18.32 -9.87
CA ARG O 135 -32.63 -18.34 -10.63
C ARG O 135 -32.65 -19.08 -12.00
N ALA O 136 -32.27 -18.40 -13.08
CA ALA O 136 -32.31 -19.00 -14.42
C ALA O 136 -31.34 -18.38 -15.45
N LYS P 16 -46.27 -31.68 31.76
CA LYS P 16 -45.51 -30.39 31.65
C LYS P 16 -44.99 -30.12 30.22
N ARG P 17 -45.19 -31.09 29.32
CA ARG P 17 -44.82 -30.99 27.90
C ARG P 17 -45.50 -29.79 27.23
N HIS P 18 -44.70 -28.90 26.66
CA HIS P 18 -45.21 -27.62 26.20
C HIS P 18 -45.10 -27.47 24.68
N ARG P 19 -44.56 -26.33 24.24
CA ARG P 19 -44.46 -25.95 22.83
C ARG P 19 -45.81 -25.55 22.22
N LYS P 20 -46.04 -24.24 22.12
CA LYS P 20 -47.18 -23.71 21.38
C LYS P 20 -46.96 -23.91 19.88
N VAL P 21 -48.04 -23.86 19.11
CA VAL P 21 -47.96 -24.08 17.67
C VAL P 21 -47.37 -22.87 17.00
N LEU P 22 -46.34 -23.12 16.19
CA LEU P 22 -45.63 -22.09 15.45
C LEU P 22 -46.21 -21.98 14.04
N ARG P 23 -46.62 -20.77 13.68
CA ARG P 23 -47.18 -20.53 12.34
C ARG P 23 -47.29 -19.04 11.94
N ASP P 24 -46.99 -18.79 10.66
CA ASP P 24 -47.10 -17.47 10.01
C ASP P 24 -46.03 -16.48 10.47
N ASN P 25 -45.02 -16.96 11.18
CA ASN P 25 -44.06 -16.09 11.82
C ASN P 25 -43.24 -15.25 10.84
N ILE P 26 -43.35 -15.60 9.57
CA ILE P 26 -42.77 -14.81 8.48
C ILE P 26 -43.27 -13.36 8.51
N GLN P 27 -44.49 -13.14 9.01
CA GLN P 27 -45.01 -11.80 9.16
C GLN P 27 -44.35 -11.03 10.30
N GLY P 28 -43.54 -11.74 11.09
CA GLY P 28 -42.73 -11.13 12.14
C GLY P 28 -41.70 -10.17 11.56
N ILE P 29 -41.21 -10.50 10.36
CA ILE P 29 -40.38 -9.62 9.56
C ILE P 29 -41.29 -8.52 8.99
N THR P 30 -41.33 -7.41 9.71
CA THR P 30 -42.29 -6.33 9.45
C THR P 30 -41.88 -5.52 8.23
N LYS P 31 -42.81 -4.72 7.72
CA LYS P 31 -42.56 -3.82 6.60
C LYS P 31 -41.54 -2.74 6.96
N PRO P 32 -41.72 -2.05 8.11
CA PRO P 32 -40.74 -1.04 8.48
C PRO P 32 -39.31 -1.57 8.60
N ALA P 33 -39.15 -2.82 9.08
CA ALA P 33 -37.82 -3.44 9.25
C ALA P 33 -37.16 -3.79 7.92
N ILE P 34 -37.89 -4.49 7.07
CA ILE P 34 -37.45 -4.71 5.71
C ILE P 34 -36.90 -3.40 5.15
N ARG P 35 -37.68 -2.33 5.29
CA ARG P 35 -37.30 -1.00 4.81
C ARG P 35 -35.94 -0.57 5.36
N ARG P 36 -35.79 -0.60 6.68
CA ARG P 36 -34.50 -0.35 7.29
C ARG P 36 -33.37 -1.02 6.52
N LEU P 37 -33.48 -2.33 6.29
CA LEU P 37 -32.42 -3.08 5.59
C LEU P 37 -32.14 -2.47 4.22
N ALA P 38 -33.20 -2.11 3.49
CA ALA P 38 -33.05 -1.45 2.21
C ALA P 38 -32.31 -0.11 2.33
N ARG P 39 -32.57 0.61 3.42
CA ARG P 39 -31.91 1.87 3.73
C ARG P 39 -30.41 1.73 3.86
N ARG P 40 -29.96 0.69 4.58
CA ARG P 40 -28.54 0.43 4.75
C ARG P 40 -27.94 0.02 3.40
N GLY P 41 -28.68 -0.79 2.65
CA GLY P 41 -28.25 -1.16 1.30
C GLY P 41 -28.21 0.05 0.39
N GLY P 42 -28.81 1.14 0.85
CA GLY P 42 -28.78 2.39 0.12
C GLY P 42 -29.94 2.59 -0.82
N VAL P 43 -31.04 1.88 -0.58
CA VAL P 43 -32.28 2.11 -1.34
C VAL P 43 -32.99 3.32 -0.75
N LYS P 44 -33.53 4.18 -1.61
CA LYS P 44 -34.23 5.38 -1.12
C LYS P 44 -35.78 5.29 -1.20
N ARG P 45 -36.28 4.74 -2.31
CA ARG P 45 -37.71 4.69 -2.54
C ARG P 45 -38.09 3.26 -2.84
N ILE P 46 -39.16 2.79 -2.22
CA ILE P 46 -39.48 1.37 -2.23
C ILE P 46 -40.88 1.12 -2.72
N SER P 47 -41.00 0.32 -3.79
CA SER P 47 -42.29 -0.13 -4.29
C SER P 47 -43.01 -0.99 -3.27
N GLY P 48 -44.30 -0.73 -3.08
CA GLY P 48 -45.10 -1.40 -2.04
C GLY P 48 -45.13 -2.91 -2.10
N LEU P 49 -44.93 -3.47 -3.29
CA LEU P 49 -44.96 -4.92 -3.47
C LEU P 49 -43.68 -5.60 -2.95
N ILE P 50 -42.65 -4.79 -2.69
CA ILE P 50 -41.33 -5.26 -2.30
C ILE P 50 -41.35 -6.04 -1.00
N TYR P 51 -42.25 -5.64 -0.09
CA TYR P 51 -42.23 -6.18 1.27
C TYR P 51 -42.55 -7.67 1.31
N GLU P 52 -43.56 -8.08 0.53
CA GLU P 52 -43.87 -9.51 0.46
C GLU P 52 -42.78 -10.27 -0.29
N GLU P 53 -42.29 -9.67 -1.37
CA GLU P 53 -41.19 -10.24 -2.15
C GLU P 53 -39.96 -10.53 -1.29
N THR P 54 -39.57 -9.56 -0.48
CA THR P 54 -38.43 -9.76 0.41
C THR P 54 -38.70 -10.90 1.39
N ARG P 55 -39.91 -10.92 1.96
CA ARG P 55 -40.29 -12.00 2.85
C ARG P 55 -40.09 -13.33 2.14
N GLY P 56 -40.60 -13.42 0.92
CA GLY P 56 -40.43 -14.61 0.10
C GLY P 56 -38.97 -15.03 0.03
N VAL P 57 -38.11 -14.05 -0.27
CA VAL P 57 -36.68 -14.26 -0.48
C VAL P 57 -35.99 -14.61 0.82
N LEU P 58 -36.41 -13.96 1.90
CA LEU P 58 -35.86 -14.27 3.20
C LEU P 58 -36.08 -15.74 3.57
N LYS P 59 -37.29 -16.23 3.24
CA LYS P 59 -37.70 -17.59 3.51
C LYS P 59 -36.84 -18.61 2.74
N VAL P 60 -36.67 -18.39 1.43
CA VAL P 60 -35.87 -19.28 0.57
C VAL P 60 -34.41 -19.39 1.04
N PHE P 61 -33.87 -18.27 1.52
CA PHE P 61 -32.50 -18.20 2.00
C PHE P 61 -32.37 -18.97 3.30
N LEU P 62 -33.29 -18.74 4.24
CA LEU P 62 -33.20 -19.41 5.52
C LEU P 62 -33.34 -20.93 5.35
N GLU P 63 -34.35 -21.33 4.56
CA GLU P 63 -34.54 -22.73 4.22
C GLU P 63 -33.23 -23.43 3.75
N ASN P 64 -32.41 -22.75 2.94
CA ASN P 64 -31.22 -23.39 2.39
C ASN P 64 -30.06 -23.53 3.37
N VAL P 65 -29.83 -22.48 4.15
CA VAL P 65 -28.86 -22.53 5.24
C VAL P 65 -29.30 -23.55 6.29
N ILE P 66 -30.51 -23.37 6.83
CA ILE P 66 -31.02 -24.22 7.90
C ILE P 66 -30.98 -25.71 7.55
N ARG P 67 -31.43 -26.11 6.35
CA ARG P 67 -31.33 -27.52 5.94
C ARG P 67 -29.92 -28.09 6.15
N ASP P 68 -28.91 -27.43 5.55
CA ASP P 68 -27.52 -27.79 5.74
C ASP P 68 -27.14 -27.82 7.22
N ALA P 69 -27.38 -26.72 7.94
CA ALA P 69 -27.04 -26.69 9.36
C ALA P 69 -27.52 -27.96 10.08
N VAL P 70 -28.81 -28.23 9.95
CA VAL P 70 -29.43 -29.39 10.54
C VAL P 70 -28.80 -30.68 10.01
N THR P 71 -28.54 -30.76 8.70
CA THR P 71 -27.85 -31.95 8.18
C THR P 71 -26.56 -32.23 8.96
N TYR P 72 -25.86 -31.16 9.36
CA TYR P 72 -24.64 -31.27 10.15
C TYR P 72 -24.95 -31.73 11.56
N THR P 73 -25.93 -31.09 12.18
CA THR P 73 -26.48 -31.51 13.49
C THR P 73 -26.75 -33.01 13.52
N GLU P 74 -27.60 -33.46 12.60
CA GLU P 74 -28.01 -34.85 12.55
C GLU P 74 -26.84 -35.77 12.32
N HIS P 75 -25.89 -35.37 11.48
CA HIS P 75 -24.71 -36.20 11.25
C HIS P 75 -23.96 -36.37 12.55
N ALA P 76 -23.88 -35.29 13.31
CA ALA P 76 -23.21 -35.30 14.58
C ALA P 76 -24.12 -35.87 15.67
N LYS P 77 -25.24 -36.49 15.26
CA LYS P 77 -26.19 -37.12 16.20
C LYS P 77 -26.84 -36.20 17.26
N ARG P 78 -26.49 -34.91 17.27
CA ARG P 78 -27.00 -33.98 18.28
C ARG P 78 -28.46 -33.61 18.05
N LYS P 79 -29.06 -32.99 19.06
CA LYS P 79 -30.44 -32.50 18.98
C LYS P 79 -30.50 -30.96 19.02
N THR P 80 -29.33 -30.36 19.23
CA THR P 80 -29.15 -28.92 19.32
C THR P 80 -28.30 -28.47 18.16
N VAL P 81 -28.83 -27.51 17.41
CA VAL P 81 -28.11 -26.89 16.32
C VAL P 81 -27.18 -25.83 16.90
N THR P 82 -25.89 -25.94 16.56
CA THR P 82 -24.84 -25.08 17.10
C THR P 82 -24.36 -24.06 16.09
N ALA P 83 -23.59 -23.09 16.58
CA ALA P 83 -23.05 -22.02 15.75
C ALA P 83 -22.11 -22.53 14.66
N MET P 84 -21.30 -23.55 14.95
CA MET P 84 -20.48 -24.19 13.90
C MET P 84 -21.35 -24.75 12.79
N ASP P 85 -22.40 -25.47 13.18
CA ASP P 85 -23.42 -25.96 12.23
C ASP P 85 -23.88 -24.88 11.26
N VAL P 86 -24.16 -23.69 11.77
CA VAL P 86 -24.49 -22.61 10.88
C VAL P 86 -23.23 -22.24 10.08
N VAL P 87 -22.11 -21.99 10.76
CA VAL P 87 -20.92 -21.54 10.04
C VAL P 87 -20.53 -22.49 8.91
N TYR P 88 -20.63 -23.80 9.15
CA TYR P 88 -20.29 -24.74 8.09
C TYR P 88 -21.28 -24.63 6.94
N ALA P 89 -22.57 -24.67 7.29
CA ALA P 89 -23.62 -24.47 6.32
C ALA P 89 -23.27 -23.26 5.43
N LEU P 90 -23.00 -22.13 6.07
CA LEU P 90 -22.68 -20.91 5.36
C LEU P 90 -21.41 -20.99 4.49
N LYS P 91 -20.37 -21.66 5.01
CA LYS P 91 -19.12 -21.86 4.27
C LYS P 91 -19.36 -22.74 3.05
N ARG P 92 -20.32 -23.65 3.15
CA ARG P 92 -20.60 -24.55 2.03
C ARG P 92 -21.51 -23.90 1.04
N GLN P 93 -22.21 -22.85 1.46
CA GLN P 93 -23.15 -22.17 0.58
C GLN P 93 -22.48 -20.99 -0.10
N GLY P 94 -21.18 -20.85 0.15
CA GLY P 94 -20.40 -19.75 -0.39
C GLY P 94 -20.73 -18.43 0.26
N ARG P 95 -21.05 -18.45 1.54
CA ARG P 95 -21.17 -17.23 2.35
C ARG P 95 -20.47 -17.40 3.70
N THR P 96 -19.14 -17.34 3.69
CA THR P 96 -18.36 -17.59 4.89
C THR P 96 -18.63 -16.50 5.90
N LEU P 97 -18.96 -16.91 7.13
CA LEU P 97 -19.12 -15.95 8.23
C LEU P 97 -17.95 -15.98 9.22
N TYR P 98 -17.54 -14.78 9.65
CA TYR P 98 -16.39 -14.61 10.53
C TYR P 98 -16.85 -14.23 11.93
N GLY P 99 -16.09 -14.69 12.93
CA GLY P 99 -16.35 -14.35 14.33
C GLY P 99 -17.56 -15.03 14.94
N PHE P 100 -17.60 -16.35 14.83
CA PHE P 100 -18.61 -17.20 15.48
C PHE P 100 -18.05 -18.59 15.70
N GLY P 101 -16.73 -18.71 15.59
CA GLY P 101 -16.06 -19.96 15.95
C GLY P 101 -15.32 -20.62 14.80
N GLY P 102 -14.47 -21.59 15.15
CA GLY P 102 -13.63 -22.33 14.19
C GLY P 102 -13.05 -21.51 13.05
N LYS Q 13 -8.91 -63.28 -6.23
CA LYS Q 13 -10.35 -62.95 -6.44
C LYS Q 13 -11.23 -64.21 -6.44
N ALA Q 14 -12.01 -64.40 -5.37
CA ALA Q 14 -13.09 -65.39 -5.40
C ALA Q 14 -14.21 -64.76 -6.22
N LYS Q 15 -14.81 -63.70 -5.65
CA LYS Q 15 -15.63 -62.74 -6.40
C LYS Q 15 -15.09 -61.35 -6.06
N THR Q 16 -15.15 -60.42 -7.02
CA THR Q 16 -14.66 -59.04 -6.80
C THR Q 16 -15.62 -58.26 -5.91
N ARG Q 17 -15.08 -57.27 -5.19
CA ARG Q 17 -15.89 -56.39 -4.34
C ARG Q 17 -17.08 -55.79 -5.07
N SER Q 18 -16.91 -55.53 -6.37
CA SER Q 18 -17.95 -54.95 -7.19
C SER Q 18 -19.19 -55.82 -7.20
N SER Q 19 -19.14 -56.93 -7.94
CA SER Q 19 -20.28 -57.85 -8.06
C SER Q 19 -20.97 -58.14 -6.73
N ARG Q 20 -20.22 -58.10 -5.64
CA ARG Q 20 -20.78 -58.28 -4.30
C ARG Q 20 -21.79 -57.19 -3.99
N ALA Q 21 -21.43 -55.96 -4.32
CA ALA Q 21 -22.36 -54.85 -4.21
C ALA Q 21 -23.32 -54.84 -5.41
N GLY Q 22 -23.01 -55.66 -6.41
CA GLY Q 22 -23.80 -55.73 -7.64
C GLY Q 22 -23.60 -54.49 -8.49
N LEU Q 23 -22.37 -53.99 -8.49
CA LEU Q 23 -22.05 -52.73 -9.16
C LEU Q 23 -21.14 -52.94 -10.35
N GLN Q 24 -21.31 -52.08 -11.34
CA GLN Q 24 -20.45 -52.07 -12.53
C GLN Q 24 -19.24 -51.15 -12.37
N PHE Q 25 -19.37 -50.14 -11.50
CA PHE Q 25 -18.28 -49.22 -11.21
C PHE Q 25 -17.26 -49.86 -10.29
N PRO Q 26 -15.96 -49.52 -10.48
CA PRO Q 26 -14.89 -50.24 -9.81
C PRO Q 26 -14.83 -49.88 -8.34
N VAL Q 27 -15.06 -50.86 -7.48
CA VAL Q 27 -15.03 -50.60 -6.06
C VAL Q 27 -13.58 -50.45 -5.61
N GLY Q 28 -12.69 -51.20 -6.26
CA GLY Q 28 -11.27 -51.21 -5.88
C GLY Q 28 -10.58 -49.89 -6.15
N ARG Q 29 -10.91 -49.28 -7.28
CA ARG Q 29 -10.39 -47.98 -7.64
C ARG Q 29 -10.91 -46.89 -6.69
N VAL Q 30 -12.16 -47.01 -6.26
CA VAL Q 30 -12.76 -46.02 -5.39
C VAL Q 30 -12.09 -46.03 -4.01
N HIS Q 31 -11.69 -47.20 -3.55
CA HIS Q 31 -10.94 -47.33 -2.29
C HIS Q 31 -9.53 -46.74 -2.41
N ARG Q 32 -8.88 -47.03 -3.53
CA ARG Q 32 -7.53 -46.54 -3.79
C ARG Q 32 -7.48 -45.03 -3.96
N LEU Q 33 -8.45 -44.49 -4.70
CA LEU Q 33 -8.50 -43.06 -4.95
C LEU Q 33 -8.93 -42.26 -3.72
N LEU Q 34 -9.55 -42.92 -2.76
CA LEU Q 34 -9.93 -42.30 -1.49
C LEU Q 34 -8.74 -42.20 -0.52
N ARG Q 35 -7.91 -43.24 -0.52
CA ARG Q 35 -6.70 -43.28 0.30
C ARG Q 35 -5.63 -42.29 -0.15
N LYS Q 36 -5.25 -42.35 -1.43
CA LYS Q 36 -4.17 -41.53 -1.95
C LYS Q 36 -4.51 -40.05 -1.96
N GLY Q 37 -5.82 -39.76 -1.91
CA GLY Q 37 -6.35 -38.41 -2.02
C GLY Q 37 -6.31 -37.58 -0.75
N ASN Q 38 -5.89 -38.17 0.37
CA ASN Q 38 -5.71 -37.44 1.63
C ASN Q 38 -7.01 -36.80 2.13
N TYR Q 39 -8.04 -37.63 2.28
CA TYR Q 39 -9.35 -37.16 2.70
C TYR Q 39 -9.56 -37.38 4.20
N ALA Q 40 -9.17 -38.57 4.66
CA ALA Q 40 -8.99 -38.85 6.08
C ALA Q 40 -7.84 -39.83 6.21
N GLU Q 41 -7.33 -39.98 7.42
CA GLU Q 41 -6.29 -40.96 7.69
C GLU Q 41 -6.75 -42.37 7.30
N ARG Q 42 -8.00 -42.69 7.62
CA ARG Q 42 -8.53 -44.05 7.47
C ARG Q 42 -9.87 -44.08 6.76
N VAL Q 43 -10.05 -45.12 5.95
CA VAL Q 43 -11.22 -45.24 5.07
C VAL Q 43 -11.95 -46.57 5.23
N GLY Q 44 -12.99 -46.57 6.07
CA GLY Q 44 -13.87 -47.73 6.23
C GLY Q 44 -14.14 -48.48 4.94
N ALA Q 45 -14.29 -49.79 5.04
CA ALA Q 45 -14.41 -50.65 3.86
C ALA Q 45 -15.79 -50.52 3.22
N GLY Q 46 -16.69 -49.86 3.95
CA GLY Q 46 -18.05 -49.61 3.46
C GLY Q 46 -18.17 -48.38 2.59
N ALA Q 47 -17.40 -47.35 2.91
CA ALA Q 47 -17.48 -46.06 2.24
C ALA Q 47 -17.25 -46.05 0.72
N PRO Q 48 -16.26 -46.82 0.22
CA PRO Q 48 -16.09 -46.83 -1.24
C PRO Q 48 -17.20 -47.57 -1.98
N VAL Q 49 -17.94 -48.39 -1.24
CA VAL Q 49 -19.07 -49.14 -1.81
C VAL Q 49 -20.21 -48.16 -2.06
N TYR Q 50 -20.45 -47.29 -1.08
CA TYR Q 50 -21.50 -46.32 -1.18
C TYR Q 50 -21.22 -45.38 -2.34
N LEU Q 51 -19.98 -44.87 -2.37
CA LEU Q 51 -19.59 -43.89 -3.37
C LEU Q 51 -19.72 -44.45 -4.77
N ALA Q 52 -19.02 -45.54 -5.05
CA ALA Q 52 -19.10 -46.20 -6.35
C ALA Q 52 -20.54 -46.21 -6.82
N ALA Q 53 -21.44 -46.67 -5.94
CA ALA Q 53 -22.86 -46.79 -6.25
C ALA Q 53 -23.51 -45.46 -6.63
N VAL Q 54 -23.18 -44.40 -5.89
CA VAL Q 54 -23.67 -43.06 -6.19
C VAL Q 54 -23.14 -42.58 -7.54
N LEU Q 55 -21.87 -42.88 -7.83
CA LEU Q 55 -21.30 -42.48 -9.11
C LEU Q 55 -21.91 -43.27 -10.27
N GLU Q 56 -22.31 -44.50 -9.99
CA GLU Q 56 -22.97 -45.35 -11.00
C GLU Q 56 -24.35 -44.78 -11.24
N TYR Q 57 -25.08 -44.48 -10.18
CA TYR Q 57 -26.42 -43.94 -10.36
C TYR Q 57 -26.41 -42.67 -11.18
N LEU Q 58 -25.45 -41.80 -10.88
CA LEU Q 58 -25.37 -40.52 -11.53
C LEU Q 58 -24.95 -40.66 -12.99
N THR Q 59 -23.97 -41.52 -13.25
CA THR Q 59 -23.56 -41.84 -14.61
C THR Q 59 -24.74 -42.34 -15.41
N ALA Q 60 -25.53 -43.22 -14.78
CA ALA Q 60 -26.64 -43.90 -15.42
C ALA Q 60 -27.76 -42.93 -15.73
N GLU Q 61 -27.98 -41.97 -14.84
CA GLU Q 61 -29.02 -40.97 -15.03
C GLU Q 61 -28.74 -40.04 -16.21
N ILE Q 62 -27.52 -39.52 -16.28
CA ILE Q 62 -27.11 -38.60 -17.36
C ILE Q 62 -27.15 -39.33 -18.68
N LEU Q 63 -26.70 -40.58 -18.67
CA LEU Q 63 -26.65 -41.38 -19.88
C LEU Q 63 -28.06 -41.74 -20.39
N GLU Q 64 -29.02 -41.76 -19.48
CA GLU Q 64 -30.40 -42.01 -19.81
C GLU Q 64 -30.93 -40.82 -20.62
N LEU Q 65 -30.80 -39.62 -20.06
CA LEU Q 65 -31.47 -38.45 -20.61
C LEU Q 65 -30.78 -37.93 -21.86
N ALA Q 66 -29.48 -38.21 -22.00
CA ALA Q 66 -28.73 -37.83 -23.19
C ALA Q 66 -29.03 -38.86 -24.26
N GLY Q 67 -29.14 -40.12 -23.84
CA GLY Q 67 -29.57 -41.18 -24.75
C GLY Q 67 -30.88 -40.79 -25.41
N ASN Q 68 -31.80 -40.27 -24.61
CA ASN Q 68 -33.07 -39.79 -25.12
C ASN Q 68 -32.88 -38.60 -26.04
N ALA Q 69 -31.98 -37.70 -25.63
CA ALA Q 69 -31.72 -36.46 -26.36
C ALA Q 69 -31.18 -36.73 -27.74
N ALA Q 70 -30.28 -37.70 -27.81
CA ALA Q 70 -29.74 -38.17 -29.08
C ALA Q 70 -30.83 -38.85 -29.91
N ARG Q 71 -31.76 -39.54 -29.24
CA ARG Q 71 -32.78 -40.31 -29.95
C ARG Q 71 -33.81 -39.35 -30.53
N ASP Q 72 -34.14 -38.31 -29.77
CA ASP Q 72 -35.01 -37.25 -30.25
C ASP Q 72 -34.39 -36.62 -31.48
N ASN Q 73 -33.07 -36.55 -31.53
CA ASN Q 73 -32.36 -35.90 -32.63
C ASN Q 73 -32.20 -36.71 -33.91
N LYS Q 74 -32.64 -37.97 -33.89
CA LYS Q 74 -32.39 -38.93 -34.98
C LYS Q 74 -30.96 -39.46 -34.93
N LYS Q 75 -30.41 -39.62 -33.73
CA LYS Q 75 -29.01 -39.99 -33.60
C LYS Q 75 -28.77 -41.18 -32.70
N THR Q 76 -27.90 -42.09 -33.12
CA THR Q 76 -27.62 -43.28 -32.31
C THR Q 76 -26.37 -43.18 -31.43
N ARG Q 77 -25.55 -42.15 -31.65
CA ARG Q 77 -24.33 -41.96 -30.85
C ARG Q 77 -24.39 -40.66 -30.07
N ILE Q 78 -24.32 -40.76 -28.74
CA ILE Q 78 -24.28 -39.58 -27.89
C ILE Q 78 -23.03 -38.73 -28.18
N ILE Q 79 -23.23 -37.45 -28.46
CA ILE Q 79 -22.13 -36.51 -28.56
C ILE Q 79 -22.24 -35.52 -27.40
N PRO Q 80 -21.24 -34.63 -27.23
CA PRO Q 80 -21.30 -33.66 -26.13
C PRO Q 80 -22.56 -32.80 -26.16
N ARG Q 81 -23.02 -32.44 -27.35
CA ARG Q 81 -24.24 -31.68 -27.47
C ARG Q 81 -25.28 -32.34 -26.65
N HIS Q 82 -25.48 -33.64 -26.88
CA HIS Q 82 -26.56 -34.35 -26.21
C HIS Q 82 -26.46 -34.28 -24.69
N LEU Q 83 -25.24 -34.18 -24.17
CA LEU Q 83 -25.08 -34.12 -22.72
C LEU Q 83 -25.59 -32.80 -22.18
N GLN Q 84 -25.26 -31.70 -22.86
CA GLN Q 84 -25.79 -30.37 -22.52
C GLN Q 84 -27.33 -30.35 -22.53
N LEU Q 85 -27.94 -30.73 -23.64
CA LEU Q 85 -29.39 -30.88 -23.70
C LEU Q 85 -29.98 -31.69 -22.53
N ALA Q 86 -29.34 -32.80 -22.19
CA ALA Q 86 -29.74 -33.69 -21.09
C ALA Q 86 -29.57 -33.04 -19.73
N VAL Q 87 -28.39 -32.48 -19.54
CA VAL Q 87 -28.02 -31.81 -18.31
C VAL Q 87 -28.85 -30.55 -18.13
N ARG Q 88 -28.82 -29.67 -19.14
CA ARG Q 88 -29.52 -28.37 -19.03
C ARG Q 88 -31.03 -28.46 -18.95
N ASN Q 89 -31.63 -29.38 -19.70
CA ASN Q 89 -33.08 -29.46 -19.77
C ASN Q 89 -33.77 -30.09 -18.57
N ASP Q 90 -33.00 -30.70 -17.67
CA ASP Q 90 -33.54 -31.19 -16.42
C ASP Q 90 -33.09 -30.28 -15.27
N GLU Q 91 -34.05 -29.90 -14.44
CA GLU Q 91 -33.88 -28.90 -13.37
C GLU Q 91 -32.73 -29.22 -12.42
N GLU Q 92 -32.61 -30.51 -12.10
CA GLU Q 92 -31.76 -30.98 -11.03
C GLU Q 92 -30.31 -31.10 -11.46
N LEU Q 93 -30.07 -31.78 -12.58
CA LEU Q 93 -28.70 -31.94 -13.05
C LEU Q 93 -28.08 -30.59 -13.34
N ASN Q 94 -28.90 -29.71 -13.92
CA ASN Q 94 -28.50 -28.33 -14.20
C ASN Q 94 -27.97 -27.62 -12.95
N LYS Q 95 -28.69 -27.73 -11.84
CA LYS Q 95 -28.28 -27.08 -10.58
C LYS Q 95 -27.00 -27.65 -10.02
N LEU Q 96 -26.82 -28.96 -10.17
CA LEU Q 96 -25.60 -29.62 -9.69
C LEU Q 96 -24.45 -29.11 -10.55
N LEU Q 97 -24.58 -29.28 -11.85
CA LEU Q 97 -23.57 -28.81 -12.78
C LEU Q 97 -23.76 -27.32 -13.12
N GLY Q 98 -24.15 -26.54 -12.11
CA GLY Q 98 -24.40 -25.11 -12.28
C GLY Q 98 -23.17 -24.24 -12.56
N ARG Q 99 -21.99 -24.68 -12.11
CA ARG Q 99 -20.77 -23.94 -12.37
C ARG Q 99 -19.75 -24.81 -13.16
N VAL Q 100 -20.33 -25.73 -13.94
CA VAL Q 100 -19.61 -26.59 -14.84
C VAL Q 100 -19.93 -26.22 -16.29
N THR Q 101 -18.89 -26.16 -17.14
CA THR Q 101 -19.08 -25.96 -18.57
C THR Q 101 -18.73 -27.24 -19.34
N ILE Q 102 -19.65 -27.69 -20.21
CA ILE Q 102 -19.47 -28.89 -21.04
C ILE Q 102 -18.98 -28.46 -22.40
N ALA Q 103 -17.77 -28.89 -22.75
CA ALA Q 103 -17.10 -28.41 -23.96
C ALA Q 103 -17.76 -28.95 -25.20
N GLN Q 104 -17.87 -28.11 -26.22
CA GLN Q 104 -18.53 -28.46 -27.47
C GLN Q 104 -19.99 -28.86 -27.24
N GLY Q 105 -20.63 -28.12 -26.33
CA GLY Q 105 -22.01 -28.40 -25.92
C GLY Q 105 -23.12 -27.49 -26.39
N GLY Q 106 -22.79 -26.28 -26.84
CA GLY Q 106 -23.81 -25.31 -27.22
C GLY Q 106 -24.63 -24.75 -26.07
N VAL Q 107 -25.77 -24.15 -26.40
CA VAL Q 107 -26.72 -23.70 -25.37
C VAL Q 107 -28.15 -24.20 -25.68
N LEU Q 108 -29.09 -23.99 -24.76
CA LEU Q 108 -30.48 -24.29 -25.09
C LEU Q 108 -31.10 -23.28 -26.07
N PRO Q 109 -31.91 -23.78 -27.01
CA PRO Q 109 -32.74 -22.90 -27.85
C PRO Q 109 -33.75 -22.10 -27.02
N ASN Q 110 -33.40 -20.84 -26.77
CA ASN Q 110 -34.22 -19.95 -25.99
C ASN Q 110 -34.01 -18.51 -26.44
N ILE Q 111 -35.09 -17.89 -26.93
CA ILE Q 111 -35.15 -16.48 -27.32
C ILE Q 111 -36.17 -15.77 -26.41
N GLN Q 112 -35.84 -14.56 -25.95
CA GLN Q 112 -36.76 -13.76 -25.12
C GLN Q 112 -37.97 -13.32 -25.91
N SER Q 113 -39.14 -13.31 -25.28
CA SER Q 113 -40.41 -13.12 -25.98
C SER Q 113 -40.56 -11.72 -26.60
N VAL Q 114 -40.07 -10.72 -25.90
CA VAL Q 114 -40.06 -9.35 -26.38
C VAL Q 114 -39.30 -9.20 -27.72
N LEU Q 115 -38.41 -10.15 -28.00
CA LEU Q 115 -37.58 -10.09 -29.21
C LEU Q 115 -38.29 -10.60 -30.46
N LEU Q 116 -39.45 -11.23 -30.27
CA LEU Q 116 -40.18 -11.85 -31.37
C LEU Q 116 -40.91 -10.84 -32.29
N PRO Q 117 -41.17 -11.23 -33.56
CA PRO Q 117 -41.94 -10.52 -34.58
C PRO Q 117 -43.04 -9.59 -34.07
N LYS Q 118 -43.20 -8.47 -34.79
CA LYS Q 118 -44.18 -7.40 -34.52
C LYS Q 118 -44.21 -6.83 -33.08
N LYS Q 119 -43.10 -6.16 -32.70
CA LYS Q 119 -42.92 -5.39 -31.44
C LYS Q 119 -42.59 -6.19 -30.14
N THR Q 120 -43.61 -6.85 -29.55
CA THR Q 120 -43.47 -7.68 -28.33
C THR Q 120 -44.27 -8.99 -28.51
N GLU Q 121 -44.42 -9.41 -29.78
CA GLU Q 121 -45.25 -10.57 -30.13
C GLU Q 121 -44.40 -11.72 -30.67
N ARG R 30 7.93 -47.90 -22.16
CA ARG R 30 7.27 -46.60 -22.52
C ARG R 30 5.75 -46.70 -22.37
N LYS R 31 5.29 -46.47 -21.13
CA LYS R 31 3.94 -46.88 -20.72
C LYS R 31 3.62 -46.37 -19.31
N THR R 32 3.07 -45.17 -19.21
CA THR R 32 2.47 -44.73 -17.95
C THR R 32 0.95 -44.86 -18.05
N ARG R 33 0.38 -45.58 -17.09
CA ARG R 33 -1.04 -45.87 -17.08
C ARG R 33 -1.89 -44.65 -16.71
N LYS R 34 -2.63 -44.14 -17.69
CA LYS R 34 -3.59 -43.07 -17.47
C LYS R 34 -4.97 -43.71 -17.40
N GLU R 35 -5.34 -44.17 -16.22
CA GLU R 35 -6.62 -44.87 -16.02
C GLU R 35 -7.81 -43.91 -16.03
N SER R 36 -8.95 -44.38 -16.54
CA SER R 36 -10.19 -43.60 -16.55
C SER R 36 -11.40 -44.47 -16.29
N TYR R 37 -12.57 -43.86 -16.17
CA TYR R 37 -13.84 -44.59 -15.95
C TYR R 37 -14.52 -44.95 -17.26
N ALA R 38 -13.84 -44.66 -18.37
CA ALA R 38 -14.39 -44.82 -19.71
C ALA R 38 -15.18 -46.11 -19.94
N ILE R 39 -14.64 -47.23 -19.42
CA ILE R 39 -15.19 -48.55 -19.74
C ILE R 39 -16.29 -48.99 -18.78
N TYR R 40 -16.31 -48.38 -17.60
CA TYR R 40 -17.39 -48.59 -16.66
C TYR R 40 -18.57 -47.72 -17.07
N VAL R 41 -18.25 -46.54 -17.60
CA VAL R 41 -19.24 -45.63 -18.11
C VAL R 41 -20.00 -46.30 -19.25
N TYR R 42 -19.29 -47.07 -20.06
CA TYR R 42 -19.83 -47.71 -21.24
C TYR R 42 -20.73 -48.88 -20.87
N LYS R 43 -20.32 -49.61 -19.84
CA LYS R 43 -21.07 -50.76 -19.35
C LYS R 43 -22.46 -50.33 -18.89
N VAL R 44 -22.52 -49.20 -18.17
CA VAL R 44 -23.78 -48.59 -17.77
C VAL R 44 -24.57 -48.12 -18.98
N LEU R 45 -23.89 -47.54 -19.96
CA LEU R 45 -24.54 -47.13 -21.19
C LEU R 45 -25.32 -48.29 -21.83
N LYS R 46 -24.71 -49.46 -21.86
CA LYS R 46 -25.34 -50.63 -22.46
C LYS R 46 -26.49 -51.18 -21.60
N GLN R 47 -26.65 -50.62 -20.41
CA GLN R 47 -27.81 -50.95 -19.57
C GLN R 47 -28.97 -49.99 -19.80
N VAL R 48 -28.71 -48.69 -19.66
CA VAL R 48 -29.75 -47.69 -19.90
C VAL R 48 -30.17 -47.65 -21.36
N HIS R 49 -29.22 -47.89 -22.27
CA HIS R 49 -29.47 -47.87 -23.71
C HIS R 49 -28.58 -48.85 -24.47
N PRO R 50 -29.05 -50.10 -24.64
CA PRO R 50 -28.30 -51.16 -25.31
C PRO R 50 -27.95 -50.84 -26.75
N ASP R 51 -28.71 -49.96 -27.39
CA ASP R 51 -28.51 -49.67 -28.80
C ASP R 51 -27.68 -48.42 -29.07
N THR R 52 -27.42 -47.60 -28.04
CA THR R 52 -26.80 -46.28 -28.25
C THR R 52 -25.26 -46.26 -28.13
N GLY R 53 -24.61 -45.50 -29.02
CA GLY R 53 -23.17 -45.28 -29.01
C GLY R 53 -22.71 -44.11 -28.15
N ILE R 54 -21.46 -43.67 -28.32
CA ILE R 54 -20.89 -42.53 -27.58
C ILE R 54 -19.51 -42.11 -28.09
N SER R 55 -19.40 -40.85 -28.50
CA SER R 55 -18.16 -40.29 -29.04
C SER R 55 -17.11 -40.06 -27.98
N SER R 56 -15.85 -39.95 -28.42
CA SER R 56 -14.70 -39.70 -27.53
C SER R 56 -14.83 -38.41 -26.74
N LYS R 57 -15.23 -37.36 -27.43
CA LYS R 57 -15.35 -36.06 -26.78
C LYS R 57 -16.42 -36.13 -25.70
N ALA R 58 -17.47 -36.91 -25.96
CA ALA R 58 -18.54 -37.18 -25.00
C ALA R 58 -18.13 -38.09 -23.83
N MET R 59 -17.41 -39.16 -24.13
CA MET R 59 -16.83 -40.01 -23.09
C MET R 59 -15.87 -39.20 -22.18
N SER R 60 -15.21 -38.21 -22.79
CA SER R 60 -14.30 -37.34 -22.06
C SER R 60 -15.04 -36.47 -21.05
N ILE R 61 -16.24 -36.03 -21.42
CA ILE R 61 -17.09 -35.26 -20.49
C ILE R 61 -17.45 -36.16 -19.32
N MET R 62 -18.01 -37.33 -19.63
CA MET R 62 -18.36 -38.30 -18.63
C MET R 62 -17.22 -38.61 -17.66
N ASN R 63 -16.01 -38.86 -18.17
CA ASN R 63 -14.87 -39.05 -17.27
C ASN R 63 -14.60 -37.85 -16.36
N SER R 64 -14.65 -36.63 -16.92
CA SER R 64 -14.53 -35.41 -16.12
C SER R 64 -15.66 -35.32 -15.08
N PHE R 65 -16.83 -35.81 -15.45
CA PHE R 65 -18.01 -35.75 -14.57
C PHE R 65 -17.88 -36.67 -13.38
N VAL R 66 -17.51 -37.92 -13.62
CA VAL R 66 -17.28 -38.83 -12.51
C VAL R 66 -16.25 -38.25 -11.56
N ASN R 67 -15.14 -37.73 -12.09
CA ASN R 67 -14.08 -37.19 -11.25
C ASN R 67 -14.50 -35.96 -10.45
N ASP R 68 -15.23 -35.06 -11.13
CA ASP R 68 -15.67 -33.80 -10.56
C ASP R 68 -16.55 -34.06 -9.37
N VAL R 69 -17.41 -35.07 -9.51
CA VAL R 69 -18.34 -35.46 -8.45
C VAL R 69 -17.61 -36.19 -7.35
N PHE R 70 -16.78 -37.16 -7.73
CA PHE R 70 -15.93 -37.87 -6.78
C PHE R 70 -15.22 -36.88 -5.86
N GLU R 71 -14.53 -35.91 -6.46
CA GLU R 71 -13.85 -34.86 -5.73
C GLU R 71 -14.85 -34.05 -4.90
N ARG R 72 -15.95 -33.65 -5.54
CA ARG R 72 -16.96 -32.85 -4.87
C ARG R 72 -17.48 -33.57 -3.63
N ILE R 73 -17.82 -34.86 -3.79
CA ILE R 73 -18.32 -35.68 -2.68
C ILE R 73 -17.23 -35.91 -1.64
N ALA R 74 -16.17 -36.63 -2.02
CA ALA R 74 -15.13 -37.00 -1.07
C ALA R 74 -14.63 -35.79 -0.28
N GLY R 75 -14.48 -34.67 -0.97
CA GLY R 75 -14.08 -33.43 -0.32
C GLY R 75 -15.05 -33.08 0.78
N GLU R 76 -16.34 -33.09 0.45
CA GLU R 76 -17.42 -32.76 1.38
C GLU R 76 -17.42 -33.73 2.54
N ALA R 77 -17.17 -35.00 2.21
CA ALA R 77 -17.06 -36.09 3.17
C ALA R 77 -15.85 -35.89 4.08
N SER R 78 -14.76 -35.42 3.50
CA SER R 78 -13.54 -35.16 4.24
C SER R 78 -13.78 -34.16 5.39
N ARG R 79 -14.44 -33.04 5.07
CA ARG R 79 -14.72 -32.02 6.05
C ARG R 79 -15.53 -32.56 7.22
N LEU R 80 -16.58 -33.35 6.92
CA LEU R 80 -17.43 -33.93 7.96
C LEU R 80 -16.62 -34.56 9.06
N ALA R 81 -15.75 -35.47 8.66
CA ALA R 81 -14.84 -36.16 9.55
C ALA R 81 -14.02 -35.18 10.35
N HIS R 82 -13.52 -34.14 9.68
CA HIS R 82 -12.68 -33.15 10.36
C HIS R 82 -13.44 -32.23 11.31
N TYR R 83 -14.70 -31.90 11.02
CA TYR R 83 -15.49 -31.10 11.97
C TYR R 83 -15.93 -31.97 13.13
N ASN R 84 -15.89 -33.27 12.95
CA ASN R 84 -16.37 -34.18 13.97
C ASN R 84 -15.27 -34.96 14.65
N LYS R 85 -14.05 -34.50 14.44
CA LYS R 85 -12.86 -35.13 15.03
C LYS R 85 -12.90 -36.62 14.77
N ARG R 86 -13.03 -36.99 13.50
CA ARG R 86 -12.93 -38.39 13.09
C ARG R 86 -11.81 -38.54 12.06
N SER R 87 -11.03 -39.60 12.21
CA SER R 87 -9.95 -39.89 11.27
C SER R 87 -10.32 -41.02 10.32
N THR R 88 -11.56 -41.50 10.44
CA THR R 88 -12.08 -42.53 9.56
C THR R 88 -13.30 -42.02 8.81
N ILE R 89 -13.30 -42.23 7.49
CA ILE R 89 -14.47 -41.94 6.66
C ILE R 89 -15.29 -43.22 6.51
N THR R 90 -16.37 -43.33 7.28
CA THR R 90 -17.32 -44.44 7.12
C THR R 90 -18.31 -44.04 6.02
N SER R 91 -19.05 -45.03 5.53
CA SER R 91 -20.13 -44.80 4.57
C SER R 91 -21.22 -43.82 5.07
N ARG R 92 -21.10 -43.37 6.31
CA ARG R 92 -22.08 -42.48 6.89
C ARG R 92 -21.74 -41.07 6.49
N GLU R 93 -20.45 -40.77 6.39
CA GLU R 93 -20.02 -39.47 5.90
C GLU R 93 -20.35 -39.32 4.43
N ILE R 94 -20.00 -40.33 3.62
CA ILE R 94 -20.40 -40.39 2.22
C ILE R 94 -21.89 -40.03 2.05
N GLN R 95 -22.71 -40.55 2.95
CA GLN R 95 -24.15 -40.34 2.90
C GLN R 95 -24.54 -38.89 3.20
N THR R 96 -24.11 -38.38 4.35
CA THR R 96 -24.31 -36.98 4.69
C THR R 96 -23.81 -36.08 3.55
N ALA R 97 -22.64 -36.41 3.01
CA ALA R 97 -22.05 -35.63 1.94
C ALA R 97 -22.98 -35.59 0.74
N VAL R 98 -23.45 -36.76 0.32
CA VAL R 98 -24.43 -36.88 -0.76
C VAL R 98 -25.67 -36.04 -0.45
N ARG R 99 -26.19 -36.15 0.76
CA ARG R 99 -27.34 -35.35 1.15
C ARG R 99 -27.00 -33.88 1.04
N LEU R 100 -25.78 -33.53 1.43
CA LEU R 100 -25.35 -32.13 1.44
C LEU R 100 -25.12 -31.59 0.03
N LEU R 101 -24.68 -32.47 -0.85
CA LEU R 101 -24.22 -32.05 -2.16
C LEU R 101 -25.28 -32.10 -3.24
N LEU R 102 -26.12 -33.13 -3.21
CA LEU R 102 -27.01 -33.38 -4.32
C LEU R 102 -28.36 -32.71 -4.11
N PRO R 103 -28.93 -32.15 -5.18
CA PRO R 103 -30.26 -31.54 -5.19
C PRO R 103 -31.36 -32.51 -4.83
N GLY R 104 -32.40 -31.99 -4.19
CA GLY R 104 -33.57 -32.74 -3.75
C GLY R 104 -33.69 -34.18 -4.17
N GLU R 105 -34.37 -34.41 -5.28
CA GLU R 105 -34.75 -35.76 -5.67
C GLU R 105 -33.55 -36.62 -6.04
N LEU R 106 -32.58 -36.00 -6.70
CA LEU R 106 -31.38 -36.69 -7.14
C LEU R 106 -30.60 -37.29 -5.95
N ALA R 107 -30.61 -36.56 -4.84
CA ALA R 107 -29.96 -36.96 -3.60
C ALA R 107 -30.69 -38.12 -2.97
N LYS R 108 -32.01 -38.06 -3.05
CA LYS R 108 -32.88 -39.07 -2.46
C LYS R 108 -32.59 -40.44 -3.08
N HIS R 109 -32.63 -40.54 -4.40
CA HIS R 109 -32.35 -41.80 -5.10
C HIS R 109 -30.89 -42.20 -4.94
N ALA R 110 -30.01 -41.22 -4.81
CA ALA R 110 -28.58 -41.45 -4.61
C ALA R 110 -28.36 -42.27 -3.34
N VAL R 111 -28.91 -41.80 -2.23
CA VAL R 111 -28.89 -42.54 -0.96
C VAL R 111 -29.54 -43.89 -1.14
N SER R 112 -30.73 -43.90 -1.74
CA SER R 112 -31.44 -45.12 -2.05
C SER R 112 -30.53 -46.16 -2.72
N GLU R 113 -29.70 -45.73 -3.66
CA GLU R 113 -28.78 -46.65 -4.35
C GLU R 113 -27.51 -46.92 -3.55
N GLY R 114 -27.19 -46.02 -2.64
CA GLY R 114 -26.01 -46.17 -1.78
C GLY R 114 -26.19 -47.21 -0.69
N THR R 115 -27.28 -47.08 0.07
CA THR R 115 -27.57 -48.00 1.15
C THR R 115 -27.76 -49.43 0.62
N LYS R 116 -28.56 -49.57 -0.42
CA LYS R 116 -28.77 -50.86 -1.08
C LYS R 116 -27.45 -51.52 -1.48
N ALA R 117 -26.44 -50.73 -1.84
CA ALA R 117 -25.15 -51.26 -2.26
C ALA R 117 -24.33 -51.85 -1.11
N VAL R 118 -24.15 -51.08 -0.04
CA VAL R 118 -23.57 -51.61 1.19
C VAL R 118 -24.31 -52.90 1.61
N THR R 119 -25.62 -52.82 1.71
CA THR R 119 -26.49 -53.97 2.01
C THR R 119 -26.08 -55.23 1.22
N LYS R 120 -26.03 -55.13 -0.10
CA LYS R 120 -25.70 -56.28 -0.94
C LYS R 120 -24.26 -56.76 -0.67
N TYR R 121 -23.37 -55.81 -0.43
CA TYR R 121 -21.98 -56.06 -0.07
C TYR R 121 -21.87 -56.70 1.31
N THR R 122 -22.91 -56.55 2.12
CA THR R 122 -22.97 -57.13 3.46
C THR R 122 -23.53 -58.56 3.47
N SER R 123 -24.72 -58.73 2.88
CA SER R 123 -25.42 -60.02 2.87
C SER R 123 -24.57 -61.13 2.31
N ALA R 124 -24.00 -60.92 1.11
CA ALA R 124 -23.26 -61.94 0.39
C ALA R 124 -21.78 -62.07 0.82
N LYS R 125 -21.39 -63.31 1.19
CA LYS R 125 -20.00 -63.72 1.50
C LYS R 125 -19.31 -62.94 2.64
MN MN U . 2.66 3.18 12.12
MN MN V . -1.52 15.04 -30.13
MN MN W . 4.04 17.12 43.32
MN MN X . 34.15 -8.02 25.70
MN MN Y . 8.40 57.52 4.93
MN MN Z . 6.75 11.99 52.87
MN MN AA . -11.85 42.85 21.53
MN MN BA . 21.46 56.48 26.24
MN MN CA . 43.23 6.32 -22.93
MN MN DA . 26.39 38.49 -30.19
MN MN EA . 47.99 -4.69 -24.41
MN MN FA . 37.53 -11.77 16.90
MN MN GA . 56.83 0.99 -22.94
MN MN HA . 41.75 -2.49 30.47
MN MN IA . 31.18 -17.69 12.50
MN MN JA . 4.70 -2.25 -6.58
MN MN KA . -45.00 -25.75 10.90
MN MN LA . -41.47 -30.56 -46.99
MN MN MA . -33.06 -27.30 -54.22
MN MN NA . -38.68 5.15 -25.74
MN MN OA . -27.09 -33.53 -42.86
MN MN PA . -8.59 -57.65 -19.58
MN MN QA . -30.12 -34.96 31.66
MN MN RA . 11.99 -43.57 -3.21
MN MN SA . -20.15 19.15 30.84
MN MN TA . -21.10 8.47 21.93
MN MN UA . -28.81 18.06 24.22
MN MN VA . 16.81 -32.35 -25.79
MN MN WA . -23.88 28.28 11.06
MN MN XA . -40.63 9.10 -16.32
MN MN YA . -9.56 -43.37 -39.97
MN MN ZA . -8.63 -44.92 21.54
MN MN AB . 2.44 -19.46 29.86
MN MN BB . -29.76 9.61 -30.66
#